data_4MGH
#
_entry.id   4MGH
#
_cell.length_a   146.448
_cell.length_b   146.448
_cell.length_c   141.687
_cell.angle_alpha   90.000
_cell.angle_beta   90.000
_cell.angle_gamma   120.000
#
_symmetry.space_group_name_H-M   'P 65'
#
loop_
_entity.id
_entity.type
_entity.pdbx_description
1 polymer 'Phosphoribosylformylglycinamidine synthase'
2 non-polymer "ADENOSINE-5'-DIPHOSPHATE"
3 non-polymer 'MAGNESIUM ION'
4 non-polymer 'MANGANESE (II) ION'
5 non-polymer 'SULFATE ION'
6 non-polymer 'ACETATE ION'
7 non-polymer XENON
8 water water
#
_entity_poly.entity_id   1
_entity_poly.type   'polypeptide(L)'
_entity_poly.pdbx_seq_one_letter_code
;GLVPRGSHMMEILRGSPALSAFRINKLLARFQAANLQVHNIYAEYVHFADLNAPLNDSEQAQLTRLLQYGPALSSHTPAG
KLLLVTPRPGTISPWSSKATDIAHNCGLQQVDRLERGVAYYIEASTLTAEQWRQVAAELHDRMMETVFSSLTDAEKLFIH
HQPAPVSSVDLLGEGRQALIDANLRLGLALAEDEIDYLQEAFTKLGRNPNDIELYMFAQANSEHCRHKIFNADWIIDGKP
QPKSLFKMIKNTFETTPDYVLSAYKDNAAVMEGSAVGRYFADHNTGRYDFHQEPAHILMKVETHNHPTAISPWPGAATGS
GGEIRDEGATGRGAKPKAGLVGFSVSNLRIPGFEQPWEEDFGKPERIVTALDIMTEGPLGGAAFNNEFGRPALTGYFRTY
EEKVNSHNGEELRGYHKPIMLAGGIGNIRADHVQKGEIVVGAKLIVLGGPAMNIGLGGGAASSMASGQSDADLDFASVQR
DNPEMERRCQEVIDRCWQLGDANPILFIHDVGAGGLSNAMPELVSDGGRGGKFELRDILSDEPGMSPLEIWCNESQERYV
LAVAADQLPLFDELCKRERAPYAVIGDATEEQHLSLHDNHFDNQPIDLPLDVLLGKTPKMTRDVQTLKAKGDALNRADIT
IADAVKRVLHLPTVAEKTFLVTIGDRTVTGMVARDQMVGPWQVPVADCAVTTASLDSYYGEAMSIGERAPVALLDFAASA
RLAVGEALTNIAATQIGDIKRIKLSANWMAAAGHPGEDAGLYDAVKAVGEELCPQLGLTIPVGKDSMSMKTRWQEGNEQR
EMTSPLSLVISAFARVEDVRHTLTPQLSTEDNALLLIDLGKGHNALGATALAQVYRQLGDKPADVRDVAQLKGFYDAMQA
LVAARKLLAWHDRSDGGLLVTLAEMAFAGHCGVQVDIAALGDDHLAALFNEELGGVIQVRAEDRDAVEALLAQYGLADCV
HYLGQALAGDRFVITANDQTVFSESRTTLRVWWAETTWQMQRLRDNPQCADQEHEAKANDTDPGLNVKLSFDINEDIAAP
YIATGARPKVAVLREQGVNSHVEMAAAFHRAGFDAIDVHMSDLLGGRIGLGNFHALVACGGFSYGDVLGAGEGWAKSILF
NHRVRDEFETFFHRPQTLALGV(CYG)NGCQMMSNLRELIPGSELWPRFVRNHSDRFEARFSLVEVTQSPSLLLQGMVGS
QMPIAVSHGEGRVEVRDDAHLAALESKGLVALRYVDNFGKVTETYPANPNGSPNGITAVTTENGRVTIMMPHPERVFRTV
ANSWHPENWGEDSPWMRIFRNARKQLG
;
_entity_poly.pdbx_strand_id   A
#
loop_
_chem_comp.id
_chem_comp.type
_chem_comp.name
_chem_comp.formula
ACT non-polymer 'ACETATE ION' 'C2 H3 O2 -1'
ADP non-polymer ADENOSINE-5'-DIPHOSPHATE 'C10 H15 N5 O10 P2'
MG non-polymer 'MAGNESIUM ION' 'Mg 2'
MN non-polymer 'MANGANESE (II) ION' 'Mn 2'
SO4 non-polymer 'SULFATE ION' 'O4 S -2'
XE non-polymer XENON Xe
#
# COMPACT_ATOMS: atom_id res chain seq x y z
N GLY A 1 28.40 27.54 -7.76
CA GLY A 1 27.44 28.42 -7.05
C GLY A 1 27.54 28.23 -5.54
N LEU A 2 28.26 29.11 -4.84
CA LEU A 2 28.67 28.87 -3.42
C LEU A 2 28.65 30.16 -2.57
N VAL A 3 27.90 30.16 -1.48
CA VAL A 3 27.47 31.38 -0.74
C VAL A 3 27.52 31.15 0.82
N PRO A 4 27.73 32.21 1.66
CA PRO A 4 27.64 31.96 3.14
C PRO A 4 26.19 31.75 3.66
N ARG A 5 26.09 30.93 4.72
CA ARG A 5 24.80 30.55 5.34
C ARG A 5 25.02 30.32 6.87
N GLY A 6 24.92 31.39 7.68
CA GLY A 6 25.40 31.34 9.07
C GLY A 6 26.87 30.91 9.16
N SER A 7 27.12 29.84 9.91
CA SER A 7 28.48 29.26 10.07
C SER A 7 28.76 28.12 9.03
N HIS A 8 27.91 28.04 8.00
CA HIS A 8 27.98 27.05 6.94
C HIS A 8 28.05 27.77 5.58
N MET A 9 28.32 27.00 4.53
CA MET A 9 28.32 27.52 3.17
C MET A 9 27.15 26.81 2.52
N MET A 10 26.51 27.46 1.55
CA MET A 10 25.48 26.83 0.77
C MET A 10 25.87 26.81 -0.69
N GLU A 11 25.90 25.62 -1.26
CA GLU A 11 26.16 25.49 -2.64
C GLU A 11 24.84 25.31 -3.41
N ILE A 12 24.79 25.94 -4.58
CA ILE A 12 23.67 25.83 -5.50
C ILE A 12 24.16 25.12 -6.77
N LEU A 13 23.61 23.95 -7.10
CA LEU A 13 23.98 23.20 -8.29
C LEU A 13 22.79 23.01 -9.26
N ARG A 14 23.03 23.34 -10.54
CA ARG A 14 22.16 22.94 -11.65
C ARG A 14 21.79 21.49 -11.60
N GLY A 15 20.58 21.22 -12.03
CA GLY A 15 20.10 19.89 -12.25
C GLY A 15 19.51 19.81 -13.64
N SER A 16 18.77 18.75 -13.90
CA SER A 16 18.27 18.45 -15.22
C SER A 16 16.88 19.03 -15.38
N PRO A 17 16.45 19.19 -16.64
CA PRO A 17 15.14 19.72 -16.92
C PRO A 17 14.14 18.82 -16.28
N ALA A 18 13.05 19.38 -15.75
CA ALA A 18 12.22 18.63 -14.81
C ALA A 18 10.86 18.18 -15.35
N LEU A 19 10.53 18.60 -16.58
CA LEU A 19 9.20 18.41 -17.14
C LEU A 19 9.21 17.88 -18.56
N SER A 20 8.43 16.82 -18.78
CA SER A 20 8.27 16.27 -20.13
C SER A 20 7.30 17.17 -20.90
N ALA A 21 7.45 17.23 -22.21
CA ALA A 21 6.53 17.97 -23.08
C ALA A 21 5.03 17.89 -22.67
N PHE A 22 4.50 16.69 -22.40
CA PHE A 22 3.07 16.54 -22.06
C PHE A 22 2.77 17.20 -20.72
N ARG A 23 3.73 17.21 -19.81
CA ARG A 23 3.49 17.86 -18.55
C ARG A 23 3.46 19.36 -18.76
N ILE A 24 4.33 19.83 -19.63
CA ILE A 24 4.30 21.24 -20.01
C ILE A 24 2.97 21.66 -20.64
N ASN A 25 2.48 20.89 -21.60
CA ASN A 25 1.19 21.17 -22.27
C ASN A 25 -0.02 21.23 -21.32
N LYS A 26 -0.05 20.32 -20.36
CA LYS A 26 -1.00 20.36 -19.26
C LYS A 26 -0.91 21.71 -18.51
N LEU A 27 0.29 22.20 -18.21
CA LEU A 27 0.43 23.50 -17.53
C LEU A 27 -0.05 24.64 -18.41
N LEU A 28 0.46 24.73 -19.63
CA LEU A 28 -0.01 25.75 -20.57
C LEU A 28 -1.56 25.77 -20.73
N ALA A 29 -2.16 24.59 -20.84
CA ALA A 29 -3.62 24.40 -20.87
C ALA A 29 -4.30 24.92 -19.63
N ARG A 30 -3.83 24.52 -18.44
CA ARG A 30 -4.47 25.00 -17.20
C ARG A 30 -4.38 26.54 -17.22
N PHE A 31 -3.24 27.06 -17.63
CA PHE A 31 -3.03 28.50 -17.63
C PHE A 31 -4.02 29.18 -18.59
N GLN A 32 -4.20 28.65 -19.80
CA GLN A 32 -5.17 29.23 -20.73
C GLN A 32 -6.60 29.24 -20.09
N ALA A 33 -7.06 28.10 -19.58
CA ALA A 33 -8.32 28.00 -18.79
C ALA A 33 -8.54 29.03 -17.65
N ALA A 34 -7.55 29.27 -16.79
CA ALA A 34 -7.70 30.30 -15.74
C ALA A 34 -7.47 31.70 -16.35
N ASN A 35 -7.48 31.78 -17.68
CA ASN A 35 -7.27 33.00 -18.47
C ASN A 35 -5.99 33.76 -18.18
N LEU A 36 -4.92 33.01 -17.91
CA LEU A 36 -3.55 33.55 -17.76
C LEU A 36 -2.79 33.40 -19.08
N GLN A 37 -2.29 34.48 -19.64
CA GLN A 37 -1.77 34.42 -20.99
C GLN A 37 -0.25 34.19 -20.93
N VAL A 38 0.08 32.92 -20.69
CA VAL A 38 1.46 32.42 -20.61
C VAL A 38 1.90 31.92 -21.99
N HIS A 39 2.97 32.46 -22.53
CA HIS A 39 3.42 32.01 -23.86
C HIS A 39 4.25 30.72 -23.75
N ASN A 40 5.04 30.57 -22.68
CA ASN A 40 5.92 29.41 -22.60
C ASN A 40 6.38 29.13 -21.16
N ILE A 41 6.68 27.86 -20.87
CA ILE A 41 6.98 27.45 -19.49
C ILE A 41 8.12 26.41 -19.47
N TYR A 42 9.16 26.63 -18.65
CA TYR A 42 10.30 25.71 -18.61
C TYR A 42 10.80 25.51 -17.18
N ALA A 43 11.21 24.30 -16.83
CA ALA A 43 11.60 23.97 -15.47
C ALA A 43 12.81 23.10 -15.44
N GLU A 44 13.51 23.20 -14.31
CA GLU A 44 14.84 22.67 -14.17
C GLU A 44 15.00 22.41 -12.67
N TYR A 45 15.46 21.20 -12.32
CA TYR A 45 15.72 20.93 -10.93
C TYR A 45 16.88 21.75 -10.48
N VAL A 46 16.84 22.25 -9.26
CA VAL A 46 18.01 22.88 -8.70
C VAL A 46 18.22 22.37 -7.28
N HIS A 47 19.48 22.20 -6.88
CA HIS A 47 19.92 21.47 -5.70
C HIS A 47 20.73 22.40 -4.81
N PHE A 48 20.52 22.25 -3.50
CA PHE A 48 21.07 23.14 -2.50
C PHE A 48 21.79 22.28 -1.46
N ALA A 49 23.10 22.47 -1.35
CA ALA A 49 23.93 21.71 -0.41
C ALA A 49 24.46 22.63 0.69
N ASP A 50 24.10 22.33 1.92
CA ASP A 50 24.51 23.13 3.05
C ASP A 50 25.75 22.44 3.59
N LEU A 51 26.91 23.08 3.46
CA LEU A 51 28.20 22.46 3.81
C LEU A 51 28.72 22.92 5.15
N ASN A 52 29.18 21.98 5.99
CA ASN A 52 29.79 22.29 7.27
C ASN A 52 31.29 22.44 7.14
N ALA A 53 31.81 22.21 5.95
CA ALA A 53 33.24 22.30 5.72
C ALA A 53 33.44 22.25 4.22
N PRO A 54 34.60 22.74 3.75
CA PRO A 54 34.77 22.83 2.29
C PRO A 54 35.02 21.49 1.56
N LEU A 55 34.84 21.55 0.25
CA LEU A 55 34.97 20.42 -0.65
C LEU A 55 36.18 20.67 -1.55
N ASN A 56 37.03 19.67 -1.75
CA ASN A 56 38.13 19.83 -2.72
C ASN A 56 37.68 19.57 -4.18
N ASP A 57 38.55 19.78 -5.15
CA ASP A 57 38.14 19.56 -6.55
C ASP A 57 37.56 18.16 -6.74
N SER A 58 38.22 17.15 -6.22
CA SER A 58 37.75 15.81 -6.42
C SER A 58 36.31 15.59 -5.88
N GLU A 59 36.07 16.04 -4.63
CA GLU A 59 34.76 15.94 -3.96
C GLU A 59 33.70 16.82 -4.61
N GLN A 60 34.14 17.96 -5.09
CA GLN A 60 33.24 18.85 -5.79
C GLN A 60 32.69 18.17 -7.08
N ALA A 61 33.56 17.41 -7.76
CA ALA A 61 33.19 16.73 -9.00
C ALA A 61 32.22 15.60 -8.65
N GLN A 62 32.52 14.92 -7.54
CA GLN A 62 31.69 13.80 -7.07
C GLN A 62 30.25 14.26 -6.76
N LEU A 63 30.12 15.37 -6.02
CA LEU A 63 28.81 15.91 -5.72
C LEU A 63 28.09 16.33 -6.97
N THR A 64 28.79 17.03 -7.85
CA THR A 64 28.19 17.50 -9.09
C THR A 64 27.66 16.30 -9.82
N ARG A 65 28.43 15.23 -9.80
CA ARG A 65 28.07 14.05 -10.57
C ARG A 65 26.85 13.36 -9.95
N LEU A 66 26.81 13.31 -8.63
CA LEU A 66 25.73 12.72 -7.96
C LEU A 66 24.43 13.37 -8.35
N LEU A 67 24.45 14.68 -8.58
CA LEU A 67 23.24 15.43 -8.87
C LEU A 67 22.93 15.61 -10.33
N GLN A 68 23.69 14.93 -11.19
CA GLN A 68 23.27 14.75 -12.61
C GLN A 68 22.51 13.40 -12.77
N TYR A 69 21.17 13.46 -12.87
CA TYR A 69 20.33 12.24 -12.98
C TYR A 69 19.00 12.51 -13.73
N GLY A 70 18.25 11.43 -13.97
CA GLY A 70 16.91 11.56 -14.54
C GLY A 70 16.87 11.43 -16.05
N PRO A 71 15.66 11.42 -16.60
CA PRO A 71 15.51 11.44 -18.06
C PRO A 71 16.36 12.55 -18.69
N ALA A 72 17.07 12.24 -19.77
CA ALA A 72 17.81 13.28 -20.55
C ALA A 72 16.84 14.16 -21.39
N LEU A 73 15.96 14.87 -20.72
CA LEU A 73 15.04 15.77 -21.37
C LEU A 73 15.81 16.90 -22.02
N SER A 74 15.19 17.47 -23.06
CA SER A 74 15.77 18.61 -23.82
C SER A 74 15.92 19.84 -22.88
N SER A 75 17.18 20.27 -22.79
CA SER A 75 17.62 21.40 -21.98
C SER A 75 17.42 22.80 -22.67
N HIS A 76 17.39 23.86 -21.89
CA HIS A 76 17.11 25.20 -22.47
C HIS A 76 17.77 26.28 -21.68
N THR A 77 18.02 27.39 -22.35
CA THR A 77 18.61 28.53 -21.69
C THR A 77 17.45 29.33 -21.04
N PRO A 78 17.52 29.56 -19.71
CA PRO A 78 16.44 30.20 -18.98
C PRO A 78 16.01 31.54 -19.55
N ALA A 79 14.69 31.77 -19.52
CA ALA A 79 14.15 32.97 -20.09
C ALA A 79 12.86 33.26 -19.42
N GLY A 80 12.66 34.50 -19.02
CA GLY A 80 11.38 34.92 -18.43
C GLY A 80 11.50 35.07 -16.94
N LYS A 81 10.38 35.09 -16.24
CA LYS A 81 10.37 35.18 -14.78
C LYS A 81 10.67 33.85 -14.08
N LEU A 82 11.64 33.86 -13.18
CA LEU A 82 11.93 32.70 -12.32
C LEU A 82 10.94 32.61 -11.16
N LEU A 83 10.39 31.41 -10.95
CA LEU A 83 9.66 31.08 -9.73
C LEU A 83 10.23 29.76 -9.18
N LEU A 84 10.74 29.82 -7.97
CA LEU A 84 11.43 28.68 -7.41
C LEU A 84 10.49 28.02 -6.44
N VAL A 85 10.18 26.74 -6.66
CA VAL A 85 9.34 26.00 -5.74
C VAL A 85 10.21 25.10 -4.90
N THR A 86 10.06 25.23 -3.58
CA THR A 86 10.82 24.43 -2.64
C THR A 86 9.89 23.96 -1.54
N PRO A 87 10.38 23.06 -0.69
CA PRO A 87 9.59 22.76 0.49
C PRO A 87 9.44 24.01 1.38
N ARG A 88 8.40 24.01 2.22
CA ARG A 88 8.21 25.04 3.24
C ARG A 88 9.43 25.13 4.14
N PRO A 89 9.93 26.35 4.35
CA PRO A 89 10.90 26.58 5.43
C PRO A 89 10.49 26.00 6.81
N GLY A 90 11.44 25.37 7.50
CA GLY A 90 11.19 24.69 8.76
C GLY A 90 10.65 23.27 8.53
N THR A 91 10.88 22.74 7.34
CA THR A 91 10.42 21.45 6.87
C THR A 91 11.60 20.82 6.13
N ILE A 92 11.73 19.49 6.23
CA ILE A 92 12.79 18.74 5.52
C ILE A 92 12.11 17.70 4.67
N SER A 93 12.34 17.73 3.37
CA SER A 93 11.68 16.76 2.49
C SER A 93 12.33 15.40 2.63
N PRO A 94 11.54 14.35 2.41
CA PRO A 94 12.07 12.98 2.25
C PRO A 94 13.16 12.87 1.20
N TRP A 95 12.99 13.56 0.05
CA TRP A 95 14.06 13.59 -0.94
C TRP A 95 15.37 13.97 -0.24
N SER A 96 15.30 15.03 0.55
CA SER A 96 16.48 15.55 1.25
C SER A 96 17.11 14.53 2.22
N SER A 97 16.27 13.86 3.02
CA SER A 97 16.77 12.79 3.89
C SER A 97 17.57 11.74 3.12
N LYS A 98 17.03 11.24 2.01
CA LYS A 98 17.65 10.18 1.27
C LYS A 98 18.89 10.66 0.47
N ALA A 99 18.80 11.84 -0.12
CA ALA A 99 19.93 12.34 -0.90
C ALA A 99 21.09 12.63 0.00
N THR A 100 20.80 13.05 1.23
CA THR A 100 21.86 13.39 2.21
C THR A 100 22.51 12.10 2.69
N ASP A 101 21.72 11.04 2.81
CA ASP A 101 22.28 9.72 3.09
C ASP A 101 23.34 9.35 2.10
N ILE A 102 22.99 9.45 0.83
CA ILE A 102 23.88 9.10 -0.27
C ILE A 102 25.16 9.91 -0.24
N ALA A 103 25.07 11.20 0.04
CA ALA A 103 26.30 11.99 0.10
C ALA A 103 27.21 11.42 1.19
N HIS A 104 26.61 11.15 2.35
CA HIS A 104 27.35 10.58 3.46
C HIS A 104 27.98 9.25 3.11
N ASN A 105 27.21 8.36 2.47
CA ASN A 105 27.72 7.04 2.11
C ASN A 105 28.68 7.08 0.92
N CYS A 106 28.82 8.24 0.29
CA CYS A 106 29.87 8.45 -0.69
C CYS A 106 31.00 9.22 -0.04
N GLY A 107 31.07 9.21 1.28
CA GLY A 107 32.18 9.86 1.99
C GLY A 107 32.18 11.37 1.96
N LEU A 108 31.07 12.02 1.62
CA LEU A 108 30.95 13.48 1.70
C LEU A 108 30.32 13.92 3.02
N GLN A 109 31.02 13.67 4.12
CA GLN A 109 30.63 14.20 5.43
C GLN A 109 30.46 15.75 5.49
N GLN A 110 31.16 16.52 4.68
CA GLN A 110 30.95 17.98 4.64
C GLN A 110 29.52 18.42 4.31
N VAL A 111 28.74 17.54 3.71
CA VAL A 111 27.39 17.91 3.36
C VAL A 111 26.53 17.68 4.55
N ASP A 112 26.11 18.77 5.17
CA ASP A 112 25.18 18.71 6.27
C ASP A 112 23.77 18.33 5.84
N ARG A 113 23.32 18.87 4.71
CA ARG A 113 22.00 18.59 4.18
C ARG A 113 21.86 19.02 2.71
N LEU A 114 21.24 18.14 1.92
CA LEU A 114 20.92 18.43 0.56
C LEU A 114 19.42 18.63 0.43
N GLU A 115 19.00 19.57 -0.38
CA GLU A 115 17.58 19.76 -0.61
C GLU A 115 17.42 20.11 -2.08
N ARG A 116 16.23 19.85 -2.64
CA ARG A 116 15.93 20.16 -4.03
C ARG A 116 14.74 21.13 -4.17
N GLY A 117 14.73 21.87 -5.27
CA GLY A 117 13.62 22.73 -5.61
C GLY A 117 13.45 22.57 -7.09
N VAL A 118 12.39 23.15 -7.61
CA VAL A 118 12.21 23.24 -9.05
C VAL A 118 12.15 24.70 -9.48
N ALA A 119 13.07 25.11 -10.35
CA ALA A 119 13.05 26.46 -10.86
C ALA A 119 12.18 26.53 -12.13
N TYR A 120 11.08 27.25 -12.07
CA TYR A 120 10.26 27.45 -13.23
C TYR A 120 10.61 28.77 -13.85
N TYR A 121 10.69 28.79 -15.16
CA TYR A 121 10.92 29.97 -15.98
C TYR A 121 9.69 30.25 -16.86
N ILE A 122 8.96 31.30 -16.48
CA ILE A 122 7.71 31.62 -17.12
C ILE A 122 7.81 32.83 -18.03
N GLU A 123 7.52 32.64 -19.31
CA GLU A 123 7.39 33.74 -20.27
C GLU A 123 5.94 34.06 -20.51
N ALA A 124 5.47 35.12 -19.88
CA ALA A 124 4.13 35.62 -20.13
C ALA A 124 4.18 37.08 -20.53
N SER A 125 4.87 37.87 -19.69
CA SER A 125 5.21 39.29 -19.96
C SER A 125 3.97 40.21 -19.92
N THR A 126 2.81 39.62 -19.74
CA THR A 126 1.57 40.33 -19.87
C THR A 126 0.96 40.61 -18.49
N LEU A 127 1.44 39.98 -17.42
CA LEU A 127 0.61 39.71 -16.21
C LEU A 127 0.71 40.70 -15.06
N THR A 128 -0.42 40.86 -14.37
CA THR A 128 -0.52 41.72 -13.20
C THR A 128 0.06 40.98 -12.00
N ALA A 129 0.32 41.73 -10.94
CA ALA A 129 0.90 41.13 -9.76
C ALA A 129 -0.08 40.12 -9.15
N GLU A 130 -1.40 40.32 -9.31
CA GLU A 130 -2.39 39.37 -8.79
C GLU A 130 -2.32 38.08 -9.61
N GLN A 131 -2.27 38.21 -10.95
CA GLN A 131 -2.22 37.04 -11.84
C GLN A 131 -0.94 36.17 -11.65
N TRP A 132 0.17 36.81 -11.31
CA TRP A 132 1.40 36.08 -11.01
C TRP A 132 1.25 35.22 -9.76
N ARG A 133 0.52 35.72 -8.79
CA ARG A 133 0.15 34.94 -7.63
C ARG A 133 -0.70 33.75 -8.08
N GLN A 134 -1.65 33.94 -9.01
CA GLN A 134 -2.39 32.81 -9.60
C GLN A 134 -1.45 31.85 -10.37
N VAL A 135 -0.52 32.39 -11.16
CA VAL A 135 0.50 31.49 -11.74
C VAL A 135 1.21 30.77 -10.60
N ALA A 136 1.80 31.52 -9.67
CA ALA A 136 2.59 30.93 -8.59
C ALA A 136 1.81 29.78 -7.93
N ALA A 137 0.53 30.02 -7.68
CA ALA A 137 -0.36 29.02 -7.09
C ALA A 137 -0.50 27.74 -7.90
N GLU A 138 -0.52 27.77 -9.23
CA GLU A 138 -0.60 26.52 -10.02
C GLU A 138 0.64 25.67 -9.91
N LEU A 139 1.74 26.26 -9.45
CA LEU A 139 3.04 25.64 -9.62
C LEU A 139 3.51 24.88 -8.41
N HIS A 140 2.74 24.96 -7.33
CA HIS A 140 3.10 24.36 -6.02
C HIS A 140 1.89 23.95 -5.16
N ASP A 141 2.17 23.14 -4.14
CA ASP A 141 1.17 22.67 -3.20
C ASP A 141 1.24 23.58 -1.94
N ARG A 142 0.16 24.31 -1.66
CA ARG A 142 0.09 25.24 -0.49
C ARG A 142 0.58 24.57 0.84
N MET A 143 0.28 23.29 0.99
CA MET A 143 0.50 22.59 2.25
C MET A 143 1.95 22.11 2.54
N MET A 144 2.75 21.88 1.49
CA MET A 144 4.12 21.36 1.70
C MET A 144 5.21 22.31 1.19
N GLU A 145 4.87 23.25 0.30
CA GLU A 145 5.84 24.03 -0.43
C GLU A 145 5.60 25.54 -0.44
N THR A 146 6.64 26.29 -0.79
CA THR A 146 6.46 27.71 -1.03
C THR A 146 7.24 28.18 -2.27
N VAL A 147 7.06 29.45 -2.64
CA VAL A 147 7.56 29.97 -3.90
C VAL A 147 8.42 31.17 -3.69
N PHE A 148 9.60 31.15 -4.25
CA PHE A 148 10.58 32.15 -3.97
C PHE A 148 10.98 32.79 -5.28
N SER A 149 11.53 34.00 -5.21
CA SER A 149 11.92 34.77 -6.39
C SER A 149 13.38 34.67 -6.82
N SER A 150 14.16 33.99 -5.99
CA SER A 150 15.59 34.03 -6.09
C SER A 150 16.20 32.69 -5.62
N LEU A 151 17.16 32.18 -6.36
CA LEU A 151 17.87 30.98 -5.96
C LEU A 151 18.50 31.10 -4.55
N THR A 152 18.90 32.31 -4.15
CA THR A 152 19.57 32.50 -2.85
C THR A 152 18.53 32.54 -1.68
N ASP A 153 17.25 32.73 -2.02
CA ASP A 153 16.19 32.61 -1.02
C ASP A 153 16.10 31.22 -0.38
N ALA A 154 16.65 30.20 -1.05
CA ALA A 154 16.74 28.87 -0.46
C ALA A 154 17.51 28.82 0.85
N GLU A 155 18.22 29.89 1.23
CA GLU A 155 19.01 29.86 2.45
C GLU A 155 18.11 29.81 3.65
N LYS A 156 16.84 30.17 3.49
CA LYS A 156 15.87 30.05 4.60
C LYS A 156 15.61 28.58 5.00
N LEU A 157 15.80 27.68 4.05
CA LEU A 157 15.55 26.27 4.29
C LEU A 157 16.53 25.71 5.31
N PHE A 158 17.69 26.33 5.48
CA PHE A 158 18.70 25.74 6.36
C PHE A 158 19.02 26.54 7.60
N ILE A 159 18.24 27.55 7.94
CA ILE A 159 18.40 28.28 9.21
C ILE A 159 18.31 27.33 10.44
N HIS A 160 19.23 27.45 11.39
CA HIS A 160 19.15 26.72 12.66
C HIS A 160 18.70 27.65 13.77
N HIS A 161 17.56 27.36 14.38
CA HIS A 161 17.04 28.18 15.48
C HIS A 161 17.55 27.59 16.76
N GLN A 162 17.63 28.45 17.80
CA GLN A 162 18.10 28.05 19.15
C GLN A 162 16.95 27.19 19.73
N PRO A 163 17.29 26.11 20.42
CA PRO A 163 16.21 25.28 21.00
C PRO A 163 15.29 26.05 21.93
N ALA A 164 14.00 26.06 21.62
CA ALA A 164 13.01 26.75 22.48
C ALA A 164 12.92 26.11 23.88
N PRO A 165 12.66 26.91 24.92
CA PRO A 165 12.56 26.26 26.24
C PRO A 165 11.17 25.66 26.53
N VAL A 166 11.08 24.90 27.61
CA VAL A 166 9.80 24.45 28.09
C VAL A 166 9.02 25.65 28.65
N SER A 167 7.71 25.54 28.63
CA SER A 167 6.87 26.63 29.06
C SER A 167 5.86 26.07 30.07
N SER A 168 5.79 26.71 31.24
CA SER A 168 4.84 26.25 32.26
C SER A 168 3.53 27.03 32.15
N VAL A 169 2.43 26.39 32.53
CA VAL A 169 1.08 26.95 32.47
C VAL A 169 0.72 27.29 33.94
N ASP A 170 0.34 28.54 34.20
CA ASP A 170 0.39 29.08 35.60
C ASP A 170 -0.93 28.79 36.37
N LEU A 171 -1.15 27.51 36.66
CA LEU A 171 -2.25 27.13 37.46
C LEU A 171 -2.15 27.76 38.86
N LEU A 172 -1.00 27.71 39.50
CA LEU A 172 -1.00 28.16 40.88
C LEU A 172 -1.20 29.68 40.98
N GLY A 173 -0.89 30.38 39.88
CA GLY A 173 -0.91 31.82 39.86
C GLY A 173 -2.17 32.40 39.29
N GLU A 174 -2.93 31.65 38.52
CA GLU A 174 -4.15 32.20 37.87
C GLU A 174 -5.39 31.40 38.16
N GLY A 175 -5.26 30.19 38.73
CA GLY A 175 -6.39 29.31 38.92
C GLY A 175 -6.76 28.62 37.62
N ARG A 176 -8.05 28.30 37.46
CA ARG A 176 -8.56 27.37 36.44
C ARG A 176 -8.37 27.98 35.10
N GLN A 177 -8.44 29.31 35.07
CA GLN A 177 -8.44 30.07 33.84
C GLN A 177 -7.18 29.80 33.00
N ALA A 178 -6.10 29.41 33.65
CA ALA A 178 -4.85 29.14 32.99
C ALA A 178 -4.89 27.85 32.14
N LEU A 179 -5.56 26.83 32.71
CA LEU A 179 -5.83 25.60 32.01
C LEU A 179 -6.79 25.85 30.85
N ILE A 180 -7.83 26.66 31.06
CA ILE A 180 -8.71 27.09 29.98
C ILE A 180 -7.88 27.83 28.91
N ASP A 181 -7.05 28.78 29.32
CA ASP A 181 -6.25 29.49 28.34
C ASP A 181 -5.38 28.54 27.54
N ALA A 182 -4.71 27.59 28.21
CA ALA A 182 -3.79 26.65 27.52
C ALA A 182 -4.57 25.70 26.65
N ASN A 183 -5.77 25.33 27.07
CA ASN A 183 -6.59 24.46 26.25
C ASN A 183 -6.93 25.07 24.89
N LEU A 184 -7.21 26.36 24.85
CA LEU A 184 -7.38 27.05 23.59
C LEU A 184 -6.06 27.39 22.89
N ARG A 185 -5.09 27.98 23.60
CA ARG A 185 -3.79 28.39 23.00
C ARG A 185 -3.08 27.21 22.29
N LEU A 186 -2.94 26.07 22.97
CA LEU A 186 -2.32 24.83 22.48
C LEU A 186 -3.27 23.89 21.71
N GLY A 187 -4.52 24.28 21.53
CA GLY A 187 -5.55 23.42 20.92
C GLY A 187 -5.70 22.03 21.54
N LEU A 188 -5.77 21.89 22.87
CA LEU A 188 -5.77 20.53 23.47
C LEU A 188 -7.13 19.74 23.39
N ALA A 189 -8.22 20.40 23.00
CA ALA A 189 -9.51 19.75 22.82
C ALA A 189 -10.11 19.02 24.04
N LEU A 190 -9.81 19.52 25.24
CA LEU A 190 -10.21 18.82 26.49
C LEU A 190 -11.66 19.07 26.88
N ALA A 191 -12.26 18.06 27.49
CA ALA A 191 -13.60 18.16 28.10
C ALA A 191 -13.50 18.91 29.40
N GLU A 192 -14.64 19.37 29.95
CA GLU A 192 -14.62 20.03 31.28
C GLU A 192 -14.15 19.07 32.39
N ASP A 193 -14.51 17.78 32.30
CA ASP A 193 -14.10 16.84 33.38
C ASP A 193 -12.61 16.56 33.28
N GLU A 194 -12.08 16.64 32.07
CA GLU A 194 -10.66 16.51 31.82
C GLU A 194 -9.91 17.71 32.40
N ILE A 195 -10.42 18.90 32.16
CA ILE A 195 -9.86 20.06 32.85
C ILE A 195 -9.95 19.96 34.39
N ASP A 196 -11.03 19.39 34.93
CA ASP A 196 -11.12 19.22 36.40
C ASP A 196 -10.05 18.26 36.89
N TYR A 197 -9.87 17.17 36.16
CA TYR A 197 -8.89 16.14 36.55
C TYR A 197 -7.47 16.75 36.65
N LEU A 198 -7.09 17.50 35.63
CA LEU A 198 -5.81 18.21 35.63
C LEU A 198 -5.67 19.28 36.75
N GLN A 199 -6.67 20.13 36.93
CA GLN A 199 -6.65 21.08 38.04
C GLN A 199 -6.35 20.40 39.39
N GLU A 200 -7.07 19.33 39.66
CA GLU A 200 -6.84 18.54 40.85
C GLU A 200 -5.43 17.87 40.93
N ALA A 201 -4.97 17.26 39.85
CA ALA A 201 -3.72 16.50 39.85
C ALA A 201 -2.52 17.40 40.21
N PHE A 202 -2.46 18.52 39.48
CA PHE A 202 -1.35 19.45 39.64
C PHE A 202 -1.49 20.20 40.95
N THR A 203 -2.74 20.48 41.35
CA THR A 203 -2.95 21.09 42.65
C THR A 203 -2.42 20.17 43.76
N LYS A 204 -2.72 18.87 43.66
CA LYS A 204 -2.14 17.85 44.58
C LYS A 204 -0.64 17.85 44.53
N LEU A 205 -0.08 17.84 43.33
CA LEU A 205 1.38 17.84 43.19
C LEU A 205 2.01 19.13 43.67
N GLY A 206 1.23 20.18 43.83
CA GLY A 206 1.73 21.45 44.32
C GLY A 206 2.66 22.16 43.35
N ARG A 207 2.47 22.00 42.04
CA ARG A 207 3.26 22.80 41.14
C ARG A 207 2.64 22.86 39.79
N ASN A 208 3.10 23.83 39.00
CA ASN A 208 2.54 24.08 37.71
C ASN A 208 2.83 23.01 36.72
N PRO A 209 1.83 22.67 35.88
CA PRO A 209 2.07 21.72 34.84
C PRO A 209 2.92 22.36 33.73
N ASN A 210 3.68 21.55 33.03
CA ASN A 210 4.33 22.03 31.85
C ASN A 210 3.47 21.79 30.61
N ASP A 211 3.67 22.65 29.60
CA ASP A 211 2.90 22.53 28.37
C ASP A 211 2.96 21.07 27.81
N ILE A 212 4.14 20.50 27.87
CA ILE A 212 4.38 19.18 27.35
C ILE A 212 3.58 18.11 28.07
N GLU A 213 3.42 18.26 29.39
CA GLU A 213 2.67 17.29 30.22
C GLU A 213 1.19 17.37 29.86
N LEU A 214 0.66 18.58 29.83
CA LEU A 214 -0.71 18.78 29.31
C LEU A 214 -0.94 18.25 27.90
N TYR A 215 -0.01 18.48 26.99
CA TYR A 215 -0.19 18.04 25.60
C TYR A 215 -0.23 16.50 25.44
N MET A 216 0.71 15.85 26.12
CA MET A 216 0.78 14.43 26.21
C MET A 216 -0.57 13.86 26.69
N PHE A 217 -1.10 14.44 27.76
CA PHE A 217 -2.36 14.01 28.35
C PHE A 217 -3.52 14.19 27.34
N ALA A 218 -3.55 15.35 26.70
CA ALA A 218 -4.66 15.68 25.78
C ALA A 218 -4.74 14.73 24.60
N GLN A 219 -3.58 14.45 24.00
CA GLN A 219 -3.50 13.56 22.87
C GLN A 219 -3.77 12.08 23.34
N ALA A 220 -3.36 11.68 24.55
CA ALA A 220 -3.80 10.35 25.10
C ALA A 220 -5.27 10.29 25.48
N ASN A 221 -5.91 11.43 25.66
CA ASN A 221 -7.32 11.35 25.97
C ASN A 221 -8.22 11.78 24.81
N SER A 222 -7.67 11.90 23.61
CA SER A 222 -8.48 12.10 22.39
C SER A 222 -9.42 10.91 22.18
N GLU A 223 -10.53 11.13 21.45
CA GLU A 223 -11.38 10.01 21.05
C GLU A 223 -10.51 9.00 20.22
N HIS A 224 -9.69 9.54 19.31
CA HIS A 224 -8.78 8.78 18.49
C HIS A 224 -7.92 7.78 19.27
N CYS A 225 -7.34 8.22 20.39
CA CYS A 225 -6.47 7.34 21.22
C CYS A 225 -7.19 6.60 22.36
N ARG A 226 -8.21 7.18 22.98
CA ARG A 226 -8.89 6.53 24.16
C ARG A 226 -10.10 5.67 23.82
N HIS A 227 -10.72 5.93 22.67
CA HIS A 227 -11.86 5.14 22.23
C HIS A 227 -13.02 5.18 23.22
N LYS A 228 -13.46 6.37 23.60
CA LYS A 228 -14.47 6.48 24.62
C LYS A 228 -15.83 5.99 24.14
N ILE A 229 -16.17 6.29 22.90
CA ILE A 229 -17.42 5.83 22.35
C ILE A 229 -17.46 4.28 22.43
N PHE A 230 -16.41 3.63 21.97
CA PHE A 230 -16.40 2.17 22.00
C PHE A 230 -16.38 1.49 23.37
N ASN A 231 -16.10 2.23 24.43
CA ASN A 231 -16.20 1.68 25.80
C ASN A 231 -17.35 2.27 26.65
N ALA A 232 -18.17 3.14 26.03
CA ALA A 232 -19.21 3.83 26.71
C ALA A 232 -20.32 2.88 27.12
N ASP A 233 -21.07 3.27 28.15
CA ASP A 233 -22.34 2.66 28.53
C ASP A 233 -23.38 3.24 27.61
N TRP A 234 -24.48 2.51 27.37
CA TRP A 234 -25.53 2.96 26.48
C TRP A 234 -26.90 2.87 27.09
N ILE A 235 -27.72 3.86 26.73
CA ILE A 235 -29.15 3.82 26.93
C ILE A 235 -29.72 4.10 25.55
N ILE A 236 -30.63 3.25 25.10
CA ILE A 236 -31.12 3.33 23.73
C ILE A 236 -32.61 3.20 23.85
N ASP A 237 -33.34 4.19 23.34
CA ASP A 237 -34.81 4.25 23.50
C ASP A 237 -35.26 3.97 24.95
N GLY A 238 -34.59 4.62 25.87
CA GLY A 238 -34.92 4.54 27.26
C GLY A 238 -34.55 3.26 27.96
N LYS A 239 -33.81 2.37 27.31
CA LYS A 239 -33.40 1.12 27.94
C LYS A 239 -31.92 1.01 28.08
N PRO A 240 -31.41 0.95 29.31
CA PRO A 240 -29.96 0.71 29.46
C PRO A 240 -29.55 -0.63 28.83
N GLN A 241 -28.32 -0.72 28.32
CA GLN A 241 -27.83 -1.88 27.61
C GLN A 241 -26.69 -2.48 28.38
N PRO A 242 -26.60 -3.79 28.37
CA PRO A 242 -25.61 -4.43 29.21
C PRO A 242 -24.16 -4.36 28.72
N LYS A 243 -23.90 -4.19 27.44
CA LYS A 243 -22.51 -4.21 26.96
C LYS A 243 -22.14 -3.00 26.14
N SER A 244 -20.85 -2.63 26.20
CA SER A 244 -20.27 -1.64 25.31
C SER A 244 -20.04 -2.24 23.93
N LEU A 245 -19.76 -1.39 22.96
CA LEU A 245 -19.43 -1.87 21.63
C LEU A 245 -18.27 -2.85 21.66
N PHE A 246 -17.22 -2.50 22.40
CA PHE A 246 -16.05 -3.36 22.46
C PHE A 246 -16.44 -4.71 23.05
N LYS A 247 -17.24 -4.67 24.10
CA LYS A 247 -17.64 -5.89 24.74
C LYS A 247 -18.39 -6.78 23.74
N MET A 248 -19.25 -6.17 22.93
CA MET A 248 -19.96 -6.93 21.90
C MET A 248 -19.02 -7.51 20.81
N ILE A 249 -17.96 -6.80 20.48
CA ILE A 249 -16.98 -7.38 19.58
C ILE A 249 -16.23 -8.52 20.24
N LYS A 250 -15.84 -8.40 21.51
CA LYS A 250 -15.12 -9.49 22.15
C LYS A 250 -15.97 -10.72 22.25
N ASN A 251 -17.27 -10.52 22.19
CA ASN A 251 -18.20 -11.63 22.27
C ASN A 251 -17.81 -12.67 21.22
N THR A 252 -17.26 -12.22 20.10
CA THR A 252 -16.99 -13.11 19.00
C THR A 252 -15.81 -14.04 19.30
N PHE A 253 -14.93 -13.61 20.17
CA PHE A 253 -13.76 -14.41 20.63
C PHE A 253 -14.18 -15.31 21.78
N GLU A 254 -14.99 -14.77 22.67
CA GLU A 254 -15.54 -15.51 23.76
C GLU A 254 -16.33 -16.66 23.17
N THR A 255 -16.98 -16.47 22.02
CA THR A 255 -17.74 -17.59 21.53
C THR A 255 -16.93 -18.36 20.53
N THR A 256 -16.04 -17.75 19.77
CA THR A 256 -15.19 -18.51 18.84
C THR A 256 -13.73 -18.23 19.06
N PRO A 257 -13.09 -18.97 20.02
CA PRO A 257 -11.65 -18.70 20.22
C PRO A 257 -10.73 -19.47 19.27
N ASP A 258 -11.30 -20.39 18.51
CA ASP A 258 -10.52 -21.37 17.78
C ASP A 258 -9.46 -20.66 16.90
N TYR A 259 -8.25 -21.19 16.99
CA TYR A 259 -7.10 -20.82 16.16
C TYR A 259 -6.47 -19.49 16.49
N VAL A 260 -7.05 -18.72 17.43
CA VAL A 260 -6.57 -17.37 17.67
C VAL A 260 -5.49 -17.46 18.71
N LEU A 261 -4.34 -16.87 18.45
CA LEU A 261 -3.21 -16.88 19.34
C LEU A 261 -3.07 -15.57 20.13
N SER A 262 -3.54 -14.45 19.56
CA SER A 262 -3.51 -13.14 20.24
C SER A 262 -4.59 -12.24 19.72
N ALA A 263 -5.33 -11.61 20.64
CA ALA A 263 -6.45 -10.74 20.29
C ALA A 263 -6.66 -9.68 21.32
N TYR A 264 -6.80 -8.43 20.85
CA TYR A 264 -7.07 -7.26 21.72
C TYR A 264 -5.97 -6.97 22.76
N LYS A 265 -4.74 -7.33 22.48
CA LYS A 265 -3.69 -7.21 23.47
C LYS A 265 -2.46 -6.53 22.86
N ASP A 266 -2.58 -6.10 21.61
CA ASP A 266 -1.41 -5.83 20.82
C ASP A 266 -1.84 -5.05 19.58
N ASN A 267 -0.84 -4.80 18.78
CA ASN A 267 -0.90 -3.91 17.68
C ASN A 267 -1.58 -4.53 16.51
N ALA A 268 -1.66 -5.87 16.54
CA ALA A 268 -2.29 -6.71 15.54
C ALA A 268 -2.90 -7.92 16.26
N ALA A 269 -3.75 -8.66 15.57
CA ALA A 269 -4.18 -10.00 15.98
C ALA A 269 -3.34 -11.07 15.31
N VAL A 270 -3.24 -12.22 15.99
CA VAL A 270 -2.47 -13.36 15.47
C VAL A 270 -3.32 -14.62 15.47
N MET A 271 -3.23 -15.37 14.39
CA MET A 271 -3.90 -16.64 14.31
C MET A 271 -2.91 -17.69 13.83
N GLU A 272 -3.30 -18.96 13.99
CA GLU A 272 -2.42 -20.07 13.59
C GLU A 272 -2.25 -20.09 12.07
N GLY A 273 -1.03 -20.37 11.67
CA GLY A 273 -0.68 -20.57 10.28
C GLY A 273 -0.36 -22.03 9.97
N SER A 274 0.83 -22.27 9.42
CA SER A 274 1.23 -23.57 8.92
C SER A 274 2.69 -23.74 9.18
N ALA A 275 3.11 -24.98 9.34
CA ALA A 275 4.54 -25.28 9.49
C ALA A 275 5.17 -25.38 8.13
N VAL A 276 6.08 -24.48 7.81
CA VAL A 276 6.66 -24.39 6.49
C VAL A 276 8.13 -23.98 6.56
N GLY A 277 8.81 -23.91 5.42
CA GLY A 277 10.19 -23.43 5.32
C GLY A 277 10.31 -21.92 5.28
N ARG A 278 10.68 -21.35 6.39
CA ARG A 278 10.84 -19.92 6.54
C ARG A 278 12.29 -19.62 6.15
N TYR A 279 12.48 -18.74 5.16
CA TYR A 279 13.75 -18.54 4.46
C TYR A 279 14.44 -17.20 4.81
N PHE A 280 15.66 -17.29 5.34
CA PHE A 280 16.41 -16.13 5.76
C PHE A 280 17.87 -16.51 6.05
N ALA A 281 18.71 -15.51 6.20
CA ALA A 281 20.12 -15.72 6.44
C ALA A 281 20.38 -15.79 7.89
N ASP A 282 21.13 -16.80 8.29
CA ASP A 282 21.57 -16.95 9.68
C ASP A 282 22.53 -15.86 10.11
N HIS A 283 22.38 -15.42 11.35
CA HIS A 283 23.36 -14.54 11.98
C HIS A 283 24.77 -15.15 11.89
N ASN A 284 24.90 -16.42 12.23
CA ASN A 284 26.20 -17.11 12.15
C ASN A 284 26.92 -16.93 10.81
N THR A 285 26.33 -17.50 9.77
CA THR A 285 27.00 -17.74 8.52
C THR A 285 26.78 -16.66 7.48
N GLY A 286 25.74 -15.84 7.64
CA GLY A 286 25.15 -15.10 6.52
C GLY A 286 24.66 -15.93 5.31
N ARG A 287 24.50 -17.25 5.46
CA ARG A 287 23.96 -18.08 4.41
C ARG A 287 22.45 -18.16 4.60
N TYR A 288 21.70 -18.07 3.52
CA TYR A 288 20.23 -18.21 3.55
C TYR A 288 19.89 -19.70 3.62
N ASP A 289 18.93 -20.07 4.47
CA ASP A 289 18.40 -21.44 4.59
C ASP A 289 16.93 -21.44 4.93
N PHE A 290 16.32 -22.59 4.69
CA PHE A 290 14.96 -22.84 5.11
C PHE A 290 14.95 -23.30 6.56
N HIS A 291 14.03 -22.77 7.36
CA HIS A 291 13.84 -23.15 8.76
C HIS A 291 12.43 -23.71 8.92
N GLN A 292 12.36 -25.04 9.02
CA GLN A 292 11.09 -25.72 9.08
C GLN A 292 10.49 -25.41 10.47
N GLU A 293 9.41 -24.61 10.48
CA GLU A 293 8.79 -24.10 11.69
C GLU A 293 7.37 -23.49 11.40
N PRO A 294 6.57 -23.22 12.46
CA PRO A 294 5.29 -22.57 12.22
C PRO A 294 5.47 -21.10 11.82
N ALA A 295 4.74 -20.70 10.78
CA ALA A 295 4.67 -19.35 10.33
C ALA A 295 3.27 -18.87 10.63
N HIS A 296 3.08 -18.32 11.82
CA HIS A 296 1.77 -17.92 12.24
C HIS A 296 1.49 -16.58 11.55
N ILE A 297 0.22 -16.17 11.59
CA ILE A 297 -0.28 -15.14 10.67
C ILE A 297 -0.90 -13.98 11.47
N LEU A 298 -0.46 -12.76 11.21
CA LEU A 298 -1.00 -11.61 11.88
C LEU A 298 -1.76 -10.74 10.92
N MET A 299 -2.60 -9.88 11.48
CA MET A 299 -3.50 -9.05 10.69
C MET A 299 -3.87 -7.78 11.41
N LYS A 300 -3.99 -6.70 10.66
CA LYS A 300 -4.36 -5.42 11.19
C LYS A 300 -4.90 -4.62 10.04
N VAL A 301 -5.86 -3.73 10.34
CA VAL A 301 -6.38 -2.78 9.37
C VAL A 301 -6.64 -1.43 10.05
N GLU A 302 -6.11 -0.39 9.43
CA GLU A 302 -6.15 0.96 9.99
C GLU A 302 -6.74 1.92 9.02
N THR A 303 -7.04 3.13 9.47
CA THR A 303 -7.54 4.17 8.60
C THR A 303 -6.80 5.46 8.83
N HIS A 304 -6.86 6.40 7.89
CA HIS A 304 -6.16 7.68 7.97
C HIS A 304 -7.02 8.72 7.23
N ASN A 305 -8.25 8.86 7.73
CA ASN A 305 -9.33 9.52 7.03
C ASN A 305 -9.14 11.05 6.99
N HIS A 306 -8.93 11.65 8.16
CA HIS A 306 -8.71 13.08 8.29
C HIS A 306 -7.52 13.63 7.53
N PRO A 307 -6.32 13.04 7.73
CA PRO A 307 -5.18 13.59 7.01
C PRO A 307 -5.31 13.45 5.51
N THR A 308 -5.96 12.40 5.06
CA THR A 308 -6.13 12.23 3.62
C THR A 308 -7.00 13.35 3.02
N ALA A 309 -7.86 13.94 3.86
CA ALA A 309 -8.70 15.02 3.40
C ALA A 309 -7.87 16.31 3.14
N ILE A 310 -6.82 16.48 3.92
CA ILE A 310 -6.07 17.71 3.82
C ILE A 310 -4.90 17.56 2.85
N SER A 311 -4.19 16.45 2.91
CA SER A 311 -3.03 16.24 2.03
C SER A 311 -2.98 14.75 1.67
N PRO A 312 -3.69 14.37 0.59
CA PRO A 312 -3.98 12.98 0.28
C PRO A 312 -2.79 12.06 0.02
N TRP A 313 -1.74 12.53 -0.65
CA TRP A 313 -0.57 11.66 -0.87
C TRP A 313 0.09 11.21 0.45
N PRO A 314 0.65 12.10 1.25
CA PRO A 314 1.23 11.64 2.53
C PRO A 314 0.22 11.01 3.50
N GLY A 315 -1.00 11.52 3.49
CA GLY A 315 -2.07 10.89 4.26
C GLY A 315 -2.25 9.39 3.95
N ALA A 316 -2.28 9.05 2.66
CA ALA A 316 -2.42 7.67 2.24
C ALA A 316 -1.12 6.92 2.47
N ALA A 317 0.00 7.57 2.21
CA ALA A 317 1.28 6.90 2.38
C ALA A 317 1.49 6.51 3.84
N THR A 318 1.38 7.47 4.74
CA THR A 318 1.54 7.20 6.17
C THR A 318 0.42 6.33 6.76
N GLY A 319 -0.76 6.31 6.16
CA GLY A 319 -1.78 5.40 6.63
C GLY A 319 -1.26 3.97 6.55
N SER A 320 -0.80 3.59 5.36
CA SER A 320 -0.07 2.33 5.19
C SER A 320 1.26 2.13 6.02
N GLY A 321 2.11 3.16 6.00
CA GLY A 321 3.33 3.18 6.83
C GLY A 321 3.08 2.90 8.32
N GLY A 322 2.08 3.53 8.89
CA GLY A 322 1.74 3.28 10.28
C GLY A 322 1.29 1.85 10.53
N GLU A 323 0.51 1.34 9.60
CA GLU A 323 -0.03 -0.02 9.71
C GLU A 323 1.09 -1.06 9.55
N ILE A 324 2.10 -0.76 8.76
CA ILE A 324 3.23 -1.66 8.59
C ILE A 324 4.04 -1.74 9.87
N ARG A 325 4.12 -0.61 10.58
CA ARG A 325 4.79 -0.58 11.88
C ARG A 325 4.03 -1.44 12.89
N ASP A 326 2.71 -1.36 12.90
CA ASP A 326 1.87 -2.16 13.78
C ASP A 326 2.16 -3.63 13.63
N GLU A 327 2.27 -4.04 12.37
CA GLU A 327 2.56 -5.41 12.03
C GLU A 327 3.96 -5.83 12.50
N GLY A 328 4.97 -5.03 12.19
CA GLY A 328 6.32 -5.33 12.63
C GLY A 328 6.50 -5.35 14.14
N ALA A 329 5.66 -4.58 14.81
CA ALA A 329 5.75 -4.42 16.26
C ALA A 329 4.76 -5.32 17.01
N THR A 330 4.13 -6.27 16.32
CA THR A 330 3.36 -7.29 17.01
C THR A 330 4.33 -8.25 17.77
N GLY A 331 4.00 -8.63 19.00
CA GLY A 331 4.79 -9.59 19.73
C GLY A 331 6.15 -9.04 20.03
N ARG A 332 7.18 -9.85 19.83
CA ARG A 332 8.56 -9.42 19.99
C ARG A 332 9.28 -9.21 18.65
N GLY A 333 8.51 -8.96 17.59
CA GLY A 333 9.04 -8.84 16.25
C GLY A 333 8.35 -9.75 15.27
N ALA A 334 7.94 -9.16 14.15
CA ALA A 334 7.22 -9.88 13.10
C ALA A 334 7.47 -9.27 11.75
N LYS A 335 6.98 -9.92 10.68
CA LYS A 335 7.29 -9.56 9.32
C LYS A 335 6.07 -9.37 8.42
N PRO A 336 5.87 -8.13 7.97
CA PRO A 336 4.82 -7.83 7.03
C PRO A 336 4.96 -8.67 5.79
N LYS A 337 3.83 -9.12 5.28
CA LYS A 337 3.82 -9.93 4.11
C LYS A 337 3.05 -9.24 2.97
N ALA A 338 1.73 -9.07 3.05
CA ALA A 338 1.03 -8.45 1.93
C ALA A 338 0.15 -7.35 2.45
N GLY A 339 -0.19 -6.40 1.58
CA GLY A 339 -1.12 -5.33 1.94
C GLY A 339 -2.50 -5.26 1.27
N LEU A 340 -3.34 -4.39 1.85
CA LEU A 340 -4.65 -4.10 1.31
C LEU A 340 -4.95 -2.61 1.44
N VAL A 341 -5.87 -2.12 0.62
CA VAL A 341 -6.06 -0.69 0.42
C VAL A 341 -7.51 -0.36 0.14
N GLY A 342 -8.03 0.69 0.77
CA GLY A 342 -9.42 1.01 0.60
C GLY A 342 -9.67 2.50 0.53
N PHE A 343 -10.57 2.90 -0.36
CA PHE A 343 -10.96 4.28 -0.46
C PHE A 343 -12.46 4.46 -0.60
N SER A 344 -12.97 5.46 0.11
CA SER A 344 -14.34 5.96 -0.12
C SER A 344 -14.30 7.46 -0.32
N VAL A 345 -14.90 7.95 -1.39
CA VAL A 345 -14.93 9.37 -1.64
C VAL A 345 -16.28 9.82 -2.15
N SER A 346 -16.45 11.13 -2.19
CA SER A 346 -17.60 11.74 -2.88
C SER A 346 -17.45 11.60 -4.42
N ASN A 347 -18.39 12.12 -5.22
CA ASN A 347 -18.36 11.94 -6.69
C ASN A 347 -17.10 12.51 -7.31
N LEU A 348 -16.56 11.82 -8.33
CA LEU A 348 -15.27 12.21 -8.94
C LEU A 348 -15.39 13.47 -9.75
N ARG A 349 -16.46 13.55 -10.56
CA ARG A 349 -16.72 14.70 -11.42
C ARG A 349 -15.51 15.03 -12.28
N ILE A 350 -15.02 13.99 -12.91
CA ILE A 350 -13.98 14.09 -13.90
C ILE A 350 -14.32 15.11 -15.01
N PRO A 351 -13.51 16.17 -15.13
CA PRO A 351 -13.76 17.13 -16.26
C PRO A 351 -13.90 16.40 -17.60
N GLY A 352 -14.96 16.69 -18.33
CA GLY A 352 -15.20 16.06 -19.62
C GLY A 352 -15.97 14.76 -19.56
N PHE A 353 -16.27 14.26 -18.36
CA PHE A 353 -16.75 12.90 -18.19
C PHE A 353 -17.71 12.91 -17.02
N GLU A 354 -18.49 13.97 -16.91
CA GLU A 354 -19.42 14.09 -15.77
C GLU A 354 -20.58 13.15 -16.02
N GLN A 355 -21.07 12.50 -14.98
CA GLN A 355 -22.08 11.46 -15.14
C GLN A 355 -23.42 11.95 -14.63
N PRO A 356 -24.51 11.39 -15.17
CA PRO A 356 -25.83 11.94 -14.90
C PRO A 356 -26.32 11.87 -13.47
N TRP A 357 -25.63 11.22 -12.53
CA TRP A 357 -26.05 11.27 -11.11
C TRP A 357 -25.20 12.24 -10.31
N GLU A 358 -24.19 12.83 -10.91
CA GLU A 358 -23.31 13.74 -10.18
C GLU A 358 -23.92 15.12 -10.13
N GLU A 359 -23.94 15.71 -8.93
CA GLU A 359 -24.33 17.11 -8.72
C GLU A 359 -23.29 17.78 -7.87
N ASP A 360 -22.85 18.97 -8.27
CA ASP A 360 -21.90 19.70 -7.44
C ASP A 360 -22.65 20.32 -6.25
N PHE A 361 -22.39 19.84 -5.03
CA PHE A 361 -22.93 20.43 -3.77
C PHE A 361 -21.90 21.34 -3.07
N GLY A 362 -20.81 21.66 -3.73
CA GLY A 362 -19.76 22.42 -3.09
C GLY A 362 -19.02 21.62 -2.05
N LYS A 363 -18.10 22.28 -1.37
CA LYS A 363 -17.27 21.64 -0.38
C LYS A 363 -16.47 22.65 0.46
N PRO A 364 -15.96 22.26 1.62
CA PRO A 364 -15.06 23.17 2.32
C PRO A 364 -13.78 23.54 1.53
N GLU A 365 -13.28 24.77 1.70
CA GLU A 365 -12.04 25.24 1.06
C GLU A 365 -10.82 24.51 1.60
N ARG A 366 -10.82 24.23 2.90
CA ARG A 366 -9.70 23.58 3.62
C ARG A 366 -9.40 22.11 3.18
N ILE A 367 -10.34 21.49 2.47
CA ILE A 367 -10.15 20.14 2.02
C ILE A 367 -10.05 20.01 0.50
N VAL A 368 -9.38 18.94 0.06
CA VAL A 368 -9.23 18.70 -1.35
C VAL A 368 -10.46 17.96 -1.89
N THR A 369 -10.61 17.97 -3.23
CA THR A 369 -11.76 17.31 -3.85
C THR A 369 -11.63 15.78 -3.85
N ALA A 370 -12.72 15.11 -4.18
CA ALA A 370 -12.77 13.66 -4.26
C ALA A 370 -11.79 13.15 -5.33
N LEU A 371 -11.76 13.84 -6.46
CA LEU A 371 -10.85 13.54 -7.57
C LEU A 371 -9.39 13.71 -7.20
N ASP A 372 -9.07 14.77 -6.46
CA ASP A 372 -7.71 14.93 -5.98
C ASP A 372 -7.31 13.81 -5.02
N ILE A 373 -8.25 13.36 -4.20
CA ILE A 373 -7.97 12.22 -3.32
C ILE A 373 -7.67 10.97 -4.14
N MET A 374 -8.39 10.77 -5.22
CA MET A 374 -8.26 9.51 -5.94
C MET A 374 -7.14 9.55 -6.97
N THR A 375 -6.64 10.73 -7.26
CA THR A 375 -5.44 10.90 -8.04
C THR A 375 -4.20 10.72 -7.16
N GLU A 376 -4.14 11.42 -6.03
CA GLU A 376 -2.94 11.44 -5.21
C GLU A 376 -2.89 10.39 -4.09
N GLY A 377 -4.02 10.02 -3.51
CA GLY A 377 -4.01 9.07 -2.38
C GLY A 377 -3.46 7.73 -2.82
N PRO A 378 -4.03 7.17 -3.90
CA PRO A 378 -3.62 5.82 -4.24
C PRO A 378 -2.16 5.79 -4.59
N LEU A 379 -1.65 6.92 -5.11
CA LEU A 379 -0.23 7.00 -5.48
C LEU A 379 0.64 6.99 -4.28
N GLY A 380 0.17 7.66 -3.23
CA GLY A 380 0.84 7.69 -1.95
C GLY A 380 0.85 6.36 -1.21
N GLY A 381 -0.30 5.72 -1.11
CA GLY A 381 -0.33 4.36 -0.54
C GLY A 381 0.63 3.42 -1.27
N ALA A 382 0.57 3.46 -2.58
CA ALA A 382 1.48 2.70 -3.45
C ALA A 382 2.92 3.09 -3.25
N ALA A 383 3.17 4.39 -3.10
CA ALA A 383 4.53 4.83 -2.86
C ALA A 383 5.15 4.05 -1.67
N PHE A 384 4.37 3.90 -0.60
CA PHE A 384 4.88 3.27 0.62
C PHE A 384 4.98 1.78 0.45
N ASN A 385 3.95 1.18 -0.12
CA ASN A 385 3.98 -0.26 -0.26
C ASN A 385 5.12 -0.62 -1.25
N ASN A 386 5.29 0.15 -2.33
CA ASN A 386 6.34 -0.16 -3.34
C ASN A 386 7.74 0.06 -2.75
N GLU A 387 7.94 1.22 -2.12
CA GLU A 387 9.27 1.56 -1.63
C GLU A 387 9.65 0.71 -0.39
N PHE A 388 8.66 0.35 0.45
CA PHE A 388 8.87 -0.56 1.60
C PHE A 388 9.05 -2.01 1.16
N GLY A 389 8.23 -2.44 0.18
CA GLY A 389 8.32 -3.80 -0.37
C GLY A 389 7.30 -4.71 0.21
N ARG A 390 6.03 -4.36 0.10
CA ARG A 390 4.95 -5.33 0.34
C ARG A 390 3.99 -5.25 -0.79
N PRO A 391 3.56 -6.42 -1.30
CA PRO A 391 2.58 -6.38 -2.35
C PRO A 391 1.21 -5.98 -1.82
N ALA A 392 0.53 -5.14 -2.59
CA ALA A 392 -0.85 -4.77 -2.39
C ALA A 392 -1.78 -5.57 -3.31
N LEU A 393 -2.60 -6.42 -2.71
CA LEU A 393 -3.29 -7.46 -3.43
C LEU A 393 -4.81 -7.44 -3.36
N THR A 394 -5.39 -6.64 -2.48
CA THR A 394 -6.84 -6.54 -2.48
C THR A 394 -7.27 -5.17 -1.97
N GLY A 395 -8.51 -4.76 -2.27
CA GLY A 395 -8.89 -3.39 -2.01
C GLY A 395 -10.31 -3.11 -2.43
N TYR A 396 -10.94 -2.06 -1.94
CA TYR A 396 -12.19 -1.59 -2.50
C TYR A 396 -12.02 -0.08 -2.80
N PHE A 397 -12.99 0.48 -3.50
CA PHE A 397 -13.03 1.90 -3.82
C PHE A 397 -14.47 2.25 -4.12
N ARG A 398 -15.11 3.06 -3.30
CA ARG A 398 -16.51 3.40 -3.55
C ARG A 398 -16.67 4.90 -3.66
N THR A 399 -17.61 5.33 -4.49
CA THR A 399 -17.99 6.74 -4.61
C THR A 399 -19.44 6.84 -4.18
N TYR A 400 -19.70 7.83 -3.31
CA TYR A 400 -21.08 8.13 -2.88
C TYR A 400 -21.23 9.59 -2.49
N GLU A 401 -22.13 10.28 -3.18
CA GLU A 401 -22.49 11.66 -2.83
C GLU A 401 -23.88 11.95 -3.38
N GLU A 402 -24.87 12.09 -2.49
CA GLU A 402 -26.22 12.28 -2.93
C GLU A 402 -27.15 12.85 -1.88
N LYS A 403 -28.16 13.57 -2.34
CA LYS A 403 -29.14 14.11 -1.44
C LYS A 403 -30.19 13.07 -1.36
N VAL A 404 -30.41 12.63 -0.15
CA VAL A 404 -31.13 11.42 0.05
C VAL A 404 -32.06 11.59 1.27
N ASN A 405 -33.17 10.91 1.20
CA ASN A 405 -34.13 10.92 2.26
C ASN A 405 -33.87 9.71 3.16
N SER A 406 -33.00 9.91 4.14
CA SER A 406 -32.57 8.87 5.04
C SER A 406 -32.99 9.13 6.51
N HIS A 407 -32.26 8.61 7.46
CA HIS A 407 -32.78 8.45 8.80
C HIS A 407 -33.17 9.75 9.50
N ASN A 408 -32.60 10.87 9.04
CA ASN A 408 -32.85 12.17 9.64
C ASN A 408 -33.39 13.13 8.61
N GLY A 409 -34.15 12.58 7.66
CA GLY A 409 -34.72 13.35 6.55
C GLY A 409 -33.82 13.65 5.36
N GLU A 410 -34.14 14.71 4.61
CA GLU A 410 -33.45 15.02 3.39
C GLU A 410 -32.11 15.67 3.78
N GLU A 411 -31.02 15.04 3.39
CA GLU A 411 -29.69 15.46 3.81
C GLU A 411 -28.69 15.08 2.74
N LEU A 412 -27.53 15.72 2.76
CA LEU A 412 -26.41 15.32 1.94
C LEU A 412 -25.60 14.17 2.58
N ARG A 413 -25.41 13.07 1.86
CA ARG A 413 -24.58 12.00 2.38
C ARG A 413 -23.48 11.63 1.41
N GLY A 414 -22.30 11.39 1.96
CA GLY A 414 -21.13 11.14 1.14
C GLY A 414 -19.84 11.14 1.92
N TYR A 415 -18.73 11.40 1.23
CA TYR A 415 -17.40 11.17 1.80
C TYR A 415 -16.43 12.34 1.52
N HIS A 416 -16.84 13.54 1.91
CA HIS A 416 -16.03 14.70 1.73
C HIS A 416 -14.85 14.54 2.60
N LYS A 417 -15.06 14.10 3.82
CA LYS A 417 -13.96 13.44 4.56
C LYS A 417 -13.97 11.98 4.06
N PRO A 418 -12.90 11.54 3.39
CA PRO A 418 -12.94 10.20 2.82
C PRO A 418 -12.65 9.12 3.82
N ILE A 419 -12.94 7.89 3.47
CA ILE A 419 -12.22 6.70 4.05
C ILE A 419 -10.90 6.46 3.26
N MET A 420 -9.80 6.36 3.97
CA MET A 420 -8.56 5.84 3.43
C MET A 420 -8.21 4.72 4.35
N LEU A 421 -8.07 3.55 3.78
CA LEU A 421 -7.98 2.33 4.57
C LEU A 421 -6.73 1.54 4.11
N ALA A 422 -5.92 1.16 5.07
CA ALA A 422 -4.75 0.33 4.83
C ALA A 422 -4.61 -0.73 5.90
N GLY A 423 -4.40 -1.97 5.48
CA GLY A 423 -4.21 -3.15 6.36
C GLY A 423 -3.29 -4.17 5.71
N GLY A 424 -3.09 -5.29 6.39
CA GLY A 424 -2.28 -6.34 5.79
C GLY A 424 -2.17 -7.56 6.66
N ILE A 425 -1.51 -8.59 6.12
CA ILE A 425 -1.13 -9.73 6.93
C ILE A 425 0.37 -9.81 6.97
N GLY A 426 0.85 -10.48 8.02
CA GLY A 426 2.26 -10.69 8.21
C GLY A 426 2.45 -12.07 8.76
N ASN A 427 3.70 -12.46 8.89
CA ASN A 427 4.01 -13.71 9.55
C ASN A 427 4.81 -13.51 10.85
N ILE A 428 4.64 -14.45 11.79
CA ILE A 428 5.25 -14.36 13.11
C ILE A 428 5.62 -15.74 13.67
N ARG A 429 6.69 -15.80 14.44
CA ARG A 429 7.14 -17.06 15.10
C ARG A 429 6.35 -17.32 16.36
N ALA A 430 6.14 -18.60 16.69
CA ALA A 430 5.35 -18.97 17.88
C ALA A 430 5.88 -18.36 19.16
N ASP A 431 7.19 -18.37 19.30
CA ASP A 431 7.81 -17.99 20.56
C ASP A 431 7.99 -16.46 20.63
N HIS A 432 7.43 -15.73 19.66
CA HIS A 432 7.44 -14.27 19.71
C HIS A 432 6.05 -13.67 19.73
N VAL A 433 5.04 -14.50 19.78
CA VAL A 433 3.71 -13.99 19.76
C VAL A 433 3.46 -13.20 21.03
N GLN A 434 3.99 -13.65 22.16
CA GLN A 434 3.76 -12.98 23.45
C GLN A 434 4.82 -11.95 23.66
N LYS A 435 4.41 -10.77 24.11
CA LYS A 435 5.32 -9.76 24.61
C LYS A 435 6.08 -10.29 25.82
N GLY A 436 7.39 -10.06 25.85
CA GLY A 436 8.28 -10.48 26.95
C GLY A 436 8.12 -9.56 28.12
N GLU A 437 8.78 -9.87 29.22
CA GLU A 437 8.67 -9.02 30.40
C GLU A 437 9.76 -7.94 30.27
N ILE A 438 9.46 -6.74 30.74
CA ILE A 438 10.41 -5.63 30.78
C ILE A 438 11.15 -5.63 32.12
N VAL A 439 12.38 -6.09 32.05
CA VAL A 439 13.25 -6.19 33.19
C VAL A 439 13.59 -4.79 33.64
N VAL A 440 13.68 -4.62 34.97
CA VAL A 440 14.12 -3.35 35.56
C VAL A 440 15.53 -3.03 35.02
N GLY A 441 15.75 -1.84 34.53
CA GLY A 441 17.05 -1.50 33.91
C GLY A 441 17.14 -1.70 32.39
N ALA A 442 16.04 -2.17 31.78
CA ALA A 442 15.98 -2.31 30.34
C ALA A 442 16.24 -0.95 29.71
N LYS A 443 17.02 -0.98 28.65
CA LYS A 443 17.31 0.18 27.86
C LYS A 443 16.12 0.39 26.97
N LEU A 444 15.79 1.66 26.76
CA LEU A 444 14.60 2.01 26.04
C LEU A 444 15.04 2.78 24.85
N ILE A 445 14.69 2.23 23.68
CA ILE A 445 15.23 2.69 22.42
C ILE A 445 14.14 3.18 21.51
N VAL A 446 14.43 4.28 20.80
CA VAL A 446 13.72 4.63 19.59
C VAL A 446 14.48 4.13 18.36
N LEU A 447 13.82 3.25 17.60
CA LEU A 447 14.36 2.74 16.32
C LEU A 447 13.75 3.54 15.18
N GLY A 448 14.58 4.04 14.28
CA GLY A 448 14.08 4.71 13.14
C GLY A 448 14.35 6.20 13.06
N GLY A 449 13.46 6.87 12.33
CA GLY A 449 13.72 8.25 11.89
C GLY A 449 13.78 9.35 12.94
N PRO A 450 14.42 10.47 12.60
CA PRO A 450 14.64 11.56 13.56
C PRO A 450 13.38 12.40 13.74
N ALA A 451 13.29 13.08 14.86
CA ALA A 451 12.12 13.91 15.14
C ALA A 451 12.12 15.16 14.28
N MET A 452 10.98 15.48 13.72
CA MET A 452 10.74 16.73 13.02
C MET A 452 9.40 17.21 13.53
N ASN A 453 9.08 18.47 13.24
CA ASN A 453 7.83 19.07 13.67
C ASN A 453 6.66 18.67 12.74
N ILE A 454 6.02 17.51 12.96
CA ILE A 454 4.97 16.99 12.08
C ILE A 454 3.52 16.96 12.62
N GLY A 455 3.21 16.37 13.75
CA GLY A 455 1.72 16.23 14.05
C GLY A 455 0.94 17.46 14.48
N PHE A 475 -2.26 22.19 8.60
CA PHE A 475 -0.79 22.05 8.60
C PHE A 475 -0.36 20.94 9.52
N ALA A 476 -1.00 20.86 10.67
CA ALA A 476 -0.80 19.76 11.56
C ALA A 476 -1.37 18.40 11.02
N SER A 477 -2.10 18.40 9.91
CA SER A 477 -2.60 17.15 9.34
C SER A 477 -1.90 16.78 8.05
N VAL A 478 -0.87 17.56 7.68
CA VAL A 478 -0.05 17.23 6.54
C VAL A 478 1.04 16.28 7.01
N GLN A 479 0.99 15.02 6.57
CA GLN A 479 1.96 14.06 7.06
C GLN A 479 3.20 14.05 6.16
N ARG A 480 4.14 13.15 6.44
CA ARG A 480 5.36 12.99 5.60
C ARG A 480 5.81 11.54 5.56
N ASP A 481 5.99 10.94 4.38
CA ASP A 481 6.48 9.54 4.32
C ASP A 481 7.90 9.38 3.82
N ASN A 482 8.64 8.52 4.52
CA ASN A 482 9.95 7.98 4.08
C ASN A 482 9.98 6.45 4.19
N PRO A 483 9.42 5.74 3.21
CA PRO A 483 9.35 4.29 3.31
C PRO A 483 10.69 3.53 3.38
N GLU A 484 11.71 4.03 2.76
CA GLU A 484 13.00 3.41 2.84
C GLU A 484 13.50 3.37 4.25
N MET A 485 13.23 4.42 5.04
CA MET A 485 13.61 4.39 6.48
C MET A 485 12.93 3.21 7.16
N GLU A 486 11.66 2.98 6.84
CA GLU A 486 10.92 1.91 7.51
C GLU A 486 11.42 0.56 7.09
N ARG A 487 11.78 0.46 5.83
CA ARG A 487 12.42 -0.72 5.32
C ARG A 487 13.67 -1.12 6.12
N ARG A 488 14.61 -0.19 6.27
CA ARG A 488 15.77 -0.44 7.09
C ARG A 488 15.40 -0.90 8.51
N CYS A 489 14.42 -0.23 9.13
CA CYS A 489 13.99 -0.59 10.46
C CYS A 489 13.49 -2.05 10.49
N GLN A 490 12.73 -2.42 9.46
CA GLN A 490 12.23 -3.77 9.34
C GLN A 490 13.35 -4.80 9.20
N GLU A 491 14.43 -4.46 8.53
CA GLU A 491 15.53 -5.41 8.39
C GLU A 491 16.08 -5.74 9.76
N VAL A 492 16.13 -4.74 10.65
CA VAL A 492 16.60 -4.95 12.00
C VAL A 492 15.65 -5.85 12.78
N ILE A 493 14.37 -5.52 12.69
CA ILE A 493 13.39 -6.36 13.30
C ILE A 493 13.55 -7.80 12.78
N ASP A 494 13.82 -7.97 11.48
CA ASP A 494 13.97 -9.33 10.90
C ASP A 494 15.24 -10.01 11.44
N ARG A 495 16.35 -9.29 11.46
CA ARG A 495 17.51 -9.77 12.16
C ARG A 495 17.20 -10.21 13.58
N CYS A 496 16.28 -9.55 14.27
CA CYS A 496 16.00 -9.86 15.63
C CYS A 496 15.12 -11.07 15.78
N TRP A 497 14.00 -11.18 15.08
CA TRP A 497 13.23 -12.42 15.21
C TRP A 497 13.96 -13.63 14.65
N GLN A 498 14.89 -13.43 13.73
CA GLN A 498 15.58 -14.56 13.09
C GLN A 498 16.60 -15.18 14.01
N LEU A 499 16.93 -14.45 15.07
CA LEU A 499 17.75 -14.99 16.17
C LEU A 499 16.98 -15.95 17.11
N GLY A 500 15.68 -16.12 16.87
CA GLY A 500 14.91 -17.11 17.59
C GLY A 500 14.82 -16.80 19.06
N ASP A 501 15.19 -17.78 19.86
CA ASP A 501 15.16 -17.57 21.30
C ASP A 501 16.31 -16.64 21.80
N ALA A 502 17.24 -16.21 20.96
CA ALA A 502 18.18 -15.11 21.29
C ALA A 502 17.75 -13.72 20.78
N ASN A 503 16.52 -13.59 20.32
CA ASN A 503 15.98 -12.30 19.90
C ASN A 503 16.10 -11.36 21.07
N PRO A 504 16.80 -10.21 20.94
CA PRO A 504 16.98 -9.26 22.05
C PRO A 504 15.81 -8.39 22.29
N ILE A 505 14.86 -8.37 21.38
CA ILE A 505 13.70 -7.49 21.55
C ILE A 505 12.81 -8.01 22.66
N LEU A 506 12.87 -7.36 23.82
CA LEU A 506 11.99 -7.73 24.95
C LEU A 506 10.54 -7.36 24.67
N PHE A 507 10.34 -6.18 24.13
CA PHE A 507 9.03 -5.61 23.96
C PHE A 507 9.16 -4.57 22.86
N ILE A 508 8.16 -4.44 22.00
CA ILE A 508 8.22 -3.46 20.92
C ILE A 508 6.83 -2.88 20.66
N HIS A 509 6.80 -1.64 20.20
CA HIS A 509 5.59 -0.93 19.97
C HIS A 509 5.83 0.07 18.86
N ASP A 510 4.79 0.34 18.09
CA ASP A 510 4.92 1.32 17.03
C ASP A 510 4.73 2.71 17.57
N VAL A 511 5.33 3.70 16.92
CA VAL A 511 5.08 5.09 17.26
C VAL A 511 4.13 5.70 16.21
N GLY A 512 2.99 6.18 16.71
CA GLY A 512 1.93 6.73 15.91
C GLY A 512 1.36 7.98 16.55
N ALA A 513 0.06 7.99 16.81
CA ALA A 513 -0.59 9.19 17.38
C ALA A 513 0.10 9.54 18.65
N GLY A 514 0.28 10.84 18.87
CA GLY A 514 0.89 11.32 20.08
C GLY A 514 2.40 11.14 20.09
N GLY A 515 2.94 10.57 19.01
CA GLY A 515 4.36 10.27 18.96
C GLY A 515 4.85 9.58 20.22
N LEU A 516 5.99 10.07 20.67
CA LEU A 516 6.75 9.38 21.72
C LEU A 516 6.06 9.53 23.07
N SER A 517 5.29 10.63 23.19
CA SER A 517 4.54 10.97 24.41
C SER A 517 3.45 9.98 24.69
N ASN A 518 3.13 9.19 23.70
CA ASN A 518 2.15 8.15 23.85
C ASN A 518 2.81 6.80 23.83
N ALA A 519 3.66 6.58 22.83
CA ALA A 519 4.27 5.28 22.62
C ALA A 519 5.13 4.82 23.79
N MET A 520 5.89 5.74 24.36
CA MET A 520 6.86 5.33 25.35
C MET A 520 6.23 5.13 26.75
N PRO A 521 5.30 5.99 27.18
CA PRO A 521 4.55 5.62 28.38
C PRO A 521 3.69 4.40 28.19
N GLU A 522 3.15 4.20 27.01
CA GLU A 522 2.41 2.99 26.69
C GLU A 522 3.30 1.78 26.92
N LEU A 523 4.52 1.84 26.43
CA LEU A 523 5.43 0.72 26.53
C LEU A 523 5.80 0.30 27.97
N VAL A 524 6.19 1.24 28.83
CA VAL A 524 6.65 0.89 30.17
C VAL A 524 5.44 0.42 30.97
N SER A 525 4.33 1.12 30.73
CA SER A 525 3.08 0.83 31.40
C SER A 525 2.64 -0.59 31.08
N ASP A 526 2.56 -0.97 29.81
CA ASP A 526 2.27 -2.38 29.39
C ASP A 526 3.17 -3.39 30.09
N GLY A 527 4.41 -2.98 30.39
CA GLY A 527 5.33 -3.80 31.15
C GLY A 527 5.28 -3.74 32.68
N GLY A 528 4.34 -2.98 33.27
CA GLY A 528 4.38 -2.67 34.72
C GLY A 528 5.60 -1.89 35.24
N ARG A 529 6.24 -1.12 34.37
CA ARG A 529 7.38 -0.34 34.76
C ARG A 529 7.14 1.15 34.67
N GLY A 530 8.11 1.93 35.12
CA GLY A 530 8.16 3.35 34.73
C GLY A 530 9.36 3.53 33.83
N GLY A 531 9.60 4.74 33.35
CA GLY A 531 10.91 5.05 32.76
C GLY A 531 11.45 6.43 33.13
N LYS A 532 12.77 6.54 33.07
CA LYS A 532 13.38 7.81 33.10
C LYS A 532 14.05 8.00 31.76
N PHE A 533 13.86 9.18 31.18
CA PHE A 533 14.28 9.52 29.84
C PHE A 533 15.11 10.78 29.76
N GLU A 534 15.94 10.88 28.72
CA GLU A 534 16.69 12.08 28.52
C GLU A 534 16.33 12.60 27.16
N LEU A 535 15.78 13.81 27.14
CA LEU A 535 15.30 14.43 25.90
C LEU A 535 16.37 14.54 24.82
N ARG A 536 17.62 14.86 25.19
CA ARG A 536 18.63 15.16 24.15
C ARG A 536 19.32 13.93 23.57
N ASP A 537 18.88 12.75 24.02
CA ASP A 537 19.24 11.48 23.43
C ASP A 537 18.36 11.16 22.18
N ILE A 538 17.18 11.73 22.11
CA ILE A 538 16.30 11.53 20.97
C ILE A 538 16.88 12.18 19.70
N LEU A 539 16.87 11.46 18.57
CA LEU A 539 17.47 11.97 17.34
C LEU A 539 16.57 13.01 16.79
N SER A 540 17.08 14.21 16.54
CA SER A 540 16.24 15.29 16.07
C SER A 540 16.83 15.98 14.86
N ASP A 541 16.05 16.24 13.82
CA ASP A 541 16.62 17.05 12.74
C ASP A 541 16.27 18.54 12.86
N GLU A 542 15.55 18.97 13.90
CA GLU A 542 15.16 20.38 14.01
C GLU A 542 15.51 20.89 15.39
N PRO A 543 16.65 21.59 15.49
CA PRO A 543 17.17 21.88 16.84
C PRO A 543 16.37 22.95 17.59
N GLY A 544 15.59 23.73 16.85
CA GLY A 544 14.68 24.69 17.44
C GLY A 544 13.48 24.12 18.18
N MET A 545 13.21 22.83 18.05
CA MET A 545 11.99 22.32 18.65
C MET A 545 12.00 22.50 20.17
N SER A 546 10.86 22.91 20.69
CA SER A 546 10.59 22.86 22.12
C SER A 546 10.52 21.40 22.56
N PRO A 547 10.61 21.15 23.87
CA PRO A 547 10.51 19.78 24.35
C PRO A 547 9.17 19.12 24.02
N LEU A 548 8.10 19.91 24.10
CA LEU A 548 6.76 19.48 23.70
C LEU A 548 6.79 18.95 22.29
N GLU A 549 7.51 19.65 21.44
CA GLU A 549 7.58 19.33 20.04
C GLU A 549 8.41 18.05 19.80
N ILE A 550 9.54 17.94 20.48
CA ILE A 550 10.34 16.71 20.37
C ILE A 550 9.56 15.48 20.82
N TRP A 551 8.79 15.65 21.88
CA TRP A 551 8.18 14.52 22.61
C TRP A 551 6.83 14.09 22.01
N CYS A 552 6.09 15.05 21.47
CA CYS A 552 4.76 14.81 21.03
C CYS A 552 4.52 14.89 19.50
N ASN A 553 5.50 15.37 18.70
CA ASN A 553 5.37 15.31 17.24
C ASN A 553 5.11 13.85 16.74
N GLU A 554 4.41 13.77 15.62
CA GLU A 554 3.93 12.52 15.01
C GLU A 554 4.73 12.18 13.76
N SER A 555 6.05 12.36 13.86
CA SER A 555 6.99 11.98 12.78
C SER A 555 6.93 10.49 12.56
N GLN A 556 7.29 10.10 11.35
CA GLN A 556 7.05 8.79 10.88
C GLN A 556 8.27 7.89 10.99
N GLU A 557 8.04 6.61 10.72
CA GLU A 557 9.09 5.59 10.67
C GLU A 557 9.85 5.37 11.98
N ARG A 558 9.14 5.38 13.09
CA ARG A 558 9.75 5.15 14.40
C ARG A 558 9.05 4.07 15.18
N TYR A 559 9.84 3.32 15.92
CA TYR A 559 9.37 2.25 16.78
C TYR A 559 9.98 2.54 18.14
N VAL A 560 9.35 2.02 19.19
CA VAL A 560 10.03 2.07 20.51
C VAL A 560 10.17 0.64 21.04
N LEU A 561 11.26 0.39 21.74
CA LEU A 561 11.47 -0.94 22.28
C LEU A 561 12.36 -1.00 23.46
N ALA A 562 12.28 -2.15 24.10
CA ALA A 562 13.09 -2.45 25.27
C ALA A 562 14.01 -3.64 24.96
N VAL A 563 15.24 -3.51 25.44
CA VAL A 563 16.34 -4.46 25.21
C VAL A 563 17.17 -4.52 26.53
N ALA A 564 17.65 -5.68 26.91
CA ALA A 564 18.45 -5.78 28.13
C ALA A 564 19.74 -5.07 27.88
N ALA A 565 20.29 -4.43 28.90
CA ALA A 565 21.56 -3.71 28.76
C ALA A 565 22.67 -4.51 28.08
N ASP A 566 22.77 -5.80 28.42
CA ASP A 566 23.83 -6.63 27.88
C ASP A 566 23.61 -7.04 26.40
N GLN A 567 22.40 -6.85 25.87
CA GLN A 567 22.13 -7.10 24.45
C GLN A 567 22.45 -5.87 23.59
N LEU A 568 22.81 -4.77 24.23
CA LEU A 568 22.95 -3.51 23.50
C LEU A 568 24.03 -3.57 22.43
N PRO A 569 25.21 -4.16 22.74
CA PRO A 569 26.21 -4.40 21.68
C PRO A 569 25.73 -5.25 20.46
N LEU A 570 24.93 -6.29 20.68
CA LEU A 570 24.22 -6.95 19.54
C LEU A 570 23.28 -5.99 18.75
N PHE A 571 22.41 -5.25 19.46
CA PHE A 571 21.41 -4.41 18.77
C PHE A 571 22.10 -3.39 17.91
N ASP A 572 23.25 -2.93 18.39
CA ASP A 572 24.05 -1.92 17.70
C ASP A 572 24.76 -2.43 16.44
N GLU A 573 25.31 -3.64 16.50
CA GLU A 573 25.85 -4.31 15.30
C GLU A 573 24.71 -4.49 14.25
N LEU A 574 23.54 -4.94 14.71
CA LEU A 574 22.42 -5.14 13.80
C LEU A 574 22.00 -3.86 13.08
N CYS A 575 21.88 -2.77 13.83
CA CYS A 575 21.40 -1.52 13.29
C CYS A 575 22.38 -0.86 12.32
N LYS A 576 23.66 -0.89 12.70
CA LYS A 576 24.70 -0.24 11.92
C LYS A 576 24.84 -0.88 10.57
N ARG A 577 24.62 -2.18 10.54
CA ARG A 577 24.84 -2.97 9.36
C ARG A 577 23.66 -2.81 8.42
N GLU A 578 22.49 -2.50 8.96
CA GLU A 578 21.32 -2.21 8.14
C GLU A 578 21.20 -0.72 7.86
N ARG A 579 22.05 0.05 8.56
CA ARG A 579 21.97 1.50 8.66
C ARG A 579 20.63 2.02 9.07
N ALA A 580 20.06 1.38 10.08
CA ALA A 580 18.84 1.81 10.73
C ALA A 580 19.29 2.68 11.92
N PRO A 581 18.87 3.94 11.96
CA PRO A 581 19.29 4.73 13.10
C PRO A 581 18.49 4.34 14.34
N TYR A 582 19.09 4.54 15.50
CA TYR A 582 18.40 4.31 16.73
C TYR A 582 19.06 5.12 17.83
N ALA A 583 18.32 5.31 18.91
CA ALA A 583 18.90 5.99 20.06
C ALA A 583 18.45 5.27 21.30
N VAL A 584 19.36 5.14 22.26
CA VAL A 584 18.94 4.78 23.59
C VAL A 584 18.43 6.04 24.28
N ILE A 585 17.17 6.12 24.68
CA ILE A 585 16.72 7.39 25.26
C ILE A 585 16.32 7.32 26.74
N GLY A 586 16.30 6.13 27.31
CA GLY A 586 16.01 6.01 28.71
C GLY A 586 16.13 4.63 29.28
N ASP A 587 15.75 4.50 30.57
CA ASP A 587 15.83 3.22 31.33
C ASP A 587 14.51 2.90 31.94
N ALA A 588 14.20 1.62 32.06
CA ALA A 588 12.96 1.21 32.64
C ALA A 588 13.18 1.17 34.14
N THR A 589 12.24 1.70 34.91
CA THR A 589 12.33 1.71 36.37
C THR A 589 11.28 0.81 37.04
N GLU A 590 11.64 0.28 38.22
CA GLU A 590 10.71 -0.46 39.07
C GLU A 590 9.61 0.48 39.47
N GLU A 591 9.97 1.68 39.92
CA GLU A 591 9.01 2.67 40.33
C GLU A 591 8.18 3.07 39.12
N GLN A 592 6.88 3.19 39.30
CA GLN A 592 5.97 3.41 38.19
C GLN A 592 5.76 4.91 37.95
N HIS A 593 6.86 5.56 37.61
CA HIS A 593 6.93 7.00 37.43
C HIS A 593 7.52 7.28 36.05
N LEU A 594 7.19 8.44 35.49
CA LEU A 594 7.65 8.83 34.17
C LEU A 594 8.45 10.08 34.34
N SER A 595 9.71 10.06 33.93
CA SER A 595 10.41 11.30 33.98
C SER A 595 11.17 11.53 32.67
N LEU A 596 11.21 12.81 32.27
CA LEU A 596 11.92 13.29 31.10
C LEU A 596 12.82 14.41 31.59
N HIS A 597 14.11 14.26 31.38
CA HIS A 597 15.06 15.28 31.73
C HIS A 597 15.61 15.97 30.50
N ASP A 598 16.05 17.19 30.68
CA ASP A 598 16.67 17.92 29.59
C ASP A 598 18.09 18.42 29.98
N ASN A 599 19.14 17.75 29.47
CA ASN A 599 20.55 18.17 29.66
C ASN A 599 20.89 19.57 29.11
N HIS A 600 20.17 20.07 28.11
CA HIS A 600 20.52 21.34 27.54
C HIS A 600 20.15 22.47 28.48
N PHE A 601 18.92 22.43 28.98
CA PHE A 601 18.36 23.46 29.86
C PHE A 601 18.46 23.08 31.35
N ASP A 602 19.32 22.11 31.62
CA ASP A 602 19.44 21.38 32.86
C ASP A 602 18.18 21.40 33.75
N ASN A 603 17.06 20.85 33.29
CA ASN A 603 15.80 20.83 34.07
C ASN A 603 14.99 19.58 33.71
N GLN A 604 13.70 19.52 34.10
CA GLN A 604 12.88 18.30 33.95
C GLN A 604 11.49 18.52 33.39
N PRO A 605 11.34 18.38 32.07
CA PRO A 605 10.04 18.71 31.49
C PRO A 605 8.87 17.88 31.97
N ILE A 606 9.15 16.64 32.38
CA ILE A 606 8.10 15.77 32.82
C ILE A 606 8.54 15.09 34.04
N ASP A 607 7.65 15.15 35.04
CA ASP A 607 7.82 14.53 36.33
C ASP A 607 6.44 14.08 36.85
N LEU A 608 6.04 12.86 36.53
CA LEU A 608 4.68 12.40 36.83
C LEU A 608 4.61 10.95 37.31
N PRO A 609 3.71 10.63 38.25
CA PRO A 609 3.33 9.24 38.47
C PRO A 609 2.49 8.78 37.31
N LEU A 610 2.64 7.53 36.89
CA LEU A 610 1.90 7.01 35.73
C LEU A 610 0.42 6.92 35.98
N ASP A 611 0.04 6.49 37.17
CA ASP A 611 -1.38 6.41 37.50
C ASP A 611 -2.01 7.81 37.42
N VAL A 612 -1.25 8.86 37.62
CA VAL A 612 -1.78 10.21 37.39
C VAL A 612 -1.87 10.50 35.89
N LEU A 613 -0.82 10.20 35.14
CA LEU A 613 -0.81 10.50 33.70
C LEU A 613 -1.87 9.73 32.92
N LEU A 614 -1.99 8.44 33.27
CA LEU A 614 -2.96 7.50 32.65
C LEU A 614 -4.24 7.33 33.41
N GLY A 615 -4.46 8.13 34.45
CA GLY A 615 -5.71 8.05 35.22
C GLY A 615 -6.88 8.51 34.37
N LYS A 616 -8.04 7.88 34.57
CA LYS A 616 -9.17 8.08 33.68
C LYS A 616 -10.30 8.88 34.31
N THR A 617 -10.83 9.84 33.56
CA THR A 617 -12.08 10.50 33.95
C THR A 617 -13.25 9.49 33.83
N PRO A 618 -14.40 9.80 34.42
CA PRO A 618 -15.50 8.84 34.26
C PRO A 618 -15.77 8.45 32.79
N LYS A 619 -16.15 7.20 32.57
CA LYS A 619 -16.58 6.79 31.26
C LYS A 619 -17.84 7.50 30.80
N MET A 620 -17.91 7.66 29.50
CA MET A 620 -19.06 8.18 28.80
C MET A 620 -20.33 7.30 28.91
N THR A 621 -21.47 7.96 28.94
CA THR A 621 -22.75 7.30 28.78
C THR A 621 -23.37 7.93 27.53
N ARG A 622 -23.87 7.11 26.62
CA ARG A 622 -24.64 7.67 25.50
C ARG A 622 -26.09 7.23 25.57
N ASP A 623 -26.96 8.22 25.59
CA ASP A 623 -28.37 8.06 25.86
C ASP A 623 -29.00 8.59 24.60
N VAL A 624 -29.47 7.70 23.75
CA VAL A 624 -29.80 8.02 22.36
C VAL A 624 -31.04 7.30 21.93
N GLN A 625 -31.54 7.65 20.76
CA GLN A 625 -32.77 7.08 20.24
C GLN A 625 -32.66 6.66 18.76
N THR A 626 -33.48 5.71 18.38
CA THR A 626 -33.49 5.14 17.05
C THR A 626 -34.19 6.12 16.13
N LEU A 627 -33.54 6.46 14.99
CA LEU A 627 -34.23 6.90 13.77
C LEU A 627 -34.15 5.81 12.69
N LYS A 628 -35.24 5.67 11.95
CA LYS A 628 -35.30 4.71 10.88
C LYS A 628 -35.96 5.39 9.69
N ALA A 629 -35.23 5.43 8.59
CA ALA A 629 -35.72 5.97 7.35
C ALA A 629 -36.86 5.09 6.88
N LYS A 630 -37.86 5.66 6.26
CA LYS A 630 -38.81 4.86 5.54
C LYS A 630 -38.23 4.67 4.15
N GLY A 631 -37.77 5.77 3.55
CA GLY A 631 -37.36 5.75 2.18
C GLY A 631 -38.45 5.31 1.20
N ASP A 632 -38.32 5.74 -0.06
CA ASP A 632 -39.38 5.60 -1.03
C ASP A 632 -39.06 4.56 -2.06
N ALA A 633 -40.11 3.95 -2.60
CA ALA A 633 -40.00 3.04 -3.73
C ALA A 633 -39.32 3.70 -4.90
N LEU A 634 -38.62 2.87 -5.64
CA LEU A 634 -37.80 3.31 -6.71
C LEU A 634 -38.72 3.86 -7.79
N ASN A 635 -38.41 5.06 -8.25
CA ASN A 635 -39.05 5.63 -9.41
C ASN A 635 -38.35 5.19 -10.77
N ARG A 636 -39.06 4.40 -11.58
CA ARG A 636 -38.47 3.84 -12.85
C ARG A 636 -38.77 4.57 -14.19
N ALA A 637 -39.35 5.76 -14.11
CA ALA A 637 -39.69 6.54 -15.27
C ALA A 637 -38.54 6.60 -16.28
N ASP A 638 -37.31 6.82 -15.82
CA ASP A 638 -36.15 7.03 -16.72
C ASP A 638 -35.27 5.79 -16.86
N ILE A 639 -35.74 4.67 -16.34
CA ILE A 639 -34.94 3.44 -16.28
C ILE A 639 -35.38 2.52 -17.40
N THR A 640 -34.42 2.07 -18.20
CA THR A 640 -34.59 0.93 -19.10
C THR A 640 -33.45 0.00 -18.74
N ILE A 641 -33.60 -1.30 -18.99
CA ILE A 641 -32.50 -2.24 -18.70
C ILE A 641 -31.22 -1.79 -19.43
N ALA A 642 -31.31 -1.43 -20.69
CA ALA A 642 -30.09 -1.06 -21.42
C ALA A 642 -29.41 0.18 -20.86
N ASP A 643 -30.16 1.23 -20.62
CA ASP A 643 -29.57 2.46 -20.06
C ASP A 643 -28.99 2.18 -18.64
N ALA A 644 -29.63 1.28 -17.89
CA ALA A 644 -29.11 0.90 -16.57
C ALA A 644 -27.76 0.18 -16.63
N VAL A 645 -27.58 -0.69 -17.61
CA VAL A 645 -26.34 -1.40 -17.76
C VAL A 645 -25.22 -0.40 -18.03
N LYS A 646 -25.47 0.55 -18.91
CA LYS A 646 -24.49 1.57 -19.22
C LYS A 646 -24.15 2.44 -18.03
N ARG A 647 -25.15 2.82 -17.25
CA ARG A 647 -24.89 3.67 -16.10
C ARG A 647 -24.13 2.96 -15.00
N VAL A 648 -24.55 1.74 -14.68
CA VAL A 648 -23.94 0.96 -13.60
C VAL A 648 -22.47 0.76 -13.90
N LEU A 649 -22.17 0.38 -15.13
CA LEU A 649 -20.78 0.16 -15.51
C LEU A 649 -19.92 1.45 -15.50
N HIS A 650 -20.56 2.62 -15.36
CA HIS A 650 -19.86 3.91 -15.28
C HIS A 650 -19.86 4.41 -13.87
N LEU A 651 -20.45 3.65 -12.97
CA LEU A 651 -20.26 3.94 -11.56
C LEU A 651 -18.83 3.46 -11.11
N PRO A 652 -18.02 4.38 -10.58
CA PRO A 652 -16.65 4.02 -10.24
C PRO A 652 -16.53 2.83 -9.32
N THR A 653 -17.49 2.67 -8.44
CA THR A 653 -17.56 1.54 -7.54
C THR A 653 -17.57 0.22 -8.28
N VAL A 654 -18.28 0.20 -9.41
CA VAL A 654 -18.42 -1.03 -10.17
C VAL A 654 -17.25 -1.18 -11.10
N ALA A 655 -16.87 -0.05 -11.69
CA ALA A 655 -16.01 0.02 -12.86
C ALA A 655 -14.60 -0.50 -12.65
N GLU A 656 -13.91 -0.78 -13.75
CA GLU A 656 -12.59 -1.40 -13.74
C GLU A 656 -11.67 -0.54 -12.91
N LYS A 657 -10.85 -1.19 -12.07
CA LYS A 657 -10.01 -0.50 -11.03
C LYS A 657 -8.49 -0.43 -11.37
N THR A 658 -8.16 -0.56 -12.63
CA THR A 658 -6.77 -0.68 -12.97
C THR A 658 -5.93 0.44 -12.43
N PHE A 659 -6.45 1.66 -12.37
CA PHE A 659 -5.64 2.83 -11.92
C PHE A 659 -5.19 2.70 -10.48
N LEU A 660 -5.88 1.88 -9.72
CA LEU A 660 -5.57 1.58 -8.34
C LEU A 660 -4.71 0.35 -8.12
N VAL A 661 -4.48 -0.43 -9.18
CA VAL A 661 -3.87 -1.75 -9.09
C VAL A 661 -2.45 -1.83 -9.68
N THR A 662 -2.31 -1.35 -10.91
CA THR A 662 -1.02 -1.42 -11.58
C THR A 662 0.01 -0.42 -11.04
N ILE A 663 -0.42 0.53 -10.22
CA ILE A 663 0.48 1.46 -9.50
C ILE A 663 1.23 0.88 -8.30
N GLY A 664 0.79 -0.28 -7.83
CA GLY A 664 1.29 -0.92 -6.65
C GLY A 664 1.84 -2.30 -6.94
N ASP A 665 2.95 -2.62 -6.29
CA ASP A 665 3.64 -3.84 -6.56
C ASP A 665 2.76 -5.02 -6.16
N ARG A 666 2.80 -6.09 -6.96
CA ARG A 666 1.95 -7.23 -6.70
C ARG A 666 2.74 -8.54 -6.63
N THR A 667 4.05 -8.42 -6.63
CA THR A 667 4.94 -9.60 -6.80
C THR A 667 6.14 -9.72 -5.83
N VAL A 668 6.48 -8.63 -5.14
CA VAL A 668 7.59 -8.68 -4.20
C VAL A 668 7.31 -9.78 -3.11
N THR A 669 8.42 -10.46 -2.73
CA THR A 669 8.46 -11.66 -1.85
C THR A 669 8.40 -12.96 -2.62
N GLY A 670 7.86 -12.95 -3.85
CA GLY A 670 7.76 -14.18 -4.60
C GLY A 670 6.78 -15.19 -4.03
N MET A 671 5.99 -14.75 -3.06
CA MET A 671 4.93 -15.57 -2.49
C MET A 671 3.49 -15.19 -2.93
N VAL A 672 3.33 -14.35 -3.96
CA VAL A 672 1.98 -13.94 -4.39
C VAL A 672 1.41 -14.96 -5.38
N ALA A 673 0.29 -15.59 -4.98
CA ALA A 673 -0.32 -16.67 -5.75
C ALA A 673 -1.49 -16.17 -6.56
N ARG A 674 -2.38 -15.40 -5.92
CA ARG A 674 -3.53 -14.74 -6.58
C ARG A 674 -3.49 -13.23 -6.28
N ASP A 675 -3.30 -12.44 -7.34
CA ASP A 675 -3.37 -10.98 -7.27
C ASP A 675 -4.67 -10.57 -7.96
N GLN A 676 -4.96 -9.28 -8.02
CA GLN A 676 -6.20 -8.78 -8.57
C GLN A 676 -6.32 -9.11 -10.05
N MET A 677 -5.21 -9.03 -10.76
CA MET A 677 -5.27 -9.33 -12.20
C MET A 677 -5.53 -10.85 -12.40
N VAL A 678 -6.48 -11.15 -13.28
CA VAL A 678 -6.95 -12.50 -13.55
C VAL A 678 -6.83 -12.82 -15.05
N GLY A 679 -6.35 -14.01 -15.33
CA GLY A 679 -6.31 -14.58 -16.68
C GLY A 679 -5.34 -14.02 -17.70
N PRO A 680 -5.39 -14.59 -18.88
CA PRO A 680 -4.64 -14.15 -20.05
C PRO A 680 -4.81 -12.66 -20.39
N TRP A 681 -6.00 -12.13 -20.18
CA TRP A 681 -6.29 -10.75 -20.48
C TRP A 681 -6.05 -9.84 -19.24
N GLN A 682 -5.54 -10.39 -18.14
CA GLN A 682 -5.21 -9.59 -16.94
C GLN A 682 -6.28 -8.55 -16.58
N VAL A 683 -7.48 -9.05 -16.35
CA VAL A 683 -8.62 -8.24 -15.96
C VAL A 683 -8.66 -8.22 -14.42
N PRO A 684 -8.69 -7.00 -13.80
CA PRO A 684 -8.70 -6.86 -12.33
C PRO A 684 -10.05 -7.12 -11.72
N VAL A 685 -10.39 -8.40 -11.55
CA VAL A 685 -11.66 -8.80 -10.90
C VAL A 685 -11.52 -9.92 -9.89
N ALA A 686 -10.31 -10.23 -9.45
CA ALA A 686 -10.12 -11.28 -8.49
C ALA A 686 -10.84 -10.84 -7.21
N ASP A 687 -11.66 -11.74 -6.67
CA ASP A 687 -12.42 -11.49 -5.49
C ASP A 687 -11.65 -11.55 -4.13
N CYS A 688 -10.46 -12.15 -4.08
CA CYS A 688 -9.68 -12.17 -2.88
C CYS A 688 -8.22 -12.37 -3.21
N ALA A 689 -7.31 -12.06 -2.27
CA ALA A 689 -5.88 -12.26 -2.47
C ALA A 689 -5.45 -13.54 -1.82
N VAL A 690 -4.38 -14.15 -2.35
CA VAL A 690 -3.75 -15.30 -1.75
C VAL A 690 -2.23 -15.24 -1.90
N THR A 691 -1.55 -15.68 -0.86
CA THR A 691 -0.09 -15.75 -0.84
C THR A 691 0.29 -17.10 -0.31
N THR A 692 1.42 -17.61 -0.78
CA THR A 692 1.96 -18.81 -0.20
C THR A 692 2.57 -18.50 1.15
N ALA A 693 2.55 -19.46 2.05
CA ALA A 693 3.15 -19.27 3.36
C ALA A 693 4.68 -19.14 3.35
N SER A 694 5.32 -19.73 2.37
CA SER A 694 6.75 -19.78 2.26
C SER A 694 7.05 -19.95 0.80
N LEU A 695 8.33 -19.98 0.47
CA LEU A 695 8.76 -20.23 -0.91
C LEU A 695 8.93 -21.74 -1.17
N ASP A 696 8.50 -22.60 -0.23
CA ASP A 696 8.58 -24.06 -0.40
C ASP A 696 7.30 -24.76 -0.04
N SER A 697 6.19 -24.06 0.02
CA SER A 697 4.90 -24.69 0.30
C SER A 697 3.79 -24.16 -0.61
N TYR A 698 2.70 -24.95 -0.67
CA TYR A 698 1.40 -24.60 -1.27
C TYR A 698 0.35 -24.22 -0.21
N TYR A 699 0.70 -24.28 1.05
CA TYR A 699 -0.13 -23.66 2.04
C TYR A 699 0.05 -22.14 1.89
N GLY A 700 -0.88 -21.38 2.45
CA GLY A 700 -0.82 -19.96 2.31
C GLY A 700 -1.72 -19.17 3.19
N GLU A 701 -1.94 -17.92 2.78
CA GLU A 701 -2.84 -17.05 3.50
C GLU A 701 -3.75 -16.43 2.51
N ALA A 702 -4.96 -16.04 2.93
CA ALA A 702 -5.91 -15.30 2.03
C ALA A 702 -6.52 -14.03 2.64
N MET A 703 -6.95 -13.10 1.81
CA MET A 703 -7.55 -11.82 2.26
C MET A 703 -8.71 -11.47 1.40
N SER A 704 -9.71 -10.89 2.02
CA SER A 704 -10.84 -10.38 1.28
C SER A 704 -11.46 -9.25 2.05
N ILE A 705 -12.27 -8.44 1.37
CA ILE A 705 -12.92 -7.30 1.96
C ILE A 705 -14.42 -7.35 1.63
N GLY A 706 -15.23 -6.96 2.59
CA GLY A 706 -16.63 -6.74 2.31
C GLY A 706 -17.08 -5.46 2.99
N GLU A 707 -18.05 -4.81 2.39
CA GLU A 707 -18.21 -3.37 2.57
C GLU A 707 -19.48 -3.03 1.79
N ARG A 708 -20.37 -2.26 2.38
CA ARG A 708 -21.67 -1.91 1.79
C ARG A 708 -22.38 -0.65 2.43
N ALA A 709 -21.62 0.40 2.72
CA ALA A 709 -22.11 1.60 3.43
C ALA A 709 -23.47 2.16 3.03
N PRO A 710 -23.76 2.38 1.71
CA PRO A 710 -25.01 3.00 1.34
C PRO A 710 -26.23 2.33 1.89
N VAL A 711 -26.17 1.02 2.06
CA VAL A 711 -27.27 0.29 2.67
C VAL A 711 -27.63 0.82 4.04
N ALA A 712 -26.65 1.42 4.71
CA ALA A 712 -26.83 1.90 6.05
C ALA A 712 -27.64 3.15 6.05
N LEU A 713 -27.85 3.78 4.92
CA LEU A 713 -28.71 4.95 4.88
C LEU A 713 -30.16 4.51 4.96
N LEU A 714 -30.41 3.19 4.74
CA LEU A 714 -31.75 2.63 4.91
C LEU A 714 -31.83 1.71 6.12
N ASP A 715 -30.74 1.02 6.44
CA ASP A 715 -30.76 -0.04 7.44
C ASP A 715 -29.36 -0.37 7.96
N PHE A 716 -29.14 -0.04 9.24
CA PHE A 716 -27.80 -0.15 9.81
C PHE A 716 -27.36 -1.63 9.91
N ALA A 717 -28.20 -2.43 10.53
CA ALA A 717 -27.81 -3.80 10.81
C ALA A 717 -27.56 -4.53 9.51
N ALA A 718 -28.44 -4.33 8.52
CA ALA A 718 -28.32 -5.06 7.25
C ALA A 718 -26.99 -4.73 6.55
N SER A 719 -26.61 -3.46 6.56
CA SER A 719 -25.35 -3.04 5.99
C SER A 719 -24.24 -3.78 6.65
N ALA A 720 -24.33 -3.96 7.97
CA ALA A 720 -23.20 -4.59 8.70
C ALA A 720 -23.15 -6.07 8.38
N ARG A 721 -24.34 -6.70 8.33
CA ARG A 721 -24.44 -8.13 8.00
C ARG A 721 -23.95 -8.34 6.57
N LEU A 722 -24.36 -7.47 5.65
CA LEU A 722 -23.87 -7.56 4.26
C LEU A 722 -22.36 -7.41 4.11
N ALA A 723 -21.76 -6.49 4.86
CA ALA A 723 -20.32 -6.40 4.83
C ALA A 723 -19.65 -7.74 5.20
N VAL A 724 -20.15 -8.41 6.24
CA VAL A 724 -19.60 -9.70 6.68
C VAL A 724 -19.82 -10.77 5.63
N GLY A 725 -21.04 -10.82 5.14
CA GLY A 725 -21.38 -11.80 4.15
C GLY A 725 -20.54 -11.60 2.89
N GLU A 726 -20.34 -10.35 2.44
CA GLU A 726 -19.61 -10.13 1.18
C GLU A 726 -18.12 -10.51 1.31
N ALA A 727 -17.52 -10.23 2.47
CA ALA A 727 -16.19 -10.75 2.75
C ALA A 727 -16.13 -12.28 2.59
N LEU A 728 -17.17 -12.95 3.10
CA LEU A 728 -17.32 -14.39 3.01
C LEU A 728 -17.49 -14.85 1.58
N THR A 729 -18.33 -14.15 0.82
CA THR A 729 -18.53 -14.57 -0.56
C THR A 729 -17.28 -14.27 -1.40
N ASN A 730 -16.60 -13.16 -1.09
CA ASN A 730 -15.36 -12.87 -1.80
C ASN A 730 -14.24 -13.87 -1.55
N ILE A 731 -14.28 -14.57 -0.41
CA ILE A 731 -13.18 -15.49 -0.08
C ILE A 731 -13.50 -16.98 -0.37
N ALA A 732 -14.74 -17.26 -0.71
CA ALA A 732 -15.24 -18.64 -0.62
C ALA A 732 -14.65 -19.64 -1.59
N ALA A 733 -14.12 -19.18 -2.73
CA ALA A 733 -13.55 -20.14 -3.73
C ALA A 733 -12.06 -20.33 -3.52
N THR A 734 -11.66 -20.18 -2.27
CA THR A 734 -10.32 -20.48 -1.81
C THR A 734 -10.37 -21.72 -0.90
N GLN A 735 -9.29 -22.48 -0.88
CA GLN A 735 -9.29 -23.72 -0.14
C GLN A 735 -8.79 -23.50 1.30
N ILE A 736 -9.76 -23.45 2.20
CA ILE A 736 -9.57 -23.04 3.57
C ILE A 736 -10.00 -24.12 4.56
N GLY A 737 -11.23 -24.59 4.40
CA GLY A 737 -11.82 -25.67 5.18
C GLY A 737 -12.83 -25.12 6.17
N ASP A 738 -12.59 -25.39 7.44
CA ASP A 738 -13.40 -24.90 8.57
C ASP A 738 -13.63 -23.40 8.49
N ILE A 739 -14.87 -22.95 8.53
CA ILE A 739 -15.14 -21.51 8.51
C ILE A 739 -14.47 -20.79 9.68
N LYS A 740 -14.21 -21.52 10.77
CA LYS A 740 -13.63 -20.93 12.00
C LYS A 740 -12.19 -20.56 11.83
N ARG A 741 -11.61 -20.90 10.68
CA ARG A 741 -10.31 -20.40 10.27
C ARG A 741 -10.37 -18.93 9.83
N ILE A 742 -11.57 -18.45 9.48
CA ILE A 742 -11.69 -17.13 8.91
C ILE A 742 -11.83 -16.11 10.00
N LYS A 743 -10.93 -15.16 10.00
CA LYS A 743 -10.84 -14.14 11.03
C LYS A 743 -11.00 -12.78 10.39
N LEU A 744 -11.69 -11.92 11.13
CA LEU A 744 -12.19 -10.63 10.70
C LEU A 744 -11.60 -9.41 11.42
N SER A 745 -11.24 -8.37 10.66
CA SER A 745 -11.12 -7.03 11.21
C SER A 745 -12.41 -6.27 10.92
N ALA A 746 -12.94 -5.57 11.92
CA ALA A 746 -14.10 -4.71 11.73
C ALA A 746 -13.66 -3.29 11.99
N ASN A 747 -13.66 -2.51 10.91
CA ASN A 747 -13.35 -1.10 10.98
C ASN A 747 -14.63 -0.25 10.84
N TRP A 748 -14.97 0.47 11.89
CA TRP A 748 -16.18 1.25 11.91
C TRP A 748 -16.00 2.77 11.68
N MET A 749 -16.57 3.27 10.59
CA MET A 749 -16.58 4.69 10.29
C MET A 749 -17.97 5.24 10.55
N ALA A 750 -18.07 6.25 11.40
CA ALA A 750 -19.36 6.92 11.59
C ALA A 750 -19.30 8.40 11.92
N ALA A 751 -20.43 9.06 11.72
CA ALA A 751 -20.67 10.43 12.18
C ALA A 751 -21.33 10.43 13.55
N ALA A 752 -20.53 10.21 14.59
CA ALA A 752 -21.12 10.00 15.94
C ALA A 752 -21.75 11.31 16.34
N GLY A 753 -22.91 11.29 16.98
CA GLY A 753 -23.64 12.52 17.28
C GLY A 753 -24.66 12.91 16.23
N HIS A 754 -24.42 12.59 14.95
CA HIS A 754 -25.37 12.91 13.88
C HIS A 754 -26.68 12.15 14.09
N PRO A 755 -27.83 12.80 13.94
CA PRO A 755 -29.00 12.07 14.48
C PRO A 755 -29.27 10.77 13.78
N GLY A 756 -29.51 9.74 14.58
CA GLY A 756 -29.73 8.38 14.10
C GLY A 756 -28.51 7.50 14.16
N GLU A 757 -27.32 8.13 14.06
CA GLU A 757 -26.11 7.37 13.77
C GLU A 757 -25.66 6.57 14.92
N ASP A 758 -25.79 7.08 16.13
CA ASP A 758 -25.32 6.37 17.32
C ASP A 758 -26.13 5.10 17.62
N ALA A 759 -27.43 5.20 17.59
CA ALA A 759 -28.25 4.02 17.75
C ALA A 759 -28.01 3.04 16.62
N GLY A 760 -27.78 3.55 15.43
CA GLY A 760 -27.49 2.67 14.30
C GLY A 760 -26.16 1.96 14.47
N LEU A 761 -25.20 2.69 15.01
CA LEU A 761 -23.91 2.11 15.31
C LEU A 761 -24.10 0.97 16.31
N TYR A 762 -24.82 1.20 17.42
CA TYR A 762 -24.99 0.16 18.40
C TYR A 762 -25.67 -1.06 17.76
N ASP A 763 -26.73 -0.77 17.00
CA ASP A 763 -27.50 -1.84 16.47
C ASP A 763 -26.64 -2.67 15.50
N ALA A 764 -25.78 -1.99 14.75
CA ALA A 764 -24.99 -2.63 13.74
C ALA A 764 -23.88 -3.49 14.40
N VAL A 765 -23.26 -2.96 15.47
CA VAL A 765 -22.21 -3.71 16.16
C VAL A 765 -22.80 -4.99 16.78
N LYS A 766 -23.96 -4.84 17.38
CA LYS A 766 -24.71 -5.95 17.92
C LYS A 766 -25.08 -6.95 16.86
N ALA A 767 -25.54 -6.45 15.73
CA ALA A 767 -25.95 -7.36 14.64
C ALA A 767 -24.85 -8.38 14.27
N VAL A 768 -23.60 -7.92 14.26
CA VAL A 768 -22.52 -8.79 13.87
C VAL A 768 -21.81 -9.42 15.04
N GLY A 769 -21.63 -8.63 16.10
CA GLY A 769 -20.90 -9.09 17.31
C GLY A 769 -21.69 -10.08 18.19
N GLU A 770 -22.96 -9.78 18.39
CA GLU A 770 -23.78 -10.58 19.30
C GLU A 770 -24.52 -11.70 18.58
N GLU A 771 -24.68 -11.56 17.26
CA GLU A 771 -25.56 -12.43 16.47
C GLU A 771 -24.86 -13.17 15.34
N LEU A 772 -24.58 -12.47 14.25
CA LEU A 772 -24.25 -13.16 13.02
C LEU A 772 -22.94 -13.89 13.07
N CYS A 773 -21.91 -13.18 13.56
CA CYS A 773 -20.56 -13.75 13.63
C CYS A 773 -20.49 -14.95 14.56
N PRO A 774 -21.05 -14.87 15.78
CA PRO A 774 -21.18 -16.04 16.66
C PRO A 774 -21.98 -17.19 16.00
N GLN A 775 -23.06 -16.85 15.34
CA GLN A 775 -23.85 -17.86 14.68
C GLN A 775 -23.08 -18.57 13.58
N LEU A 776 -22.32 -17.83 12.77
CA LEU A 776 -21.52 -18.44 11.71
C LEU A 776 -20.23 -19.03 12.20
N GLY A 777 -19.77 -18.63 13.38
CA GLY A 777 -18.50 -19.08 13.94
C GLY A 777 -17.36 -18.20 13.46
N LEU A 778 -17.66 -16.93 13.25
CA LEU A 778 -16.64 -15.96 12.82
C LEU A 778 -16.13 -15.08 14.00
N THR A 779 -14.81 -15.06 14.21
CA THR A 779 -14.18 -14.23 15.23
C THR A 779 -13.81 -12.85 14.66
N ILE A 780 -13.96 -11.79 15.45
CA ILE A 780 -13.45 -10.47 15.14
C ILE A 780 -12.36 -10.09 16.18
N PRO A 781 -11.10 -10.48 15.97
CA PRO A 781 -10.07 -10.26 16.99
C PRO A 781 -9.30 -8.95 16.92
N VAL A 782 -9.60 -8.13 15.92
CA VAL A 782 -9.02 -6.80 15.77
C VAL A 782 -10.04 -5.93 15.10
N GLY A 783 -9.84 -4.62 15.31
CA GLY A 783 -10.74 -3.63 14.79
C GLY A 783 -10.35 -2.23 15.09
N LYS A 784 -11.16 -1.31 14.64
CA LYS A 784 -10.86 0.08 14.90
C LYS A 784 -12.09 0.92 14.59
N ASP A 785 -12.06 2.16 15.00
CA ASP A 785 -13.18 3.05 14.80
C ASP A 785 -12.64 4.41 14.47
N SER A 786 -13.39 5.13 13.67
CA SER A 786 -13.11 6.49 13.26
C SER A 786 -14.49 7.22 13.34
N MET A 787 -14.65 8.13 14.29
CA MET A 787 -16.02 8.47 14.76
C MET A 787 -16.53 9.86 14.44
N SER A 788 -15.98 10.48 13.43
CA SER A 788 -16.47 11.79 13.11
C SER A 788 -16.41 12.03 11.60
N MET A 789 -17.10 11.16 10.87
CA MET A 789 -17.13 11.19 9.42
C MET A 789 -18.18 12.17 8.92
N LYS A 790 -17.90 13.45 9.11
CA LYS A 790 -18.81 14.52 8.71
C LYS A 790 -17.99 15.75 8.35
N THR A 791 -18.56 16.61 7.53
CA THR A 791 -17.90 17.84 7.12
C THR A 791 -18.98 18.91 7.06
N ARG A 792 -18.67 20.04 7.69
CA ARG A 792 -19.50 21.22 7.71
C ARG A 792 -18.77 22.39 7.12
N TRP A 793 -19.49 23.20 6.38
CA TRP A 793 -18.95 24.46 5.87
C TRP A 793 -20.07 25.46 5.46
N GLN A 794 -19.69 26.70 5.16
CA GLN A 794 -20.61 27.74 4.67
C GLN A 794 -20.51 27.89 3.14
N GLU A 795 -21.68 27.88 2.47
CA GLU A 795 -21.81 27.83 1.00
C GLU A 795 -22.39 29.16 0.52
N GLY A 796 -23.67 29.36 0.76
CA GLY A 796 -24.25 30.70 0.54
C GLY A 796 -23.82 31.52 1.74
N ASN A 797 -24.79 31.98 2.49
CA ASN A 797 -24.59 32.23 3.92
C ASN A 797 -25.41 31.14 4.63
N GLU A 798 -25.66 30.04 3.92
CA GLU A 798 -26.30 28.87 4.50
C GLU A 798 -25.21 27.89 4.96
N GLN A 799 -25.48 27.17 6.04
CA GLN A 799 -24.57 26.10 6.45
C GLN A 799 -24.88 24.80 5.67
N ARG A 800 -23.83 24.04 5.34
CA ARG A 800 -23.99 22.74 4.71
C ARG A 800 -23.20 21.69 5.45
N GLU A 801 -23.69 20.48 5.43
CA GLU A 801 -23.06 19.29 6.00
C GLU A 801 -23.05 18.16 4.95
N MET A 802 -21.94 17.44 4.89
CA MET A 802 -21.89 16.16 4.16
C MET A 802 -21.55 15.10 5.19
N THR A 803 -22.53 14.25 5.49
CA THR A 803 -22.42 13.23 6.51
C THR A 803 -22.32 11.81 5.93
N SER A 804 -21.29 11.08 6.31
CA SER A 804 -21.12 9.72 5.84
C SER A 804 -22.24 8.80 6.32
N PRO A 805 -22.62 7.83 5.50
CA PRO A 805 -23.37 6.70 6.04
C PRO A 805 -22.53 5.99 7.08
N LEU A 806 -23.15 5.29 8.02
CA LEU A 806 -22.38 4.37 8.84
C LEU A 806 -21.62 3.46 7.85
N SER A 807 -20.33 3.28 8.08
CA SER A 807 -19.52 2.57 7.15
C SER A 807 -18.73 1.46 7.85
N LEU A 808 -19.31 0.25 7.95
CA LEU A 808 -18.54 -0.90 8.39
C LEU A 808 -17.71 -1.43 7.21
N VAL A 809 -16.41 -1.54 7.38
CA VAL A 809 -15.59 -2.26 6.39
C VAL A 809 -15.05 -3.51 7.07
N ILE A 810 -15.50 -4.68 6.63
CA ILE A 810 -14.95 -5.96 7.08
C ILE A 810 -13.79 -6.40 6.19
N SER A 811 -12.64 -6.70 6.78
CA SER A 811 -11.55 -7.45 6.10
C SER A 811 -11.50 -8.90 6.61
N ALA A 812 -11.56 -9.92 5.75
CA ALA A 812 -11.43 -11.32 6.22
C ALA A 812 -10.05 -11.85 5.92
N PHE A 813 -9.56 -12.73 6.78
CA PHE A 813 -8.20 -13.30 6.71
C PHE A 813 -8.20 -14.79 7.09
N ALA A 814 -7.38 -15.61 6.41
CA ALA A 814 -7.42 -17.06 6.66
C ALA A 814 -6.22 -17.84 6.23
N ARG A 815 -5.88 -18.81 7.04
CA ARG A 815 -5.00 -19.90 6.61
C ARG A 815 -5.60 -20.56 5.39
N VAL A 816 -4.78 -20.76 4.36
CA VAL A 816 -5.19 -21.45 3.11
C VAL A 816 -4.51 -22.82 3.05
N GLU A 817 -5.28 -23.84 2.72
CA GLU A 817 -4.82 -25.25 2.75
C GLU A 817 -4.07 -25.59 1.46
N ASP A 818 -4.46 -24.96 0.35
CA ASP A 818 -3.82 -25.24 -0.92
C ASP A 818 -4.08 -24.13 -1.89
N VAL A 819 -3.03 -23.41 -2.10
CA VAL A 819 -2.99 -22.19 -2.87
C VAL A 819 -3.39 -22.44 -4.34
N ARG A 820 -3.15 -23.66 -4.78
CA ARG A 820 -3.31 -24.02 -6.17
C ARG A 820 -4.74 -24.20 -6.57
N HIS A 821 -5.67 -24.25 -5.61
CA HIS A 821 -7.04 -24.66 -5.91
C HIS A 821 -7.97 -23.48 -5.92
N THR A 822 -7.41 -22.31 -5.72
CA THR A 822 -8.17 -21.06 -5.82
C THR A 822 -8.89 -20.90 -7.16
N LEU A 823 -10.17 -20.54 -7.16
CA LEU A 823 -10.81 -20.21 -8.46
C LEU A 823 -10.89 -18.72 -8.70
N THR A 824 -11.04 -18.34 -9.97
CA THR A 824 -11.21 -16.96 -10.35
C THR A 824 -12.48 -16.77 -11.16
N PRO A 825 -12.78 -15.54 -11.50
CA PRO A 825 -13.88 -15.37 -12.42
C PRO A 825 -13.58 -15.75 -13.86
N GLN A 826 -12.38 -16.21 -14.19
CA GLN A 826 -12.04 -16.51 -15.57
C GLN A 826 -12.90 -17.64 -16.13
N LEU A 827 -13.91 -17.33 -16.91
CA LEU A 827 -14.72 -18.41 -17.48
C LEU A 827 -13.92 -19.25 -18.47
N SER A 828 -14.41 -20.45 -18.65
CA SER A 828 -13.94 -21.37 -19.66
C SER A 828 -15.06 -21.63 -20.67
N THR A 829 -14.65 -21.92 -21.88
CA THR A 829 -15.55 -22.23 -22.94
C THR A 829 -15.62 -23.70 -23.23
N GLU A 830 -14.99 -24.52 -22.39
CA GLU A 830 -15.31 -25.96 -22.49
C GLU A 830 -16.80 -26.12 -22.20
N ASP A 831 -17.37 -27.26 -22.52
CA ASP A 831 -18.75 -27.54 -22.18
C ASP A 831 -19.03 -27.23 -20.72
N ASN A 832 -19.98 -26.33 -20.46
CA ASN A 832 -20.12 -25.79 -19.11
C ASN A 832 -21.52 -25.44 -18.73
N ALA A 833 -21.71 -25.24 -17.44
CA ALA A 833 -22.99 -24.82 -16.90
C ALA A 833 -22.71 -23.67 -15.94
N LEU A 834 -23.55 -22.64 -15.99
CA LEU A 834 -23.48 -21.53 -15.11
C LEU A 834 -24.61 -21.65 -14.14
N LEU A 835 -24.29 -21.65 -12.85
CA LEU A 835 -25.31 -21.72 -11.81
C LEU A 835 -25.22 -20.53 -10.87
N LEU A 836 -26.36 -19.89 -10.66
CA LEU A 836 -26.48 -18.86 -9.67
C LEU A 836 -26.83 -19.47 -8.31
N ILE A 837 -26.10 -19.06 -7.25
CA ILE A 837 -26.59 -19.25 -5.88
C ILE A 837 -27.16 -17.89 -5.47
N ASP A 838 -28.49 -17.83 -5.33
CA ASP A 838 -29.19 -16.59 -4.93
C ASP A 838 -29.55 -16.64 -3.48
N LEU A 839 -28.60 -16.37 -2.63
CA LEU A 839 -28.83 -16.28 -1.21
C LEU A 839 -29.82 -15.18 -0.85
N GLY A 840 -30.19 -14.37 -1.85
CA GLY A 840 -31.26 -13.42 -1.69
C GLY A 840 -32.64 -14.07 -1.61
N LYS A 841 -32.72 -15.30 -2.12
CA LYS A 841 -33.97 -16.10 -2.03
C LYS A 841 -35.16 -15.46 -2.70
N GLY A 842 -34.93 -14.78 -3.81
CA GLY A 842 -35.98 -14.09 -4.53
C GLY A 842 -36.42 -12.74 -3.98
N HIS A 843 -35.91 -12.31 -2.82
CA HIS A 843 -36.23 -10.95 -2.35
C HIS A 843 -35.90 -9.91 -3.41
N ASN A 844 -34.74 -10.02 -4.04
CA ASN A 844 -34.39 -9.12 -5.14
C ASN A 844 -34.42 -7.63 -4.80
N ALA A 845 -34.00 -7.26 -3.61
CA ALA A 845 -34.11 -5.88 -3.14
C ALA A 845 -33.25 -4.98 -3.97
N LEU A 846 -33.78 -3.78 -4.21
CA LEU A 846 -33.12 -2.76 -5.03
C LEU A 846 -32.78 -1.52 -4.28
N GLY A 847 -33.17 -1.43 -3.02
CA GLY A 847 -32.79 -0.24 -2.21
C GLY A 847 -31.29 -0.15 -1.92
N ALA A 848 -30.75 1.05 -2.00
CA ALA A 848 -29.32 1.27 -1.75
C ALA A 848 -28.42 0.39 -2.62
N THR A 849 -28.80 0.26 -3.90
CA THR A 849 -27.97 -0.38 -4.88
C THR A 849 -27.28 0.60 -5.84
N ALA A 850 -26.20 0.13 -6.42
CA ALA A 850 -25.59 0.81 -7.56
C ALA A 850 -26.66 1.34 -8.47
N LEU A 851 -27.63 0.49 -8.81
CA LEU A 851 -28.72 0.90 -9.68
C LEU A 851 -29.51 2.10 -9.15
N ALA A 852 -29.98 2.04 -7.92
CA ALA A 852 -30.65 3.20 -7.37
C ALA A 852 -29.72 4.48 -7.38
N GLN A 853 -28.46 4.34 -6.97
CA GLN A 853 -27.55 5.46 -6.89
C GLN A 853 -27.41 6.29 -8.20
N VAL A 854 -27.37 5.53 -9.25
CA VAL A 854 -27.05 6.01 -10.54
C VAL A 854 -28.29 6.64 -11.23
N TYR A 855 -29.44 6.55 -10.57
CA TYR A 855 -30.58 7.33 -10.95
C TYR A 855 -30.94 8.26 -9.77
N ARG A 856 -29.88 8.70 -9.07
CA ARG A 856 -29.99 9.67 -7.97
C ARG A 856 -31.06 9.29 -6.93
N GLN A 857 -31.19 8.01 -6.63
CA GLN A 857 -32.12 7.55 -5.62
C GLN A 857 -31.47 6.63 -4.61
N LEU A 858 -32.20 6.48 -3.53
CA LEU A 858 -31.92 5.57 -2.45
C LEU A 858 -32.85 4.36 -2.46
N GLY A 859 -34.05 4.52 -2.96
CA GLY A 859 -35.03 3.42 -3.00
C GLY A 859 -35.53 2.90 -1.67
N ASP A 860 -36.08 1.70 -1.69
CA ASP A 860 -36.97 1.24 -0.60
C ASP A 860 -36.41 0.27 0.44
N LYS A 861 -36.29 -0.99 0.08
CA LYS A 861 -35.81 -2.04 0.94
C LYS A 861 -34.45 -2.51 0.39
N PRO A 862 -33.39 -2.52 1.22
CA PRO A 862 -32.09 -3.00 0.78
C PRO A 862 -31.95 -4.51 0.89
N ALA A 863 -30.84 -5.02 0.39
CA ALA A 863 -30.46 -6.41 0.66
C ALA A 863 -30.11 -6.62 2.13
N ASP A 864 -29.98 -7.90 2.49
CA ASP A 864 -29.63 -8.33 3.82
C ASP A 864 -29.24 -9.78 3.79
N VAL A 865 -28.55 -10.24 4.82
CA VAL A 865 -28.41 -11.67 5.04
C VAL A 865 -29.82 -12.24 5.30
N ARG A 866 -30.27 -13.12 4.44
CA ARG A 866 -31.61 -13.62 4.61
C ARG A 866 -31.73 -14.86 5.46
N ASP A 867 -30.68 -15.64 5.64
CA ASP A 867 -30.82 -16.98 6.22
C ASP A 867 -29.39 -17.37 6.60
N VAL A 868 -29.08 -17.24 7.86
CA VAL A 868 -27.73 -17.46 8.36
C VAL A 868 -27.29 -18.90 8.08
N ALA A 869 -28.17 -19.86 8.33
CA ALA A 869 -27.84 -21.29 8.02
C ALA A 869 -27.46 -21.52 6.54
N GLN A 870 -28.27 -21.03 5.61
CA GLN A 870 -27.93 -21.07 4.17
C GLN A 870 -26.65 -20.30 3.80
N LEU A 871 -26.36 -19.23 4.53
CA LEU A 871 -25.09 -18.51 4.33
C LEU A 871 -23.93 -19.40 4.68
N LYS A 872 -23.99 -20.04 5.85
CA LYS A 872 -23.01 -21.06 6.22
C LYS A 872 -23.04 -22.29 5.29
N GLY A 873 -24.22 -22.75 4.91
CA GLY A 873 -24.33 -23.88 4.02
C GLY A 873 -23.61 -23.54 2.73
N PHE A 874 -23.84 -22.33 2.22
CA PHE A 874 -23.10 -21.86 1.03
C PHE A 874 -21.56 -21.93 1.18
N TYR A 875 -21.06 -21.41 2.29
CA TYR A 875 -19.63 -21.40 2.51
C TYR A 875 -19.15 -22.83 2.51
N ASP A 876 -19.85 -23.71 3.24
CA ASP A 876 -19.37 -25.10 3.36
C ASP A 876 -19.40 -25.83 2.00
N ALA A 877 -20.45 -25.60 1.24
CA ALA A 877 -20.61 -26.24 -0.02
C ALA A 877 -19.48 -25.83 -0.96
N MET A 878 -19.27 -24.52 -1.04
CA MET A 878 -18.23 -23.97 -1.85
C MET A 878 -16.93 -24.66 -1.45
N GLN A 879 -16.70 -24.84 -0.16
CA GLN A 879 -15.41 -25.44 0.27
C GLN A 879 -15.28 -26.91 -0.22
N ALA A 880 -16.40 -27.61 -0.20
CA ALA A 880 -16.48 -28.97 -0.59
C ALA A 880 -16.15 -29.07 -2.09
N LEU A 881 -16.78 -28.20 -2.87
CA LEU A 881 -16.55 -28.15 -4.31
C LEU A 881 -15.14 -27.71 -4.71
N VAL A 882 -14.56 -26.73 -3.98
CA VAL A 882 -13.17 -26.25 -4.21
C VAL A 882 -12.15 -27.34 -3.98
N ALA A 883 -12.35 -28.12 -2.92
CA ALA A 883 -11.39 -29.19 -2.50
C ALA A 883 -11.40 -30.34 -3.48
N ALA A 884 -12.58 -30.63 -4.03
CA ALA A 884 -12.83 -31.73 -4.97
C ALA A 884 -12.68 -31.30 -6.43
N ARG A 885 -12.38 -30.03 -6.68
CA ARG A 885 -12.03 -29.56 -8.04
C ARG A 885 -13.21 -29.60 -8.96
N LYS A 886 -14.39 -29.29 -8.42
CA LYS A 886 -15.67 -29.43 -9.13
C LYS A 886 -16.11 -28.13 -9.82
N LEU A 887 -15.28 -27.09 -9.73
CA LEU A 887 -15.58 -25.76 -10.23
C LEU A 887 -14.56 -25.26 -11.23
N LEU A 888 -15.07 -24.57 -12.24
CA LEU A 888 -14.26 -24.00 -13.27
C LEU A 888 -13.99 -22.56 -12.95
N ALA A 889 -14.96 -21.89 -12.32
CA ALA A 889 -14.88 -20.47 -12.01
C ALA A 889 -15.87 -20.10 -10.93
N TRP A 890 -15.58 -18.98 -10.27
CA TRP A 890 -16.46 -18.37 -9.29
C TRP A 890 -16.34 -16.87 -9.36
N HIS A 891 -17.47 -16.18 -9.19
CA HIS A 891 -17.48 -14.74 -8.95
C HIS A 891 -18.71 -14.44 -8.08
N ASP A 892 -18.52 -13.74 -6.97
CA ASP A 892 -19.67 -13.34 -6.14
C ASP A 892 -20.43 -12.12 -6.70
N ARG A 893 -21.65 -11.98 -6.19
CA ARG A 893 -22.48 -10.87 -6.49
C ARG A 893 -22.26 -9.84 -5.41
N SER A 894 -22.04 -8.60 -5.87
CA SER A 894 -21.90 -7.44 -5.03
C SER A 894 -22.40 -6.24 -5.82
N ASP A 895 -21.66 -5.13 -5.80
CA ASP A 895 -22.06 -3.93 -6.48
C ASP A 895 -22.44 -4.26 -7.92
N GLY A 896 -23.53 -3.70 -8.41
CA GLY A 896 -23.96 -3.94 -9.80
C GLY A 896 -24.69 -5.28 -10.09
N GLY A 897 -24.79 -6.16 -9.10
CA GLY A 897 -25.67 -7.32 -9.18
C GLY A 897 -25.22 -8.43 -10.12
N LEU A 898 -26.14 -9.34 -10.38
CA LEU A 898 -25.86 -10.47 -11.23
C LEU A 898 -25.41 -10.01 -12.63
N LEU A 899 -25.97 -8.88 -13.07
CA LEU A 899 -25.57 -8.33 -14.32
C LEU A 899 -24.06 -8.11 -14.33
N VAL A 900 -23.58 -7.33 -13.38
CA VAL A 900 -22.11 -7.10 -13.26
C VAL A 900 -21.30 -8.40 -13.02
N THR A 901 -21.84 -9.31 -12.20
CA THR A 901 -21.14 -10.54 -11.96
C THR A 901 -20.89 -11.27 -13.31
N LEU A 902 -21.93 -11.45 -14.09
CA LEU A 902 -21.79 -12.12 -15.38
C LEU A 902 -20.91 -11.37 -16.33
N ALA A 903 -21.02 -10.05 -16.35
CA ALA A 903 -20.26 -9.27 -17.33
C ALA A 903 -18.78 -9.41 -17.02
N GLU A 904 -18.40 -9.34 -15.72
CA GLU A 904 -17.00 -9.40 -15.31
C GLU A 904 -16.37 -10.78 -15.54
N MET A 905 -17.17 -11.84 -15.43
CA MET A 905 -16.70 -13.21 -15.74
C MET A 905 -16.40 -13.29 -17.22
N ALA A 906 -17.26 -12.67 -18.02
CA ALA A 906 -17.14 -12.74 -19.48
C ALA A 906 -15.95 -11.93 -19.89
N PHE A 907 -15.73 -10.82 -19.19
CA PHE A 907 -14.50 -10.02 -19.40
C PHE A 907 -13.23 -10.86 -19.12
N ALA A 908 -13.21 -11.55 -17.98
CA ALA A 908 -12.05 -12.30 -17.51
C ALA A 908 -11.79 -13.52 -18.38
N GLY A 909 -12.86 -14.15 -18.85
CA GLY A 909 -12.78 -15.26 -19.80
C GLY A 909 -12.71 -14.86 -21.26
N HIS A 910 -12.79 -13.55 -21.58
CA HIS A 910 -12.75 -13.10 -22.99
C HIS A 910 -13.72 -13.87 -23.90
N CYS A 911 -14.94 -14.01 -23.42
CA CYS A 911 -15.93 -14.82 -24.09
C CYS A 911 -17.33 -14.26 -23.93
N GLY A 912 -18.27 -15.03 -24.45
CA GLY A 912 -19.68 -14.66 -24.42
C GLY A 912 -20.39 -15.43 -23.34
N VAL A 913 -21.61 -15.00 -23.11
CA VAL A 913 -22.49 -15.56 -22.11
C VAL A 913 -23.92 -15.59 -22.70
N GLN A 914 -24.62 -16.70 -22.49
CA GLN A 914 -25.99 -16.86 -22.97
C GLN A 914 -26.83 -17.33 -21.78
N VAL A 915 -27.61 -16.46 -21.14
CA VAL A 915 -28.33 -16.88 -19.95
C VAL A 915 -29.85 -16.56 -19.93
N ASP A 916 -30.61 -17.35 -19.16
CA ASP A 916 -32.04 -17.13 -19.02
C ASP A 916 -32.38 -16.86 -17.58
N ILE A 917 -33.04 -15.74 -17.32
CA ILE A 917 -33.35 -15.36 -15.98
C ILE A 917 -34.88 -15.48 -15.69
N ALA A 918 -35.59 -16.33 -16.43
CA ALA A 918 -37.07 -16.43 -16.20
C ALA A 918 -37.45 -16.93 -14.83
N ALA A 919 -36.66 -17.85 -14.29
CA ALA A 919 -36.94 -18.38 -12.96
C ALA A 919 -36.68 -17.40 -11.80
N LEU A 920 -36.23 -16.19 -12.10
CA LEU A 920 -35.70 -15.26 -11.11
C LEU A 920 -36.71 -14.16 -10.81
N GLY A 921 -37.90 -14.29 -11.41
CA GLY A 921 -38.97 -13.33 -11.22
C GLY A 921 -39.40 -12.63 -12.48
N ASP A 922 -40.56 -11.97 -12.38
CA ASP A 922 -41.07 -11.21 -13.50
C ASP A 922 -40.37 -9.87 -13.55
N ASP A 923 -39.83 -9.41 -12.43
CA ASP A 923 -39.13 -8.12 -12.35
C ASP A 923 -37.65 -8.25 -12.80
N HIS A 924 -37.42 -8.24 -14.10
CA HIS A 924 -36.09 -8.43 -14.62
C HIS A 924 -35.04 -7.42 -14.10
N LEU A 925 -35.41 -6.16 -14.05
CA LEU A 925 -34.53 -5.16 -13.45
C LEU A 925 -34.03 -5.65 -12.10
N ALA A 926 -34.97 -6.07 -11.27
CA ALA A 926 -34.61 -6.41 -9.90
C ALA A 926 -33.80 -7.69 -9.82
N ALA A 927 -34.08 -8.60 -10.75
CA ALA A 927 -33.32 -9.83 -10.85
C ALA A 927 -31.85 -9.58 -11.26
N LEU A 928 -31.62 -8.62 -12.16
CA LEU A 928 -30.30 -8.39 -12.69
C LEU A 928 -29.48 -7.50 -11.80
N PHE A 929 -30.17 -6.57 -11.12
CA PHE A 929 -29.45 -5.53 -10.37
C PHE A 929 -29.52 -5.56 -8.85
N ASN A 930 -30.20 -6.54 -8.23
CA ASN A 930 -30.10 -6.63 -6.77
C ASN A 930 -28.71 -7.00 -6.37
N GLU A 931 -28.34 -6.66 -5.13
CA GLU A 931 -27.00 -6.88 -4.61
C GLU A 931 -27.07 -7.74 -3.36
N GLU A 932 -27.96 -8.73 -3.45
CA GLU A 932 -28.10 -9.78 -2.44
C GLU A 932 -26.89 -10.61 -2.58
N LEU A 933 -26.61 -11.36 -1.53
CA LEU A 933 -25.50 -12.27 -1.50
C LEU A 933 -25.68 -13.43 -2.48
N GLY A 934 -24.55 -14.01 -2.84
CA GLY A 934 -24.49 -15.13 -3.73
C GLY A 934 -23.45 -14.88 -4.81
N GLY A 935 -23.63 -15.53 -5.96
CA GLY A 935 -22.62 -15.52 -7.00
C GLY A 935 -22.98 -16.48 -8.11
N VAL A 936 -22.17 -16.50 -9.14
CA VAL A 936 -22.33 -17.51 -10.17
C VAL A 936 -21.19 -18.52 -10.08
N ILE A 937 -21.48 -19.83 -10.05
CA ILE A 937 -20.45 -20.81 -10.28
C ILE A 937 -20.48 -21.32 -11.69
N GLN A 938 -19.30 -21.51 -12.30
CA GLN A 938 -19.19 -22.36 -13.49
C GLN A 938 -18.65 -23.78 -13.18
N VAL A 939 -19.31 -24.75 -13.79
CA VAL A 939 -18.94 -26.15 -13.68
C VAL A 939 -18.94 -26.79 -15.07
N ARG A 940 -18.25 -27.91 -15.20
CA ARG A 940 -18.32 -28.75 -16.42
C ARG A 940 -19.73 -29.26 -16.59
N ALA A 941 -20.22 -29.24 -17.82
CA ALA A 941 -21.58 -29.68 -18.12
C ALA A 941 -21.87 -31.05 -17.52
N GLU A 942 -20.95 -31.98 -17.71
CA GLU A 942 -21.09 -33.30 -17.12
C GLU A 942 -21.20 -33.34 -15.57
N ASP A 943 -20.77 -32.30 -14.85
CA ASP A 943 -20.93 -32.26 -13.38
C ASP A 943 -22.17 -31.51 -12.89
N ARG A 944 -23.00 -30.97 -13.77
CA ARG A 944 -24.07 -30.10 -13.31
C ARG A 944 -25.00 -30.75 -12.29
N ASP A 945 -25.42 -31.97 -12.55
CA ASP A 945 -26.36 -32.65 -11.67
C ASP A 945 -25.79 -32.94 -10.28
N ALA A 946 -24.55 -33.42 -10.28
CA ALA A 946 -23.85 -33.78 -9.07
C ALA A 946 -23.63 -32.52 -8.23
N VAL A 947 -23.22 -31.44 -8.89
CA VAL A 947 -23.10 -30.14 -8.21
C VAL A 947 -24.46 -29.64 -7.62
N GLU A 948 -25.53 -29.67 -8.40
CA GLU A 948 -26.85 -29.28 -7.88
C GLU A 948 -27.23 -30.19 -6.69
N ALA A 949 -26.97 -31.50 -6.77
CA ALA A 949 -27.28 -32.44 -5.68
C ALA A 949 -26.54 -32.12 -4.35
N LEU A 950 -25.23 -31.91 -4.45
CA LEU A 950 -24.40 -31.38 -3.35
C LEU A 950 -24.93 -30.05 -2.78
N LEU A 951 -25.20 -29.07 -3.63
CA LEU A 951 -25.75 -27.80 -3.10
C LEU A 951 -27.05 -28.11 -2.40
N ALA A 952 -27.85 -29.06 -2.88
CA ALA A 952 -29.14 -29.40 -2.21
C ALA A 952 -28.90 -30.01 -0.84
N GLN A 953 -27.83 -30.79 -0.71
CA GLN A 953 -27.47 -31.39 0.56
C GLN A 953 -27.12 -30.39 1.62
N TYR A 954 -26.62 -29.21 1.27
CA TYR A 954 -26.33 -28.15 2.26
C TYR A 954 -27.49 -27.19 2.31
N GLY A 955 -28.65 -27.59 1.84
CA GLY A 955 -29.87 -26.82 2.07
C GLY A 955 -30.14 -25.74 1.05
N LEU A 956 -29.43 -25.79 -0.06
CA LEU A 956 -29.43 -24.68 -0.99
C LEU A 956 -30.36 -24.84 -2.15
N ALA A 957 -31.09 -25.94 -2.23
CA ALA A 957 -31.89 -26.29 -3.42
C ALA A 957 -32.62 -25.15 -4.07
N ASP A 958 -33.40 -24.40 -3.32
CA ASP A 958 -34.38 -23.50 -3.94
C ASP A 958 -33.82 -22.16 -4.37
N CYS A 959 -32.62 -21.80 -3.94
CA CYS A 959 -31.95 -20.62 -4.45
C CYS A 959 -30.87 -20.92 -5.50
N VAL A 960 -30.72 -22.18 -5.89
CA VAL A 960 -29.80 -22.53 -6.95
C VAL A 960 -30.51 -22.51 -8.27
N HIS A 961 -30.00 -21.81 -9.28
CA HIS A 961 -30.69 -21.65 -10.54
C HIS A 961 -29.76 -21.88 -11.71
N TYR A 962 -30.11 -22.81 -12.60
CA TYR A 962 -29.36 -22.96 -13.85
C TYR A 962 -29.66 -21.69 -14.70
N LEU A 963 -28.60 -21.04 -15.23
CA LEU A 963 -28.69 -19.80 -16.01
C LEU A 963 -28.41 -20.06 -17.48
N GLY A 964 -27.52 -20.99 -17.77
CA GLY A 964 -27.07 -21.17 -19.14
C GLY A 964 -25.59 -21.40 -19.20
N GLN A 965 -24.95 -20.82 -20.20
CA GLN A 965 -23.55 -21.19 -20.47
C GLN A 965 -22.73 -20.06 -21.00
N ALA A 966 -21.43 -20.10 -20.71
CA ALA A 966 -20.40 -19.38 -21.48
C ALA A 966 -20.14 -20.02 -22.84
N LEU A 967 -20.02 -19.16 -23.85
CA LEU A 967 -19.79 -19.53 -25.25
C LEU A 967 -18.63 -18.73 -25.86
N ALA A 968 -17.89 -19.35 -26.78
CA ALA A 968 -16.87 -18.59 -27.50
C ALA A 968 -17.57 -17.40 -28.17
N GLY A 969 -16.87 -16.27 -28.26
CA GLY A 969 -17.38 -15.15 -29.02
C GLY A 969 -17.58 -13.91 -28.18
N ASP A 970 -18.35 -12.97 -28.71
CA ASP A 970 -18.43 -11.63 -28.16
C ASP A 970 -19.88 -11.23 -27.86
N ARG A 971 -20.76 -12.20 -27.74
CA ARG A 971 -22.15 -11.92 -27.41
C ARG A 971 -22.46 -12.12 -25.91
N PHE A 972 -22.95 -11.06 -25.28
CA PHE A 972 -23.52 -11.07 -23.92
C PHE A 972 -25.02 -10.95 -24.07
N VAL A 973 -25.71 -12.06 -23.83
CA VAL A 973 -27.13 -12.20 -24.12
C VAL A 973 -27.89 -12.68 -22.89
N ILE A 974 -28.97 -11.97 -22.58
CA ILE A 974 -29.86 -12.31 -21.48
C ILE A 974 -31.30 -12.41 -21.95
N THR A 975 -31.83 -13.63 -21.82
CA THR A 975 -33.17 -13.96 -22.19
C THR A 975 -34.05 -14.17 -20.95
N ALA A 976 -35.36 -14.21 -21.20
CA ALA A 976 -36.36 -14.62 -20.24
C ALA A 976 -37.42 -15.36 -21.05
N ASN A 977 -37.36 -16.68 -20.90
CA ASN A 977 -37.78 -17.68 -21.89
C ASN A 977 -37.76 -17.15 -23.35
N ASP A 978 -38.86 -16.76 -23.99
CA ASP A 978 -38.71 -16.37 -25.42
C ASP A 978 -38.38 -14.91 -25.72
N GLN A 979 -38.30 -14.07 -24.71
CA GLN A 979 -38.04 -12.66 -24.88
C GLN A 979 -36.50 -12.45 -24.68
N THR A 980 -35.89 -11.54 -25.45
CA THR A 980 -34.54 -11.07 -25.20
C THR A 980 -34.57 -9.86 -24.24
N VAL A 981 -33.91 -9.98 -23.08
CA VAL A 981 -33.97 -8.94 -22.10
C VAL A 981 -32.94 -7.92 -22.43
N PHE A 982 -31.74 -8.43 -22.72
CA PHE A 982 -30.62 -7.54 -22.97
C PHE A 982 -29.62 -8.26 -23.84
N SER A 983 -29.04 -7.54 -24.78
CA SER A 983 -28.11 -8.15 -25.72
C SER A 983 -27.14 -7.03 -26.17
N GLU A 984 -25.83 -7.24 -25.97
CA GLU A 984 -24.77 -6.35 -26.43
C GLU A 984 -23.52 -7.15 -26.70
N SER A 985 -22.59 -6.50 -27.39
CA SER A 985 -21.22 -6.92 -27.55
C SER A 985 -20.54 -6.98 -26.19
N ARG A 986 -19.92 -8.11 -25.85
CA ARG A 986 -19.17 -8.18 -24.59
C ARG A 986 -18.03 -7.12 -24.59
N THR A 987 -17.39 -6.97 -25.73
CA THR A 987 -16.39 -5.97 -25.86
C THR A 987 -16.91 -4.55 -25.61
N THR A 988 -18.04 -4.18 -26.18
CA THR A 988 -18.63 -2.85 -25.88
C THR A 988 -18.80 -2.63 -24.36
N LEU A 989 -19.46 -3.59 -23.71
CA LEU A 989 -19.60 -3.56 -22.25
C LEU A 989 -18.25 -3.38 -21.53
N ARG A 990 -17.25 -4.11 -22.02
CA ARG A 990 -15.95 -4.15 -21.38
C ARG A 990 -15.20 -2.82 -21.50
N VAL A 991 -15.37 -2.16 -22.65
CA VAL A 991 -14.80 -0.87 -22.87
C VAL A 991 -15.53 0.15 -21.99
N TRP A 992 -16.86 0.09 -21.91
CA TRP A 992 -17.62 1.04 -21.03
C TRP A 992 -17.15 0.92 -19.63
N TRP A 993 -16.99 -0.33 -19.21
CA TRP A 993 -16.57 -0.65 -17.85
C TRP A 993 -15.18 -0.11 -17.55
N ALA A 994 -14.35 0.01 -18.60
CA ALA A 994 -12.98 0.59 -18.55
C ALA A 994 -12.93 2.12 -18.61
N GLU A 995 -14.03 2.81 -18.89
CA GLU A 995 -13.86 4.22 -19.19
C GLU A 995 -13.38 5.01 -18.00
N THR A 996 -13.69 4.51 -16.78
CA THR A 996 -13.39 5.28 -15.60
C THR A 996 -11.85 5.27 -15.41
N THR A 997 -11.24 4.08 -15.45
CA THR A 997 -9.81 3.97 -15.26
C THR A 997 -9.04 4.66 -16.39
N TRP A 998 -9.58 4.56 -17.61
CA TRP A 998 -9.04 5.31 -18.75
C TRP A 998 -9.03 6.80 -18.46
N GLN A 999 -10.14 7.34 -17.98
CA GLN A 999 -10.15 8.75 -17.74
C GLN A 999 -9.21 9.12 -16.59
N MET A 1000 -9.07 8.22 -15.61
CA MET A 1000 -8.21 8.56 -14.48
C MET A 1000 -6.75 8.47 -14.94
N GLN A 1001 -6.41 7.38 -15.63
CA GLN A 1001 -5.07 7.29 -16.22
C GLN A 1001 -4.78 8.50 -17.18
N ARG A 1002 -5.70 8.83 -18.07
CA ARG A 1002 -5.54 9.99 -18.95
C ARG A 1002 -5.18 11.30 -18.20
N LEU A 1003 -5.77 11.56 -17.03
CA LEU A 1003 -5.51 12.87 -16.38
C LEU A 1003 -4.37 12.80 -15.33
N ARG A 1004 -3.93 11.60 -15.01
CA ARG A 1004 -2.93 11.42 -14.00
C ARG A 1004 -1.56 11.09 -14.59
N ASP A 1005 -1.56 10.42 -15.74
CA ASP A 1005 -0.36 9.79 -16.35
C ASP A 1005 -0.15 10.40 -17.71
N ASN A 1006 0.78 9.85 -18.49
CA ASN A 1006 0.94 10.27 -19.89
C ASN A 1006 -0.30 9.91 -20.68
N PRO A 1007 -1.00 10.91 -21.26
CA PRO A 1007 -2.28 10.53 -21.89
C PRO A 1007 -2.12 9.54 -23.03
N GLN A 1008 -1.03 9.63 -23.74
CA GLN A 1008 -0.80 8.74 -24.88
C GLN A 1008 -0.84 7.24 -24.46
N CYS A 1009 -0.19 6.93 -23.35
CA CYS A 1009 -0.22 5.61 -22.73
C CYS A 1009 -1.63 5.18 -22.26
N ALA A 1010 -2.34 6.05 -21.55
CA ALA A 1010 -3.65 5.70 -21.09
C ALA A 1010 -4.58 5.33 -22.26
N ASP A 1011 -4.42 6.02 -23.37
CA ASP A 1011 -5.28 5.80 -24.53
C ASP A 1011 -4.92 4.48 -25.23
N GLN A 1012 -3.62 4.23 -25.35
CA GLN A 1012 -3.17 3.02 -25.91
C GLN A 1012 -3.73 1.83 -25.12
N GLU A 1013 -3.69 1.92 -23.80
CA GLU A 1013 -4.10 0.81 -22.96
C GLU A 1013 -5.58 0.62 -23.16
N HIS A 1014 -6.28 1.74 -23.16
CA HIS A 1014 -7.72 1.67 -23.30
C HIS A 1014 -8.17 1.12 -24.64
N GLU A 1015 -7.54 1.59 -25.69
CA GLU A 1015 -7.89 1.19 -27.02
C GLU A 1015 -7.57 -0.30 -27.30
N ALA A 1016 -6.44 -0.84 -26.81
CA ALA A 1016 -6.21 -2.31 -26.91
C ALA A 1016 -7.38 -3.16 -26.40
N LYS A 1017 -8.15 -2.68 -25.43
CA LYS A 1017 -9.22 -3.49 -24.87
C LYS A 1017 -10.37 -3.71 -25.86
N ALA A 1018 -10.50 -2.83 -26.86
CA ALA A 1018 -11.58 -2.89 -27.86
C ALA A 1018 -11.32 -3.93 -28.99
N ASN A 1019 -10.10 -4.44 -29.05
CA ASN A 1019 -9.73 -5.38 -30.08
C ASN A 1019 -9.97 -6.81 -29.60
N ASP A 1020 -11.13 -7.36 -29.97
CA ASP A 1020 -11.55 -8.69 -29.52
C ASP A 1020 -10.58 -9.76 -29.95
N THR A 1021 -9.77 -9.49 -30.95
CA THR A 1021 -8.87 -10.49 -31.46
C THR A 1021 -7.67 -10.70 -30.53
N ASP A 1022 -7.52 -9.84 -29.52
CA ASP A 1022 -6.39 -10.00 -28.57
C ASP A 1022 -6.40 -11.43 -28.01
N PRO A 1023 -5.35 -12.24 -28.28
CA PRO A 1023 -5.33 -13.62 -27.74
C PRO A 1023 -4.93 -13.70 -26.28
N GLY A 1024 -4.63 -12.58 -25.67
CA GLY A 1024 -4.16 -12.57 -24.32
C GLY A 1024 -2.78 -13.19 -24.25
N LEU A 1025 -2.23 -13.18 -23.04
CA LEU A 1025 -0.94 -13.78 -22.77
C LEU A 1025 -0.91 -15.22 -23.24
N ASN A 1026 0.15 -15.60 -23.91
CA ASN A 1026 0.34 -16.97 -24.39
C ASN A 1026 1.84 -17.21 -24.43
N VAL A 1027 2.21 -18.48 -24.45
CA VAL A 1027 3.56 -18.92 -24.22
C VAL A 1027 4.14 -19.68 -25.41
N LYS A 1028 5.45 -19.62 -25.63
CA LYS A 1028 6.14 -20.49 -26.62
C LYS A 1028 7.44 -20.87 -25.97
N LEU A 1029 7.73 -22.16 -25.80
CA LEU A 1029 8.96 -22.55 -25.13
C LEU A 1029 9.97 -23.28 -26.03
N SER A 1030 11.23 -22.81 -26.03
CA SER A 1030 12.28 -23.43 -26.84
C SER A 1030 12.99 -24.56 -26.11
N PHE A 1031 12.48 -24.98 -24.96
CA PHE A 1031 13.19 -25.97 -24.08
C PHE A 1031 12.22 -26.58 -23.11
N ASP A 1032 12.68 -27.57 -22.39
CA ASP A 1032 11.85 -28.32 -21.48
C ASP A 1032 11.93 -27.67 -20.08
N ILE A 1033 10.85 -26.98 -19.76
CA ILE A 1033 10.59 -26.29 -18.48
C ILE A 1033 10.75 -27.24 -17.26
N ASN A 1034 10.50 -28.55 -17.44
CA ASN A 1034 10.69 -29.54 -16.34
C ASN A 1034 12.08 -30.20 -16.27
N GLU A 1035 12.99 -29.86 -17.17
CA GLU A 1035 14.23 -30.54 -17.11
C GLU A 1035 15.21 -29.80 -16.21
N ASP A 1036 15.54 -30.38 -15.07
CA ASP A 1036 16.51 -29.75 -14.15
C ASP A 1036 17.94 -29.97 -14.61
N ILE A 1037 18.41 -29.09 -15.47
CA ILE A 1037 19.77 -29.24 -16.00
C ILE A 1037 20.86 -29.04 -14.97
N ALA A 1038 20.50 -28.52 -13.79
CA ALA A 1038 21.43 -28.38 -12.68
C ALA A 1038 21.49 -29.60 -11.79
N ALA A 1039 20.66 -30.60 -12.01
CA ALA A 1039 20.55 -31.71 -11.05
C ALA A 1039 21.80 -32.58 -10.93
N PRO A 1040 22.51 -32.86 -12.05
CA PRO A 1040 23.75 -33.59 -11.84
C PRO A 1040 24.68 -32.87 -10.89
N TYR A 1041 24.65 -31.53 -10.87
CA TYR A 1041 25.59 -30.77 -10.04
C TYR A 1041 25.14 -30.72 -8.57
N ILE A 1042 23.86 -30.41 -8.36
CA ILE A 1042 23.27 -30.46 -7.00
C ILE A 1042 23.56 -31.82 -6.35
N ALA A 1043 23.41 -32.87 -7.12
CA ALA A 1043 23.59 -34.27 -6.70
C ALA A 1043 24.98 -34.60 -6.13
N THR A 1044 26.01 -33.82 -6.54
CA THR A 1044 27.36 -33.97 -5.97
C THR A 1044 27.51 -33.36 -4.59
N GLY A 1045 26.60 -32.46 -4.21
CA GLY A 1045 26.66 -31.77 -2.92
C GLY A 1045 27.60 -30.57 -2.92
N ALA A 1046 28.31 -30.34 -4.02
CA ALA A 1046 29.14 -29.14 -4.19
C ALA A 1046 28.28 -27.89 -4.52
N ARG A 1047 28.30 -26.89 -3.61
CA ARG A 1047 27.42 -25.75 -3.75
C ARG A 1047 28.15 -24.42 -3.87
N PRO A 1048 28.35 -23.95 -5.11
CA PRO A 1048 28.99 -22.66 -5.31
C PRO A 1048 28.23 -21.55 -4.60
N LYS A 1049 28.97 -20.62 -4.00
CA LYS A 1049 28.36 -19.48 -3.34
C LYS A 1049 27.89 -18.47 -4.38
N VAL A 1050 26.82 -17.76 -4.06
CA VAL A 1050 26.46 -16.59 -4.82
C VAL A 1050 26.29 -15.42 -3.83
N ALA A 1051 26.97 -14.33 -4.16
CA ALA A 1051 26.84 -13.09 -3.41
C ALA A 1051 25.49 -12.45 -3.72
N VAL A 1052 24.53 -12.52 -2.81
CA VAL A 1052 23.24 -11.89 -3.02
C VAL A 1052 23.39 -10.50 -2.42
N LEU A 1053 23.58 -9.55 -3.31
CA LEU A 1053 24.07 -8.22 -2.93
C LEU A 1053 22.89 -7.29 -2.68
N ARG A 1054 22.85 -6.64 -1.52
CA ARG A 1054 21.83 -5.66 -1.27
C ARG A 1054 22.39 -4.37 -0.70
N GLU A 1055 21.71 -3.26 -1.00
CA GLU A 1055 21.97 -1.96 -0.42
C GLU A 1055 20.78 -1.62 0.47
N GLN A 1056 20.94 -0.69 1.43
CA GLN A 1056 19.77 -0.22 2.18
C GLN A 1056 18.68 0.12 1.18
N GLY A 1057 17.45 -0.33 1.43
CA GLY A 1057 16.34 -0.07 0.53
C GLY A 1057 15.98 -1.25 -0.37
N VAL A 1058 16.88 -2.20 -0.46
CA VAL A 1058 16.66 -3.40 -1.28
C VAL A 1058 15.59 -4.23 -0.59
N ASN A 1059 14.72 -4.85 -1.41
CA ASN A 1059 13.61 -5.59 -0.89
C ASN A 1059 13.28 -6.90 -1.57
N SER A 1060 13.97 -7.25 -2.63
CA SER A 1060 13.65 -8.49 -3.33
C SER A 1060 14.70 -9.61 -3.16
N HIS A 1061 15.53 -9.49 -2.13
CA HIS A 1061 16.70 -10.36 -1.98
C HIS A 1061 16.43 -11.79 -1.49
N VAL A 1062 15.38 -11.98 -0.68
CA VAL A 1062 15.04 -13.28 -0.16
C VAL A 1062 14.62 -14.23 -1.31
N GLU A 1063 13.78 -13.76 -2.20
CA GLU A 1063 13.35 -14.62 -3.26
C GLU A 1063 14.44 -14.81 -4.32
N MET A 1064 15.32 -13.81 -4.48
CA MET A 1064 16.47 -13.97 -5.37
C MET A 1064 17.35 -15.12 -4.82
N ALA A 1065 17.55 -15.11 -3.51
CA ALA A 1065 18.39 -16.09 -2.86
C ALA A 1065 17.75 -17.45 -2.97
N ALA A 1066 16.45 -17.52 -2.78
CA ALA A 1066 15.70 -18.79 -2.90
C ALA A 1066 15.77 -19.40 -4.31
N ALA A 1067 15.80 -18.57 -5.36
CA ALA A 1067 15.94 -19.08 -6.71
C ALA A 1067 17.33 -19.63 -6.96
N PHE A 1068 18.36 -18.94 -6.48
CA PHE A 1068 19.70 -19.46 -6.68
C PHE A 1068 19.81 -20.78 -5.87
N HIS A 1069 19.13 -20.85 -4.74
CA HIS A 1069 19.22 -22.01 -3.86
C HIS A 1069 18.66 -23.25 -4.54
N ARG A 1070 17.47 -23.11 -5.15
CA ARG A 1070 16.86 -24.22 -5.90
C ARG A 1070 17.78 -24.69 -7.00
N ALA A 1071 18.54 -23.79 -7.61
CA ALA A 1071 19.52 -24.22 -8.64
C ALA A 1071 20.83 -24.75 -8.08
N GLY A 1072 20.95 -24.87 -6.76
CA GLY A 1072 22.10 -25.55 -6.18
C GLY A 1072 23.24 -24.68 -5.67
N PHE A 1073 22.94 -23.41 -5.44
CA PHE A 1073 23.92 -22.44 -4.93
C PHE A 1073 23.80 -22.30 -3.41
N ASP A 1074 24.87 -21.93 -2.73
CA ASP A 1074 24.77 -21.40 -1.35
C ASP A 1074 24.59 -19.89 -1.44
N ALA A 1075 23.39 -19.40 -1.12
CA ALA A 1075 23.14 -17.99 -1.25
C ALA A 1075 23.65 -17.34 0.01
N ILE A 1076 24.50 -16.33 -0.18
CA ILE A 1076 25.06 -15.54 0.91
C ILE A 1076 24.53 -14.10 0.92
N ASP A 1077 24.25 -13.59 2.11
CA ASP A 1077 23.69 -12.25 2.25
C ASP A 1077 24.83 -11.23 2.29
N VAL A 1078 25.09 -10.53 1.21
CA VAL A 1078 26.14 -9.52 1.20
C VAL A 1078 25.47 -8.15 1.18
N HIS A 1079 25.50 -7.48 2.32
CA HIS A 1079 25.01 -6.12 2.36
C HIS A 1079 26.18 -5.23 1.97
N MET A 1080 25.90 -4.12 1.34
CA MET A 1080 26.98 -3.23 1.01
C MET A 1080 27.81 -2.86 2.24
N SER A 1081 27.21 -2.80 3.41
CA SER A 1081 27.96 -2.43 4.63
C SER A 1081 28.95 -3.51 4.96
N ASP A 1082 28.64 -4.74 4.60
CA ASP A 1082 29.58 -5.80 4.73
C ASP A 1082 30.82 -5.58 3.87
N LEU A 1083 30.66 -4.96 2.69
CA LEU A 1083 31.80 -4.77 1.78
C LEU A 1083 32.56 -3.58 2.26
N LEU A 1084 31.86 -2.50 2.60
CA LEU A 1084 32.54 -1.35 3.26
C LEU A 1084 33.30 -1.70 4.56
N GLY A 1085 32.77 -2.54 5.42
CA GLY A 1085 33.52 -2.96 6.62
C GLY A 1085 34.45 -4.15 6.40
N GLY A 1086 34.80 -4.50 5.19
CA GLY A 1086 35.66 -5.63 4.99
C GLY A 1086 35.22 -6.97 5.56
N ARG A 1087 33.95 -7.16 5.91
CA ARG A 1087 33.54 -8.47 6.43
C ARG A 1087 33.40 -9.51 5.31
N ILE A 1088 33.23 -9.07 4.06
CA ILE A 1088 33.05 -9.99 2.94
C ILE A 1088 33.96 -9.42 1.85
N GLY A 1089 34.37 -10.25 0.91
CA GLY A 1089 35.20 -9.81 -0.20
C GLY A 1089 34.84 -10.67 -1.39
N LEU A 1090 34.51 -10.01 -2.49
CA LEU A 1090 34.09 -10.66 -3.72
C LEU A 1090 35.10 -11.65 -4.26
N GLY A 1091 36.33 -11.53 -3.83
CA GLY A 1091 37.35 -12.45 -4.26
C GLY A 1091 37.10 -13.92 -4.00
N ASN A 1092 36.25 -14.23 -3.02
CA ASN A 1092 35.81 -15.62 -2.68
C ASN A 1092 34.57 -16.12 -3.40
N PHE A 1093 34.03 -15.30 -4.30
CA PHE A 1093 32.84 -15.66 -5.04
C PHE A 1093 33.16 -15.79 -6.54
N HIS A 1094 32.45 -16.71 -7.18
CA HIS A 1094 32.39 -16.75 -8.62
C HIS A 1094 31.08 -16.25 -9.19
N ALA A 1095 30.12 -15.89 -8.34
CA ALA A 1095 28.80 -15.42 -8.81
C ALA A 1095 28.22 -14.35 -7.89
N LEU A 1096 27.69 -13.30 -8.54
CA LEU A 1096 27.17 -12.13 -7.91
C LEU A 1096 25.80 -11.77 -8.53
N VAL A 1097 24.85 -11.44 -7.68
CA VAL A 1097 23.60 -10.89 -8.11
C VAL A 1097 23.25 -9.65 -7.33
N ALA A 1098 22.92 -8.60 -8.07
CA ALA A 1098 22.42 -7.34 -7.51
C ALA A 1098 20.88 -7.33 -7.58
N CYS A 1099 20.24 -7.18 -6.42
CA CYS A 1099 18.81 -7.38 -6.26
C CYS A 1099 17.91 -6.14 -6.47
N GLY A 1100 16.61 -6.40 -6.50
CA GLY A 1100 15.61 -5.38 -6.65
C GLY A 1100 15.22 -4.63 -5.41
N GLY A 1101 14.62 -3.47 -5.67
CA GLY A 1101 14.10 -2.62 -4.64
C GLY A 1101 14.20 -1.12 -4.96
N PHE A 1102 14.27 -0.35 -3.88
CA PHE A 1102 14.32 1.08 -3.92
C PHE A 1102 15.46 1.53 -3.02
N SER A 1103 16.67 1.11 -3.31
CA SER A 1103 17.83 1.67 -2.63
C SER A 1103 17.83 3.20 -2.64
N TYR A 1104 18.04 3.74 -1.45
CA TYR A 1104 17.84 5.15 -1.19
C TYR A 1104 16.51 5.76 -1.75
N GLY A 1105 15.47 4.95 -1.87
CA GLY A 1105 14.17 5.44 -2.38
C GLY A 1105 14.27 5.95 -3.83
N ASP A 1106 15.22 5.39 -4.58
CA ASP A 1106 15.48 5.82 -5.95
C ASP A 1106 15.95 7.28 -6.06
N VAL A 1107 16.32 7.92 -4.95
CA VAL A 1107 16.57 9.34 -4.98
C VAL A 1107 17.95 9.58 -5.61
N LEU A 1108 18.03 10.64 -6.41
CA LEU A 1108 19.15 10.90 -7.29
C LEU A 1108 19.23 9.87 -8.44
N GLY A 1109 18.12 9.17 -8.66
CA GLY A 1109 17.97 8.36 -9.86
C GLY A 1109 18.14 6.96 -9.41
N ALA A 1110 17.23 6.13 -9.87
CA ALA A 1110 17.17 4.76 -9.41
C ALA A 1110 18.49 4.08 -9.68
N GLY A 1111 19.13 3.57 -8.62
CA GLY A 1111 20.36 2.77 -8.70
C GLY A 1111 21.63 3.58 -8.55
N GLU A 1112 21.49 4.91 -8.58
CA GLU A 1112 22.64 5.80 -8.64
C GLU A 1112 23.41 5.91 -7.36
N GLY A 1113 22.73 5.98 -6.22
CA GLY A 1113 23.47 6.14 -4.95
C GLY A 1113 24.24 4.86 -4.64
N TRP A 1114 23.58 3.76 -4.90
CA TRP A 1114 24.16 2.45 -4.71
C TRP A 1114 25.49 2.30 -5.52
N ALA A 1115 25.38 2.58 -6.79
CA ALA A 1115 26.48 2.50 -7.71
C ALA A 1115 27.59 3.50 -7.37
N LYS A 1116 27.19 4.74 -7.08
CA LYS A 1116 28.16 5.78 -6.82
C LYS A 1116 28.84 5.62 -5.48
N SER A 1117 28.19 4.99 -4.50
CA SER A 1117 28.88 4.66 -3.27
C SER A 1117 29.96 3.57 -3.48
N ILE A 1118 29.72 2.70 -4.45
CA ILE A 1118 30.74 1.77 -4.89
C ILE A 1118 31.84 2.55 -5.59
N LEU A 1119 31.45 3.37 -6.57
CA LEU A 1119 32.46 4.06 -7.38
C LEU A 1119 33.36 5.01 -6.57
N PHE A 1120 32.76 5.83 -5.71
CA PHE A 1120 33.49 6.84 -4.96
C PHE A 1120 34.14 6.30 -3.69
N ASN A 1121 34.00 5.01 -3.41
CA ASN A 1121 34.93 4.35 -2.48
C ASN A 1121 35.95 3.48 -3.26
N HIS A 1122 37.20 3.91 -3.30
CA HIS A 1122 38.15 3.36 -4.26
C HIS A 1122 38.50 1.88 -4.02
N ARG A 1123 38.39 1.48 -2.77
CA ARG A 1123 38.71 0.15 -2.37
C ARG A 1123 37.60 -0.84 -2.70
N VAL A 1124 36.34 -0.45 -2.48
CA VAL A 1124 35.21 -1.29 -2.94
C VAL A 1124 35.02 -1.24 -4.47
N ARG A 1125 35.21 -0.06 -5.05
CA ARG A 1125 35.26 0.09 -6.48
C ARG A 1125 36.18 -0.97 -7.07
N ASP A 1126 37.39 -1.12 -6.48
CA ASP A 1126 38.39 -2.07 -6.98
C ASP A 1126 37.99 -3.49 -6.80
N GLU A 1127 37.29 -3.73 -5.71
CA GLU A 1127 36.76 -5.02 -5.45
C GLU A 1127 35.80 -5.43 -6.58
N PHE A 1128 34.92 -4.52 -7.00
CA PHE A 1128 33.95 -4.87 -8.06
C PHE A 1128 34.67 -4.96 -9.45
N GLU A 1129 35.55 -4.02 -9.74
CA GLU A 1129 36.29 -4.07 -10.99
C GLU A 1129 37.05 -5.44 -11.14
N THR A 1130 37.80 -5.81 -10.12
CA THR A 1130 38.54 -7.07 -10.11
C THR A 1130 37.61 -8.26 -10.37
N PHE A 1131 36.47 -8.32 -9.68
CA PHE A 1131 35.49 -9.37 -9.90
C PHE A 1131 35.10 -9.49 -11.36
N PHE A 1132 34.68 -8.37 -11.93
CA PHE A 1132 34.16 -8.36 -13.28
C PHE A 1132 35.28 -8.64 -14.28
N HIS A 1133 36.52 -8.33 -13.90
CA HIS A 1133 37.61 -8.51 -14.83
C HIS A 1133 38.18 -9.93 -14.76
N ARG A 1134 37.81 -10.72 -13.75
CA ARG A 1134 38.23 -12.13 -13.70
C ARG A 1134 37.54 -12.94 -14.80
N PRO A 1135 38.17 -14.02 -15.28
CA PRO A 1135 37.62 -14.65 -16.51
C PRO A 1135 36.42 -15.61 -16.29
N GLN A 1136 36.19 -16.01 -15.04
CA GLN A 1136 35.19 -17.03 -14.80
C GLN A 1136 34.05 -16.62 -13.88
N THR A 1137 33.94 -15.34 -13.61
CA THR A 1137 32.86 -14.83 -12.81
C THR A 1137 31.58 -14.59 -13.64
N LEU A 1138 30.45 -14.68 -12.96
CA LEU A 1138 29.17 -14.41 -13.57
C LEU A 1138 28.46 -13.37 -12.71
N ALA A 1139 27.72 -12.45 -13.35
CA ALA A 1139 26.86 -11.57 -12.59
C ALA A 1139 25.53 -11.32 -13.26
N LEU A 1140 24.53 -11.14 -12.42
CA LEU A 1140 23.18 -10.84 -12.79
C LEU A 1140 22.80 -9.57 -12.05
N GLY A 1141 22.05 -8.71 -12.70
CA GLY A 1141 21.48 -7.57 -12.00
C GLY A 1141 20.03 -7.46 -12.38
N VAL A 1142 19.13 -7.48 -11.41
CA VAL A 1142 17.72 -7.46 -11.70
C VAL A 1142 17.13 -6.20 -11.13
N CYG A 1143 16.46 -5.42 -11.96
CA CYG A 1143 15.68 -4.25 -11.59
C CYG A 1143 16.56 -3.18 -10.95
O CYG A 1143 17.42 -2.62 -11.62
CB CYG A 1143 14.43 -4.72 -10.84
SG CYG A 1143 13.10 -3.52 -11.02
N1 CYG A 1143 12.72 1.15 -7.68
CA1 CYG A 1143 13.18 1.01 -9.06
CB1 CYG A 1143 13.59 -0.44 -9.28
CG1 CYG A 1143 12.47 -1.47 -9.05
CD1 CYG A 1143 13.10 -2.86 -9.38
OE2 CYG A 1143 13.62 -3.42 -8.38
C1 CYG A 1143 12.10 1.42 -10.03
O1 CYG A 1143 12.36 1.63 -11.22
O2 CYG A 1143 10.94 1.52 -9.63
N ASN A 1144 16.36 -2.86 -9.66
CA ASN A 1144 17.29 -1.93 -9.01
C ASN A 1144 18.71 -2.33 -9.29
N GLY A 1145 18.96 -3.63 -9.35
CA GLY A 1145 20.30 -4.15 -9.68
C GLY A 1145 20.72 -3.97 -11.13
N CYS A 1146 19.75 -4.00 -12.03
CA CYS A 1146 20.01 -3.72 -13.42
C CYS A 1146 20.44 -2.24 -13.51
N GLN A 1147 19.68 -1.37 -12.84
CA GLN A 1147 19.95 0.03 -12.81
C GLN A 1147 21.32 0.30 -12.19
N MET A 1148 21.60 -0.22 -10.99
CA MET A 1148 22.90 0.00 -10.36
C MET A 1148 24.07 -0.38 -11.29
N MET A 1149 23.98 -1.54 -11.93
CA MET A 1149 25.08 -2.08 -12.76
C MET A 1149 25.29 -1.22 -14.00
N SER A 1150 24.18 -0.73 -14.55
CA SER A 1150 24.25 0.18 -15.68
C SER A 1150 24.90 1.48 -15.30
N ASN A 1151 25.00 1.78 -14.00
CA ASN A 1151 25.58 3.03 -13.48
C ASN A 1151 27.03 2.85 -13.02
N LEU A 1152 27.55 1.65 -13.21
CA LEU A 1152 28.93 1.22 -12.90
C LEU A 1152 29.57 0.65 -14.15
N ARG A 1153 28.94 0.85 -15.30
CA ARG A 1153 29.47 0.36 -16.59
C ARG A 1153 31.01 0.42 -16.68
N GLU A 1154 31.64 1.54 -16.28
CA GLU A 1154 33.09 1.68 -16.32
C GLU A 1154 33.86 0.55 -15.65
N LEU A 1155 33.27 -0.13 -14.70
CA LEU A 1155 33.92 -1.30 -14.07
C LEU A 1155 33.77 -2.63 -14.83
N ILE A 1156 32.94 -2.65 -15.88
CA ILE A 1156 32.53 -3.92 -16.51
C ILE A 1156 33.05 -4.10 -17.94
N PRO A 1157 33.91 -5.10 -18.22
CA PRO A 1157 34.36 -5.27 -19.62
C PRO A 1157 33.22 -5.63 -20.54
N GLY A 1158 33.24 -5.14 -21.78
CA GLY A 1158 32.18 -5.46 -22.75
C GLY A 1158 30.83 -4.75 -22.58
N SER A 1159 30.79 -3.70 -21.74
CA SER A 1159 29.56 -2.95 -21.48
C SER A 1159 29.52 -1.60 -22.11
N GLU A 1160 30.48 -1.30 -22.99
CA GLU A 1160 30.66 0.04 -23.58
C GLU A 1160 29.32 0.54 -24.19
N LEU A 1161 28.49 -0.36 -24.76
CA LEU A 1161 27.24 0.06 -25.49
C LEU A 1161 25.95 0.09 -24.70
N TRP A 1162 26.02 -0.13 -23.42
CA TRP A 1162 24.85 -0.35 -22.62
C TRP A 1162 24.07 0.94 -22.47
N PRO A 1163 22.74 0.85 -22.39
CA PRO A 1163 21.93 2.04 -22.21
C PRO A 1163 21.89 2.48 -20.75
N ARG A 1164 21.12 3.54 -20.47
CA ARG A 1164 20.71 3.90 -19.11
C ARG A 1164 19.22 3.55 -18.92
N PHE A 1165 18.74 3.64 -17.69
CA PHE A 1165 17.35 3.26 -17.40
C PHE A 1165 16.71 4.41 -16.66
N VAL A 1166 15.59 4.93 -17.17
CA VAL A 1166 15.02 6.19 -16.66
C VAL A 1166 13.50 6.10 -16.64
N ARG A 1167 12.86 7.18 -16.17
CA ARG A 1167 11.44 7.24 -15.92
C ARG A 1167 10.68 6.65 -17.09
N ASN A 1168 9.70 5.81 -16.77
CA ASN A 1168 8.82 5.20 -17.74
C ASN A 1168 8.10 6.27 -18.51
N HIS A 1169 7.83 6.01 -19.77
CA HIS A 1169 7.16 6.93 -20.63
C HIS A 1169 5.77 7.32 -20.09
N SER A 1170 5.09 6.37 -19.44
CA SER A 1170 3.80 6.58 -18.80
C SER A 1170 3.88 7.58 -17.67
N ASP A 1171 5.10 7.80 -17.17
CA ASP A 1171 5.33 8.62 -15.97
C ASP A 1171 4.65 8.00 -14.71
N ARG A 1172 4.57 6.67 -14.68
CA ARG A 1172 3.89 5.96 -13.61
C ARG A 1172 4.62 4.61 -13.28
N PHE A 1173 4.64 4.25 -12.00
CA PHE A 1173 5.13 2.92 -11.60
C PHE A 1173 4.23 1.93 -12.33
N GLU A 1174 4.87 0.96 -13.00
CA GLU A 1174 4.14 -0.12 -13.68
C GLU A 1174 4.37 -1.48 -13.04
N ALA A 1175 3.31 -2.00 -12.43
CA ALA A 1175 3.30 -3.36 -11.87
C ALA A 1175 2.41 -4.16 -12.76
N ARG A 1176 3.06 -4.85 -13.70
CA ARG A 1176 2.36 -5.58 -14.78
C ARG A 1176 2.90 -6.99 -14.87
N PHE A 1177 2.15 -7.86 -15.53
CA PHE A 1177 2.57 -9.21 -15.86
C PHE A 1177 2.74 -9.16 -17.35
N SER A 1178 3.98 -9.00 -17.77
CA SER A 1178 4.27 -8.57 -19.14
C SER A 1178 4.86 -9.70 -19.96
N LEU A 1179 4.57 -9.66 -21.28
CA LEU A 1179 5.00 -10.75 -22.15
C LEU A 1179 6.31 -10.39 -22.71
N VAL A 1180 7.29 -11.29 -22.61
CA VAL A 1180 8.59 -11.00 -23.21
C VAL A 1180 9.02 -12.15 -24.07
N GLU A 1181 9.95 -11.87 -24.96
CA GLU A 1181 10.65 -12.93 -25.62
C GLU A 1181 12.16 -12.94 -25.35
N VAL A 1182 12.75 -14.12 -25.42
CA VAL A 1182 14.18 -14.25 -25.32
C VAL A 1182 14.89 -14.13 -26.69
N THR A 1183 15.81 -13.18 -26.77
CA THR A 1183 16.50 -12.93 -28.00
C THR A 1183 17.96 -13.46 -28.02
N GLN A 1184 18.52 -13.65 -29.24
CA GLN A 1184 19.89 -14.19 -29.40
C GLN A 1184 20.87 -13.20 -28.88
N SER A 1185 21.71 -13.64 -27.97
CA SER A 1185 22.78 -12.80 -27.44
C SER A 1185 23.83 -13.70 -26.81
N PRO A 1186 24.95 -13.12 -26.42
CA PRO A 1186 25.95 -13.96 -25.75
C PRO A 1186 25.54 -14.45 -24.37
N SER A 1187 24.41 -13.96 -23.82
CA SER A 1187 24.07 -14.20 -22.44
C SER A 1187 24.15 -15.66 -22.02
N LEU A 1188 25.12 -15.94 -21.14
CA LEU A 1188 25.26 -17.27 -20.59
C LEU A 1188 24.03 -17.65 -19.77
N LEU A 1189 23.42 -16.72 -19.06
CA LEU A 1189 22.27 -17.11 -18.25
C LEU A 1189 20.98 -17.44 -19.02
N LEU A 1190 20.95 -17.11 -20.32
CA LEU A 1190 19.76 -17.28 -21.14
C LEU A 1190 19.90 -18.44 -22.13
N GLN A 1191 21.03 -19.14 -22.05
CA GLN A 1191 21.32 -20.33 -22.84
C GLN A 1191 20.12 -21.27 -22.94
N GLY A 1192 19.81 -21.75 -24.16
CA GLY A 1192 18.79 -22.72 -24.39
C GLY A 1192 17.37 -22.16 -24.46
N MET A 1193 17.18 -20.90 -24.07
CA MET A 1193 15.88 -20.26 -24.00
C MET A 1193 15.53 -19.38 -25.19
N VAL A 1194 16.48 -19.14 -26.08
CA VAL A 1194 16.25 -18.19 -27.18
C VAL A 1194 15.06 -18.60 -28.06
N GLY A 1195 14.16 -17.66 -28.37
CA GLY A 1195 12.92 -17.96 -29.12
C GLY A 1195 11.76 -18.15 -28.19
N SER A 1196 12.01 -18.41 -26.91
CA SER A 1196 10.90 -18.58 -25.94
C SER A 1196 10.11 -17.28 -25.73
N GLN A 1197 8.80 -17.40 -25.60
CA GLN A 1197 7.95 -16.28 -25.23
C GLN A 1197 7.12 -16.66 -23.98
N MET A 1198 7.25 -15.88 -22.90
CA MET A 1198 6.61 -16.16 -21.61
C MET A 1198 6.34 -14.86 -20.88
N PRO A 1199 5.30 -14.83 -20.02
CA PRO A 1199 5.23 -13.62 -19.20
C PRO A 1199 6.18 -13.60 -18.00
N ILE A 1200 6.41 -12.41 -17.46
CA ILE A 1200 7.32 -12.21 -16.33
C ILE A 1200 6.88 -11.03 -15.48
N ALA A 1201 7.29 -11.05 -14.22
CA ALA A 1201 6.91 -9.96 -13.31
C ALA A 1201 7.65 -8.67 -13.62
N VAL A 1202 6.87 -7.60 -13.80
CA VAL A 1202 7.35 -6.25 -14.03
C VAL A 1202 6.88 -5.42 -12.82
N SER A 1203 7.82 -4.74 -12.20
CA SER A 1203 7.49 -3.84 -11.11
C SER A 1203 8.53 -2.73 -11.10
N HIS A 1204 8.26 -1.64 -11.82
CA HIS A 1204 9.19 -0.50 -11.85
C HIS A 1204 8.61 0.79 -12.39
N GLY A 1205 9.21 1.86 -11.92
CA GLY A 1205 8.91 3.20 -12.30
C GLY A 1205 9.99 3.77 -13.20
N GLU A 1206 11.22 3.24 -13.15
CA GLU A 1206 12.34 3.80 -13.95
C GLU A 1206 13.09 2.79 -14.79
N GLY A 1207 12.36 2.08 -15.65
CA GLY A 1207 12.98 1.04 -16.53
C GLY A 1207 13.02 1.39 -18.02
N ARG A 1208 12.69 2.63 -18.36
CA ARG A 1208 12.72 2.98 -19.78
C ARG A 1208 14.17 2.98 -20.17
N VAL A 1209 14.49 2.11 -21.12
CA VAL A 1209 15.82 2.12 -21.75
C VAL A 1209 16.00 3.46 -22.48
N GLU A 1210 17.09 4.17 -22.20
CA GLU A 1210 17.41 5.41 -22.90
C GLU A 1210 18.81 5.40 -23.50
N VAL A 1211 18.92 5.89 -24.71
CA VAL A 1211 20.21 5.96 -25.38
C VAL A 1211 20.61 7.39 -25.67
N ARG A 1212 21.88 7.59 -25.93
CA ARG A 1212 22.36 8.90 -26.27
C ARG A 1212 21.81 9.42 -27.62
N ASP A 1213 21.65 8.56 -28.61
CA ASP A 1213 21.14 8.96 -29.95
C ASP A 1213 20.87 7.71 -30.74
N ASP A 1214 20.44 7.81 -31.99
CA ASP A 1214 20.20 6.57 -32.74
C ASP A 1214 21.47 5.71 -32.93
N ALA A 1215 22.63 6.36 -32.96
CA ALA A 1215 23.91 5.66 -33.19
C ALA A 1215 24.22 4.62 -32.10
N HIS A 1216 23.97 5.03 -30.85
CA HIS A 1216 24.07 4.17 -29.69
C HIS A 1216 23.12 2.98 -29.80
N LEU A 1217 21.90 3.23 -30.24
CA LEU A 1217 20.88 2.22 -30.25
C LEU A 1217 21.20 1.23 -31.34
N ALA A 1218 21.51 1.74 -32.54
CA ALA A 1218 21.97 0.91 -33.67
C ALA A 1218 23.19 0.08 -33.26
N ALA A 1219 24.18 0.73 -32.64
CA ALA A 1219 25.40 0.06 -32.23
C ALA A 1219 25.10 -1.07 -31.24
N LEU A 1220 24.32 -0.74 -30.21
CA LEU A 1220 23.88 -1.77 -29.26
C LEU A 1220 23.27 -2.96 -30.01
N GLU A 1221 22.33 -2.66 -30.90
CA GLU A 1221 21.56 -3.68 -31.60
C GLU A 1221 22.45 -4.55 -32.48
N SER A 1222 23.31 -3.95 -33.29
CA SER A 1222 24.19 -4.67 -34.15
C SER A 1222 25.26 -5.46 -33.46
N LYS A 1223 25.70 -5.01 -32.29
CA LYS A 1223 26.55 -5.87 -31.44
C LYS A 1223 25.84 -7.18 -30.91
N GLY A 1224 24.53 -7.27 -31.01
CA GLY A 1224 23.80 -8.48 -30.59
C GLY A 1224 23.64 -8.64 -29.07
N LEU A 1225 23.71 -7.51 -28.31
CA LEU A 1225 23.67 -7.53 -26.86
C LEU A 1225 22.26 -7.53 -26.25
N VAL A 1226 21.21 -7.28 -27.04
CA VAL A 1226 19.86 -7.28 -26.47
C VAL A 1226 19.38 -8.69 -26.20
N ALA A 1227 18.95 -8.95 -24.96
CA ALA A 1227 18.66 -10.34 -24.52
C ALA A 1227 17.17 -10.65 -24.26
N LEU A 1228 16.40 -9.62 -23.88
CA LEU A 1228 14.94 -9.74 -23.75
C LEU A 1228 14.23 -8.55 -24.38
N ARG A 1229 13.09 -8.82 -25.01
CA ARG A 1229 12.22 -7.77 -25.49
C ARG A 1229 10.75 -8.04 -25.13
N TYR A 1230 10.03 -6.94 -24.84
CA TYR A 1230 8.58 -6.96 -24.69
C TYR A 1230 7.94 -7.21 -26.04
N VAL A 1231 6.92 -8.08 -26.05
CA VAL A 1231 6.14 -8.30 -27.24
C VAL A 1231 4.71 -8.17 -26.86
N ASP A 1232 3.86 -7.91 -27.87
CA ASP A 1232 2.45 -7.86 -27.58
C ASP A 1232 1.95 -9.28 -27.59
N ASN A 1233 0.70 -9.45 -27.26
CA ASN A 1233 0.15 -10.77 -27.25
C ASN A 1233 0.11 -11.45 -28.62
N PHE A 1234 0.13 -10.67 -29.70
CA PHE A 1234 0.27 -11.20 -31.11
C PHE A 1234 1.71 -11.65 -31.39
N GLY A 1235 2.60 -11.38 -30.45
CA GLY A 1235 3.95 -11.93 -30.50
C GLY A 1235 4.87 -10.99 -31.20
N LYS A 1236 4.48 -9.79 -31.55
CA LYS A 1236 5.49 -8.85 -32.12
C LYS A 1236 6.14 -7.84 -31.13
N VAL A 1237 7.43 -7.59 -31.36
CA VAL A 1237 8.16 -6.59 -30.64
C VAL A 1237 7.35 -5.30 -30.69
N THR A 1238 7.15 -4.66 -29.53
CA THR A 1238 6.30 -3.47 -29.48
C THR A 1238 6.81 -2.35 -28.55
N GLU A 1239 6.43 -1.13 -28.90
CA GLU A 1239 6.63 0.00 -28.00
C GLU A 1239 5.28 0.54 -27.55
N THR A 1240 4.20 -0.17 -27.81
CA THR A 1240 2.88 0.23 -27.39
C THR A 1240 2.68 -0.27 -25.96
N TYR A 1241 1.95 0.52 -25.21
CA TYR A 1241 1.73 0.35 -23.77
C TYR A 1241 0.34 -0.24 -23.51
N PRO A 1242 0.22 -1.14 -22.52
CA PRO A 1242 1.24 -1.61 -21.58
C PRO A 1242 2.03 -2.85 -21.97
N ALA A 1243 1.67 -3.52 -23.05
CA ALA A 1243 2.41 -4.67 -23.56
C ALA A 1243 3.90 -4.45 -23.31
N ASN A 1244 4.31 -3.23 -23.65
CA ASN A 1244 5.59 -2.66 -23.27
C ASN A 1244 5.27 -1.63 -22.20
N PRO A 1245 5.57 -1.97 -20.93
CA PRO A 1245 5.11 -1.14 -19.81
C PRO A 1245 5.83 0.22 -19.64
N ASN A 1246 7.05 0.32 -20.17
CA ASN A 1246 7.90 1.46 -19.89
C ASN A 1246 8.36 2.33 -21.09
N GLY A 1247 8.18 1.87 -22.32
CA GLY A 1247 8.45 2.72 -23.49
C GLY A 1247 9.83 2.51 -24.01
N SER A 1248 10.49 1.44 -23.59
CA SER A 1248 11.86 1.18 -24.06
C SER A 1248 11.86 0.94 -25.58
N PRO A 1249 12.77 1.62 -26.30
CA PRO A 1249 12.98 1.36 -27.75
C PRO A 1249 13.16 -0.12 -28.09
N ASN A 1250 12.52 -0.56 -29.19
CA ASN A 1250 12.67 -1.95 -29.67
C ASN A 1250 12.32 -2.95 -28.61
N GLY A 1251 11.57 -2.52 -27.61
CA GLY A 1251 11.09 -3.42 -26.57
C GLY A 1251 12.18 -3.91 -25.63
N ILE A 1252 13.34 -3.27 -25.67
CA ILE A 1252 14.50 -3.73 -24.91
C ILE A 1252 14.27 -3.70 -23.39
N THR A 1253 14.40 -4.85 -22.72
CA THR A 1253 14.52 -4.91 -21.24
C THR A 1253 15.63 -5.77 -20.60
N ALA A 1254 16.46 -6.41 -21.41
CA ALA A 1254 17.68 -6.98 -20.90
C ALA A 1254 18.80 -6.79 -21.89
N VAL A 1255 20.00 -6.65 -21.37
CA VAL A 1255 21.18 -6.61 -22.19
C VAL A 1255 22.28 -7.38 -21.53
N THR A 1256 23.23 -7.78 -22.35
CA THR A 1256 24.36 -8.54 -21.90
C THR A 1256 25.68 -7.92 -22.36
N THR A 1257 26.80 -8.43 -21.87
CA THR A 1257 28.13 -7.91 -22.25
C THR A 1257 28.64 -8.67 -23.45
N GLU A 1258 29.73 -8.21 -24.06
CA GLU A 1258 30.26 -8.92 -25.26
C GLU A 1258 30.51 -10.43 -25.02
N ASN A 1259 31.00 -10.77 -23.83
CA ASN A 1259 31.32 -12.18 -23.49
C ASN A 1259 30.21 -12.97 -22.78
N GLY A 1260 29.04 -12.34 -22.61
CA GLY A 1260 27.90 -13.00 -21.98
C GLY A 1260 27.95 -13.23 -20.47
N ARG A 1261 29.03 -12.89 -19.81
CA ARG A 1261 29.18 -13.29 -18.41
C ARG A 1261 28.44 -12.39 -17.41
N VAL A 1262 28.04 -11.22 -17.86
CA VAL A 1262 27.16 -10.33 -17.11
C VAL A 1262 25.87 -10.03 -17.87
N THR A 1263 24.75 -10.10 -17.18
CA THR A 1263 23.45 -9.80 -17.77
C THR A 1263 22.60 -8.99 -16.78
N ILE A 1264 21.99 -7.92 -17.28
CA ILE A 1264 21.09 -7.09 -16.51
C ILE A 1264 19.73 -7.07 -17.16
N MET A 1265 18.69 -7.07 -16.34
CA MET A 1265 17.34 -7.07 -16.84
C MET A 1265 16.45 -6.33 -15.89
N MET A 1266 15.42 -5.67 -16.40
CA MET A 1266 14.48 -4.94 -15.54
C MET A 1266 13.36 -5.77 -14.89
N PRO A 1267 12.74 -6.68 -15.62
CA PRO A 1267 11.79 -7.59 -15.02
C PRO A 1267 12.38 -8.53 -13.97
N HIS A 1268 11.53 -9.14 -13.14
CA HIS A 1268 11.94 -10.02 -12.00
C HIS A 1268 11.71 -11.52 -12.23
N PRO A 1269 12.70 -12.28 -12.73
CA PRO A 1269 12.44 -13.73 -12.86
C PRO A 1269 12.40 -14.42 -11.50
N GLU A 1270 13.07 -13.81 -10.51
CA GLU A 1270 13.13 -14.38 -9.19
C GLU A 1270 11.77 -14.29 -8.49
N ARG A 1271 10.88 -13.43 -8.97
CA ARG A 1271 9.50 -13.38 -8.38
C ARG A 1271 8.55 -14.47 -8.93
N VAL A 1272 8.93 -15.06 -10.06
CA VAL A 1272 8.04 -15.94 -10.76
C VAL A 1272 8.69 -17.30 -11.12
N PHE A 1273 9.74 -17.70 -10.41
CA PHE A 1273 10.40 -19.00 -10.64
C PHE A 1273 9.54 -20.15 -10.18
N ARG A 1274 8.59 -19.88 -9.29
CA ARG A 1274 7.55 -20.85 -9.01
C ARG A 1274 6.31 -20.65 -9.87
N THR A 1275 5.84 -21.73 -10.48
CA THR A 1275 4.57 -21.66 -11.21
C THR A 1275 3.41 -21.01 -10.40
N VAL A 1276 3.20 -21.45 -9.17
CA VAL A 1276 2.13 -20.83 -8.35
C VAL A 1276 2.23 -19.30 -8.15
N ALA A 1277 3.40 -18.71 -8.37
CA ALA A 1277 3.56 -17.25 -8.28
C ALA A 1277 3.45 -16.51 -9.64
N ASN A 1278 2.98 -17.21 -10.67
CA ASN A 1278 2.61 -16.58 -11.94
C ASN A 1278 1.05 -16.27 -11.92
N SER A 1279 0.71 -14.98 -12.10
CA SER A 1279 -0.67 -14.50 -12.11
C SER A 1279 -1.55 -15.28 -13.11
N TRP A 1280 -1.01 -15.50 -14.32
CA TRP A 1280 -1.62 -16.41 -15.28
C TRP A 1280 -0.51 -17.37 -15.76
N HIS A 1281 -0.87 -18.64 -15.95
CA HIS A 1281 0.07 -19.64 -16.48
C HIS A 1281 -0.71 -20.77 -17.12
N PRO A 1282 -0.17 -21.44 -18.15
CA PRO A 1282 -0.83 -22.62 -18.72
C PRO A 1282 -1.13 -23.64 -17.62
N GLU A 1283 -2.22 -24.41 -17.77
CA GLU A 1283 -2.60 -25.44 -16.79
C GLU A 1283 -1.55 -26.58 -16.66
N ASN A 1284 -0.85 -26.93 -17.73
CA ASN A 1284 0.07 -28.08 -17.66
C ASN A 1284 1.40 -27.86 -16.93
N TRP A 1285 1.80 -26.62 -16.63
CA TRP A 1285 3.09 -26.43 -16.02
C TRP A 1285 3.09 -27.06 -14.65
N GLY A 1286 4.25 -27.54 -14.22
CA GLY A 1286 4.46 -28.06 -12.88
C GLY A 1286 5.06 -27.02 -11.95
N GLU A 1287 5.78 -27.48 -10.91
CA GLU A 1287 6.31 -26.59 -9.85
C GLU A 1287 7.15 -25.43 -10.41
N ASP A 1288 7.96 -25.69 -11.44
CA ASP A 1288 8.92 -24.73 -11.96
C ASP A 1288 8.36 -23.97 -13.16
N SER A 1289 8.59 -22.65 -13.22
CA SER A 1289 8.25 -21.90 -14.42
C SER A 1289 9.47 -21.91 -15.36
N PRO A 1290 9.32 -21.38 -16.59
CA PRO A 1290 10.44 -21.22 -17.50
C PRO A 1290 11.61 -20.44 -16.89
N TRP A 1291 11.33 -19.48 -16.00
CA TRP A 1291 12.41 -18.62 -15.49
C TRP A 1291 13.37 -19.29 -14.55
N MET A 1292 13.07 -20.52 -14.14
CA MET A 1292 13.95 -21.29 -13.25
C MET A 1292 15.22 -21.61 -14.01
N ARG A 1293 15.11 -21.75 -15.33
CA ARG A 1293 16.27 -22.08 -16.16
C ARG A 1293 17.40 -21.06 -16.10
N ILE A 1294 17.10 -19.80 -15.80
CA ILE A 1294 18.17 -18.81 -15.65
C ILE A 1294 19.15 -19.22 -14.57
N PHE A 1295 18.61 -19.51 -13.40
CA PHE A 1295 19.41 -19.85 -12.26
C PHE A 1295 20.11 -21.13 -12.46
N ARG A 1296 19.46 -22.10 -13.10
CA ARG A 1296 20.12 -23.39 -13.39
C ARG A 1296 21.23 -23.27 -14.45
N ASN A 1297 21.03 -22.34 -15.41
CA ASN A 1297 22.07 -22.03 -16.38
C ASN A 1297 23.34 -21.53 -15.64
N ALA A 1298 23.16 -20.67 -14.63
CA ALA A 1298 24.30 -20.18 -13.84
C ALA A 1298 25.07 -21.32 -13.18
N ARG A 1299 24.33 -22.27 -12.65
CA ARG A 1299 24.89 -23.39 -11.93
C ARG A 1299 25.66 -24.23 -12.87
N LYS A 1300 25.05 -24.57 -14.00
CA LYS A 1300 25.75 -25.45 -14.95
C LYS A 1300 27.00 -24.79 -15.55
N GLN A 1301 26.90 -23.49 -15.72
CA GLN A 1301 27.94 -22.73 -16.36
C GLN A 1301 29.19 -22.63 -15.46
N LEU A 1302 28.98 -22.55 -14.14
CA LEU A 1302 30.07 -22.63 -13.20
C LEU A 1302 30.65 -24.03 -13.16
N GLY A 1303 29.80 -25.03 -13.38
CA GLY A 1303 30.28 -26.36 -13.59
C GLY A 1303 30.80 -26.95 -12.31
PB ADP B . -15.58 -6.75 -5.41
O1B ADP B . -15.78 -6.42 -3.88
O2B ADP B . -15.26 -8.21 -5.72
O3B ADP B . -16.79 -6.16 -6.21
PA ADP B . -14.24 -4.59 -6.58
O1A ADP B . -14.33 -3.47 -5.54
O2A ADP B . -15.13 -4.58 -7.79
O3A ADP B . -14.21 -6.04 -5.87
O5' ADP B . -12.68 -4.63 -7.04
C5' ADP B . -12.24 -5.25 -8.26
C4' ADP B . -10.77 -5.62 -8.11
O4' ADP B . -10.03 -4.40 -7.94
C3' ADP B . -10.55 -6.47 -6.86
O3' ADP B . -9.58 -7.48 -7.18
C2' ADP B . -10.05 -5.52 -5.82
O2' ADP B . -9.19 -6.13 -4.82
C1' ADP B . -9.34 -4.48 -6.67
N9 ADP B . -9.37 -3.18 -5.99
C8 ADP B . -10.47 -2.46 -5.73
N7 ADP B . -10.17 -1.33 -5.06
C5 ADP B . -8.87 -1.38 -4.88
C6 ADP B . -7.96 -0.48 -4.24
N6 ADP B . -8.45 0.63 -3.69
N1 ADP B . -6.65 -0.83 -4.29
C2 ADP B . -6.23 -1.99 -4.87
N3 ADP B . -7.03 -2.89 -5.44
C4 ADP B . -8.34 -2.59 -5.48
MG MG C . -16.64 -9.77 -5.13
MG MG D . -16.94 -5.15 -2.31
MG MG E . -16.94 -5.63 -8.14
MG MG F . -10.03 -26.72 16.09
MN MN G . -37.01 -15.79 3.70
S SO4 H . -2.47 5.57 15.34
O1 SO4 H . -3.65 4.99 15.99
O2 SO4 H . -1.95 4.71 14.24
O3 SO4 H . -2.78 6.93 14.76
O4 SO4 H . -1.39 5.71 16.33
S SO4 I . -8.82 8.73 11.29
O1 SO4 I . -8.85 10.06 10.62
O2 SO4 I . -8.80 7.54 10.35
O3 SO4 I . -7.62 8.74 12.14
O4 SO4 I . -10.04 8.59 12.13
S SO4 J . 20.05 -21.05 -27.61
O1 SO4 J . 20.12 -20.26 -28.89
O2 SO4 J . 20.34 -22.45 -27.95
O3 SO4 J . 21.07 -20.57 -26.65
O4 SO4 J . 18.68 -21.09 -27.02
S SO4 K . 32.77 -21.45 -4.50
O1 SO4 K . 31.93 -20.81 -3.46
O2 SO4 K . 33.72 -22.17 -3.69
O3 SO4 K . 32.16 -22.44 -5.39
O4 SO4 K . 33.45 -20.48 -5.40
S SO4 L . 38.52 -16.86 -11.78
O1 SO4 L . 37.94 -16.40 -13.04
O2 SO4 L . 39.17 -18.13 -12.04
O3 SO4 L . 39.50 -15.88 -11.30
O4 SO4 L . 37.52 -17.10 -10.79
S SO4 M . 38.09 3.16 3.16
O1 SO4 M . 38.23 4.48 2.49
O2 SO4 M . 39.01 2.16 2.52
O3 SO4 M . 38.41 3.37 4.59
O4 SO4 M . 36.68 2.65 3.09
S SO4 N . -41.47 -10.94 -9.17
O1 SO4 N . -41.38 -11.72 -7.91
O2 SO4 N . -42.28 -9.70 -8.98
O3 SO4 N . -40.10 -10.51 -9.61
O4 SO4 N . -42.15 -11.94 -10.11
S SO4 O . 6.16 8.31 -8.05
O1 SO4 O . 6.99 9.28 -7.36
O2 SO4 O . 5.24 9.00 -8.96
O3 SO4 O . 6.88 7.33 -8.84
O4 SO4 O . 5.32 7.66 -7.02
S SO4 P . 5.86 13.34 -24.08
O1 SO4 P . 5.11 12.12 -24.55
O2 SO4 P . 6.89 13.64 -25.12
O3 SO4 P . 4.93 14.47 -23.93
O4 SO4 P . 6.54 13.21 -22.77
S SO4 Q . -36.96 -2.24 -20.71
O1 SO4 Q . -35.65 -2.44 -21.37
O2 SO4 Q . -37.48 -0.91 -21.10
O3 SO4 Q . -37.89 -3.28 -21.16
O4 SO4 Q . -36.80 -2.36 -19.25
S SO4 R . 26.03 7.93 -20.66
O1 SO4 R . 24.74 8.27 -20.01
O2 SO4 R . 27.12 8.78 -20.17
O3 SO4 R . 26.32 6.58 -20.29
O4 SO4 R . 25.85 8.04 -22.14
S SO4 S . 13.79 2.12 40.43
O1 SO4 S . 12.38 2.53 40.66
O2 SO4 S . 14.72 3.25 40.64
O3 SO4 S . 14.07 0.98 41.31
O4 SO4 S . 14.06 1.44 39.13
S SO4 T . 8.48 -8.84 -35.01
O1 SO4 T . 8.53 -8.80 -33.55
O2 SO4 T . 7.80 -10.10 -35.52
O3 SO4 T . 7.73 -7.63 -35.34
O4 SO4 T . 9.78 -8.82 -35.68
C ACT U . 13.65 10.02 17.24
O ACT U . 14.06 10.80 16.36
OXT ACT U . 12.45 10.15 17.62
CH3 ACT U . 14.66 9.00 17.80
C ACT V . 16.58 -10.52 -32.20
O ACT V . 15.47 -9.97 -32.28
OXT ACT V . 17.53 -9.77 -32.16
CH3 ACT V . 16.74 -12.03 -32.12
C ACT W . -5.50 -4.05 -18.63
O ACT W . -5.18 -3.47 -19.75
OXT ACT W . -4.88 -5.12 -18.30
CH3 ACT W . -6.57 -3.49 -17.64
C ACT X . 17.19 27.38 -26.20
O ACT X . 17.73 28.27 -26.80
OXT ACT X . 17.94 26.50 -25.79
CH3 ACT X . 15.71 27.44 -26.00
XE XE Y . 24.98 -14.98 -11.59
XE XE Z . -2.98 -12.67 1.22
XE XE AA . -1.22 14.69 33.84
XE XE BA . -20.13 -32.67 -6.83
#